data_5UDR
#
_entry.id   5UDR
#
_cell.length_a   108.095
_cell.length_b   108.095
_cell.length_c   324.964
_cell.angle_alpha   90.000
_cell.angle_beta   90.000
_cell.angle_gamma   90.000
#
_symmetry.space_group_name_H-M   'P 41 2 2'
#
loop_
_entity.id
_entity.type
_entity.pdbx_description
1 polymer 'ATP-utilizing enzyme of the PP-loopsuperfamily'
2 non-polymer 'BETA-NICOTINAMIDE RIBOSE MONOPHOSPHATE'
3 non-polymer 'MANGANESE (II) ION'
4 water water
#
_entity_poly.entity_id   1
_entity_poly.type   'polypeptide(L)'
_entity_poly.pdbx_seq_one_letter_code
;MATLATKKATLVAALKDLQRVTVAFSGGIDSTLVLKMALDVLGRDNVTAVVANSELFTDEEFDKAMSLAEELGANVQGTT
LDYLSDDHIKNNTPDSWYYAKKMFYSRLNDIAANNGSAAVLDGMIKNDENDYRPGLKARSEAGARSLLQEADFFKTDVRA
LAQELGLTNWNKVASCSVSSRFPYGTTLTHDNIAQVMAAEKYLRSLGFPTVRVRFHNDIARIELPEARIGDFLVFNDRVN
RQLQSLGFRYVTLDLGGFRSGRMNDTLTKAQLATFAASWSHPQFEK
;
_entity_poly.pdbx_strand_id   A,B,C,D,E,F
#
loop_
_chem_comp.id
_chem_comp.type
_chem_comp.name
_chem_comp.formula
MN non-polymer 'MANGANESE (II) ION' 'Mn 2'
NMN non-polymer 'BETA-NICOTINAMIDE RIBOSE MONOPHOSPHATE' 'C11 H16 N2 O8 P 1'
#
# COMPACT_ATOMS: atom_id res chain seq x y z
N ALA A 2 -13.26 -47.69 -11.91
CA ALA A 2 -14.71 -47.70 -12.02
C ALA A 2 -15.21 -46.45 -12.73
N THR A 3 -16.44 -46.50 -13.21
CA THR A 3 -17.09 -45.36 -13.83
C THR A 3 -17.99 -44.65 -12.84
N LEU A 4 -18.45 -43.46 -13.23
CA LEU A 4 -19.44 -42.75 -12.42
C LEU A 4 -20.74 -43.53 -12.33
N ALA A 5 -21.10 -44.25 -13.40
CA ALA A 5 -22.36 -44.99 -13.41
C ALA A 5 -22.35 -46.12 -12.39
N THR A 6 -21.21 -46.80 -12.23
CA THR A 6 -21.12 -47.84 -11.21
C THR A 6 -20.87 -47.25 -9.82
N LYS A 7 -20.18 -46.11 -9.74
CA LYS A 7 -20.07 -45.42 -8.46
C LYS A 7 -21.43 -44.94 -7.97
N LYS A 8 -22.33 -44.57 -8.91
CA LYS A 8 -23.69 -44.22 -8.55
C LYS A 8 -24.53 -45.44 -8.22
N ALA A 9 -24.29 -46.55 -8.91
CA ALA A 9 -24.91 -47.84 -8.61
C ALA A 9 -24.69 -48.21 -7.14
N THR A 10 -23.45 -48.34 -6.75
CA THR A 10 -23.11 -48.80 -5.46
C THR A 10 -23.82 -47.99 -4.43
N LEU A 11 -24.08 -46.75 -4.74
CA LEU A 11 -24.62 -45.82 -3.75
C LEU A 11 -26.12 -45.99 -3.61
N VAL A 12 -26.83 -46.19 -4.73
CA VAL A 12 -28.25 -46.52 -4.68
C VAL A 12 -28.45 -47.86 -3.96
N ALA A 13 -27.51 -48.80 -4.13
CA ALA A 13 -27.63 -50.09 -3.46
C ALA A 13 -27.55 -49.95 -1.95
N ALA A 14 -26.62 -49.13 -1.45
CA ALA A 14 -26.50 -48.94 -0.01
C ALA A 14 -27.75 -48.26 0.55
N LEU A 15 -28.30 -47.29 -0.17
CA LEU A 15 -29.51 -46.63 0.30
C LEU A 15 -30.71 -47.57 0.27
N LYS A 16 -30.88 -48.31 -0.83
CA LYS A 16 -31.98 -49.27 -0.92
C LYS A 16 -31.89 -50.30 0.21
N ASP A 17 -30.68 -50.73 0.55
CA ASP A 17 -30.50 -51.69 1.63
C ASP A 17 -30.75 -51.05 3.00
N LEU A 18 -30.44 -49.76 3.15
CA LEU A 18 -30.62 -49.10 4.45
C LEU A 18 -32.09 -48.80 4.73
N GLN A 19 -32.88 -48.54 3.69
CA GLN A 19 -34.33 -48.32 3.78
C GLN A 19 -34.71 -46.98 4.39
N ARG A 20 -34.21 -46.68 5.59
CA ARG A 20 -34.51 -45.44 6.27
C ARG A 20 -33.23 -44.88 6.87
N VAL A 21 -32.99 -43.58 6.69
CA VAL A 21 -31.69 -42.99 7.01
C VAL A 21 -31.87 -41.63 7.67
N THR A 22 -30.92 -41.29 8.53
CA THR A 22 -30.76 -39.94 9.06
C THR A 22 -29.46 -39.38 8.50
N VAL A 23 -29.53 -38.18 7.91
CA VAL A 23 -28.41 -37.61 7.17
C VAL A 23 -27.92 -36.37 7.90
N ALA A 24 -26.64 -36.36 8.25
CA ALA A 24 -25.98 -35.17 8.75
C ALA A 24 -25.78 -34.19 7.59
N PHE A 25 -26.49 -33.07 7.63
CA PHE A 25 -26.54 -32.14 6.51
C PHE A 25 -25.79 -30.86 6.86
N SER A 26 -24.69 -30.60 6.13
CA SER A 26 -23.89 -29.39 6.31
C SER A 26 -24.27 -28.26 5.36
N GLY A 27 -24.90 -28.59 4.23
CA GLY A 27 -25.20 -27.62 3.21
C GLY A 27 -24.17 -27.57 2.09
N GLY A 28 -23.04 -28.27 2.24
CA GLY A 28 -22.07 -28.35 1.19
C GLY A 28 -22.51 -29.29 0.09
N ILE A 29 -21.72 -29.34 -0.98
CA ILE A 29 -22.05 -30.17 -2.14
C ILE A 29 -22.17 -31.64 -1.75
N ASP A 30 -21.31 -32.11 -0.84
CA ASP A 30 -21.29 -33.53 -0.49
C ASP A 30 -22.57 -33.94 0.23
N SER A 31 -22.93 -33.22 1.29
CA SER A 31 -24.17 -33.54 2.00
C SER A 31 -25.38 -33.25 1.14
N THR A 32 -25.31 -32.25 0.27
CA THR A 32 -26.41 -31.99 -0.65
C THR A 32 -26.63 -33.18 -1.58
N LEU A 33 -25.53 -33.76 -2.09
CA LEU A 33 -25.67 -34.90 -2.99
C LEU A 33 -26.18 -36.12 -2.23
N VAL A 34 -25.67 -36.35 -1.01
CA VAL A 34 -26.12 -37.48 -0.21
C VAL A 34 -27.60 -37.32 0.15
N LEU A 35 -27.98 -36.12 0.59
CA LEU A 35 -29.38 -35.88 0.95
C LEU A 35 -30.29 -36.02 -0.25
N LYS A 36 -29.84 -35.55 -1.42
CA LYS A 36 -30.67 -35.62 -2.61
C LYS A 36 -30.79 -37.06 -3.12
N MET A 37 -29.71 -37.83 -3.04
CA MET A 37 -29.77 -39.23 -3.45
C MET A 37 -30.59 -40.06 -2.48
N ALA A 38 -30.47 -39.79 -1.17
CA ALA A 38 -31.29 -40.50 -0.20
C ALA A 38 -32.77 -40.22 -0.41
N LEU A 39 -33.11 -38.95 -0.68
CA LEU A 39 -34.49 -38.60 -0.99
C LEU A 39 -34.95 -39.30 -2.26
N ASP A 40 -34.10 -39.32 -3.29
CA ASP A 40 -34.48 -39.91 -4.57
C ASP A 40 -34.69 -41.42 -4.45
N VAL A 41 -33.82 -42.10 -3.69
CA VAL A 41 -33.87 -43.55 -3.65
C VAL A 41 -34.90 -44.04 -2.63
N LEU A 42 -35.05 -43.33 -1.50
CA LEU A 42 -35.89 -43.81 -0.41
C LEU A 42 -37.19 -43.05 -0.21
N GLY A 43 -37.32 -41.86 -0.78
CA GLY A 43 -38.52 -41.07 -0.59
C GLY A 43 -38.46 -40.20 0.65
N ARG A 44 -39.31 -39.15 0.64
CA ARG A 44 -39.28 -38.14 1.68
C ARG A 44 -39.57 -38.74 3.06
N ASP A 45 -40.45 -39.74 3.11
CA ASP A 45 -40.89 -40.27 4.40
C ASP A 45 -39.85 -41.16 5.07
N ASN A 46 -38.75 -41.50 4.40
CA ASN A 46 -37.75 -42.39 4.96
C ASN A 46 -36.40 -41.70 5.18
N VAL A 47 -36.35 -40.38 5.06
CA VAL A 47 -35.13 -39.61 5.28
C VAL A 47 -35.44 -38.44 6.20
N THR A 48 -34.57 -38.21 7.18
CA THR A 48 -34.65 -37.05 8.05
C THR A 48 -33.31 -36.33 8.00
N ALA A 49 -33.32 -35.05 7.65
CA ALA A 49 -32.10 -34.25 7.55
C ALA A 49 -31.86 -33.51 8.85
N VAL A 50 -30.67 -33.65 9.42
CA VAL A 50 -30.31 -33.03 10.69
C VAL A 50 -29.24 -31.97 10.46
N VAL A 51 -29.52 -30.75 10.89
CA VAL A 51 -28.54 -29.65 10.89
C VAL A 51 -28.28 -29.24 12.34
N ALA A 52 -27.00 -29.13 12.71
CA ALA A 52 -26.57 -28.82 14.07
C ALA A 52 -26.44 -27.31 14.29
N ASN A 53 -26.97 -26.84 15.42
CA ASN A 53 -26.81 -25.47 15.89
C ASN A 53 -26.02 -25.46 17.20
N SER A 54 -25.04 -24.58 17.31
CA SER A 54 -24.15 -24.45 18.45
C SER A 54 -23.57 -23.08 18.61
N GLU A 55 -22.91 -22.84 19.72
CA GLU A 55 -22.23 -21.58 19.91
C GLU A 55 -20.94 -21.46 19.10
N LEU A 56 -20.41 -22.57 18.59
CA LEU A 56 -19.15 -22.52 17.87
C LEU A 56 -19.34 -22.34 16.38
N PHE A 57 -20.58 -22.24 15.91
CA PHE A 57 -20.87 -21.94 14.53
C PHE A 57 -21.88 -20.81 14.48
N THR A 58 -21.83 -20.04 13.40
CA THR A 58 -22.66 -18.85 13.27
C THR A 58 -24.13 -19.24 13.09
N ASP A 59 -25.01 -18.39 13.63
CA ASP A 59 -26.43 -18.52 13.35
C ASP A 59 -26.72 -18.44 11.86
N GLU A 60 -25.95 -17.65 11.11
CA GLU A 60 -26.20 -17.49 9.68
C GLU A 60 -26.00 -18.80 8.93
N GLU A 61 -24.93 -19.54 9.24
CA GLU A 61 -24.72 -20.83 8.60
C GLU A 61 -25.81 -21.82 8.97
N PHE A 62 -26.30 -21.77 10.21
CA PHE A 62 -27.38 -22.65 10.61
C PHE A 62 -28.65 -22.35 9.81
N ASP A 63 -29.01 -21.06 9.71
CA ASP A 63 -30.19 -20.69 8.95
C ASP A 63 -30.06 -21.10 7.49
N LYS A 64 -28.88 -20.89 6.91
CA LYS A 64 -28.65 -21.26 5.51
C LYS A 64 -28.78 -22.77 5.33
N ALA A 65 -28.21 -23.55 6.25
CA ALA A 65 -28.27 -25.00 6.13
C ALA A 65 -29.70 -25.50 6.23
N MET A 66 -30.50 -24.92 7.12
CA MET A 66 -31.90 -25.30 7.22
C MET A 66 -32.66 -25.00 5.93
N SER A 67 -32.40 -23.84 5.32
CA SER A 67 -33.13 -23.49 4.11
C SER A 67 -32.69 -24.34 2.93
N LEU A 68 -31.42 -24.75 2.89
CA LEU A 68 -30.96 -25.60 1.79
C LEU A 68 -31.60 -27.00 1.88
N ALA A 69 -31.68 -27.55 3.09
CA ALA A 69 -32.30 -28.87 3.26
C ALA A 69 -33.80 -28.84 3.00
N GLU A 70 -34.48 -27.78 3.43
CA GLU A 70 -35.89 -27.64 3.08
C GLU A 70 -36.06 -27.53 1.58
N GLU A 71 -35.12 -26.89 0.91
CA GLU A 71 -35.23 -26.76 -0.53
C GLU A 71 -35.24 -28.10 -1.17
N LEU A 72 -34.38 -28.98 -0.76
CA LEU A 72 -34.39 -30.27 -1.42
C LEU A 72 -35.68 -31.06 -1.17
N GLY A 73 -36.58 -30.53 -0.35
CA GLY A 73 -37.82 -31.22 -0.10
C GLY A 73 -37.73 -32.27 0.99
N ALA A 74 -36.74 -32.18 1.85
CA ALA A 74 -36.53 -33.16 2.91
C ALA A 74 -37.19 -32.69 4.20
N ASN A 75 -37.62 -33.65 5.01
CA ASN A 75 -38.00 -33.36 6.39
C ASN A 75 -36.73 -33.04 7.18
N VAL A 76 -36.67 -31.84 7.74
CA VAL A 76 -35.46 -31.32 8.36
C VAL A 76 -35.70 -31.13 9.85
N GLN A 77 -34.66 -31.40 10.65
CA GLN A 77 -34.74 -31.26 12.09
C GLN A 77 -33.48 -30.57 12.59
N GLY A 78 -33.68 -29.43 13.25
CA GLY A 78 -32.57 -28.79 13.95
C GLY A 78 -32.40 -29.41 15.32
N THR A 79 -31.14 -29.52 15.75
CA THR A 79 -30.83 -29.98 17.09
C THR A 79 -29.75 -29.07 17.66
N THR A 80 -29.84 -28.78 18.95
CA THR A 80 -28.92 -27.85 19.59
C THR A 80 -27.92 -28.60 20.45
N LEU A 81 -26.65 -28.28 20.27
CA LEU A 81 -25.55 -28.88 21.01
C LEU A 81 -24.90 -27.82 21.89
N ASP A 82 -24.66 -28.18 23.14
CA ASP A 82 -23.92 -27.32 24.07
C ASP A 82 -22.51 -27.90 24.16
N TYR A 83 -21.68 -27.53 23.18
CA TYR A 83 -20.32 -28.04 23.13
C TYR A 83 -19.50 -27.62 24.34
N LEU A 84 -19.79 -26.44 24.90
CA LEU A 84 -19.02 -25.89 26.01
C LEU A 84 -19.19 -26.67 27.30
N SER A 85 -20.14 -27.62 27.38
CA SER A 85 -20.26 -28.45 28.56
C SER A 85 -19.17 -29.50 28.64
N ASP A 86 -18.50 -29.79 27.54
CA ASP A 86 -17.38 -30.72 27.53
C ASP A 86 -16.12 -29.93 27.85
N ASP A 87 -15.40 -30.35 28.89
CA ASP A 87 -14.26 -29.57 29.35
C ASP A 87 -13.17 -29.48 28.29
N HIS A 88 -13.02 -30.53 27.47
CA HIS A 88 -12.03 -30.49 26.40
C HIS A 88 -12.30 -29.35 25.43
N ILE A 89 -13.58 -29.14 25.09
CA ILE A 89 -13.94 -28.06 24.19
C ILE A 89 -13.86 -26.71 24.90
N LYS A 90 -14.40 -26.62 26.11
CA LYS A 90 -14.45 -25.34 26.83
C LYS A 90 -13.04 -24.80 27.10
N ASN A 91 -12.11 -25.68 27.46
CA ASN A 91 -10.74 -25.28 27.71
C ASN A 91 -9.85 -25.50 26.48
N ASN A 92 -10.45 -25.78 25.33
CA ASN A 92 -9.77 -25.85 24.04
C ASN A 92 -8.47 -26.62 24.11
N THR A 93 -8.58 -27.89 24.46
CA THR A 93 -7.45 -28.78 24.37
C THR A 93 -7.20 -29.11 22.90
N PRO A 94 -6.00 -29.59 22.55
CA PRO A 94 -5.71 -29.84 21.13
C PRO A 94 -6.60 -30.92 20.52
N ASP A 95 -7.17 -31.81 21.34
CA ASP A 95 -8.11 -32.82 20.84
C ASP A 95 -9.57 -32.39 20.99
N SER A 96 -9.81 -31.08 21.20
CA SER A 96 -11.18 -30.58 21.30
C SER A 96 -11.99 -30.94 20.06
N TRP A 97 -11.33 -31.01 18.90
CA TRP A 97 -12.02 -31.39 17.67
C TRP A 97 -12.72 -32.74 17.83
N TYR A 98 -12.05 -33.70 18.48
CA TYR A 98 -12.55 -35.06 18.54
C TYR A 98 -13.75 -35.18 19.47
N TYR A 99 -13.72 -34.49 20.61
CA TYR A 99 -14.84 -34.55 21.55
C TYR A 99 -16.04 -33.80 21.01
N ALA A 100 -15.83 -32.77 20.19
CA ALA A 100 -16.96 -32.13 19.52
C ALA A 100 -17.60 -33.07 18.53
N LYS A 101 -16.79 -33.75 17.70
CA LYS A 101 -17.32 -34.73 16.76
C LYS A 101 -18.01 -35.88 17.50
N LYS A 102 -17.44 -36.30 18.62
CA LYS A 102 -18.06 -37.36 19.41
C LYS A 102 -19.44 -36.94 19.89
N MET A 103 -19.54 -35.73 20.47
CA MET A 103 -20.83 -35.25 20.96
C MET A 103 -21.80 -35.04 19.80
N PHE A 104 -21.30 -34.56 18.67
CA PHE A 104 -22.14 -34.35 17.49
C PHE A 104 -22.73 -35.67 17.02
N TYR A 105 -21.87 -36.67 16.78
CA TYR A 105 -22.34 -37.94 16.26
C TYR A 105 -23.18 -38.70 17.29
N SER A 106 -22.92 -38.49 18.57
CA SER A 106 -23.74 -39.14 19.59
C SER A 106 -25.18 -38.64 19.53
N ARG A 107 -25.37 -37.35 19.24
CA ARG A 107 -26.74 -36.84 19.17
C ARG A 107 -27.44 -37.23 17.89
N LEU A 108 -26.71 -37.35 16.78
CA LEU A 108 -27.31 -37.87 15.55
C LEU A 108 -27.76 -39.31 15.74
N ASN A 109 -26.95 -40.13 16.41
CA ASN A 109 -27.35 -41.52 16.66
C ASN A 109 -28.58 -41.59 17.54
N ASP A 110 -28.70 -40.66 18.51
CA ASP A 110 -29.90 -40.59 19.32
C ASP A 110 -31.11 -40.26 18.47
N ILE A 111 -30.98 -39.28 17.57
CA ILE A 111 -32.08 -38.93 16.68
C ILE A 111 -32.43 -40.13 15.79
N ALA A 112 -31.42 -40.82 15.28
CA ALA A 112 -31.66 -41.95 14.38
C ALA A 112 -32.29 -43.12 15.10
N ALA A 113 -31.91 -43.35 16.36
CA ALA A 113 -32.54 -44.45 17.09
C ALA A 113 -34.01 -44.19 17.33
N ASN A 114 -34.39 -42.92 17.53
CA ASN A 114 -35.74 -42.54 17.90
C ASN A 114 -36.62 -42.28 16.68
N ASN A 115 -36.07 -42.27 15.46
CA ASN A 115 -36.88 -42.14 14.25
C ASN A 115 -36.91 -43.43 13.43
N GLY A 116 -36.24 -44.48 13.91
CA GLY A 116 -36.19 -45.74 13.20
C GLY A 116 -35.29 -45.80 12.00
N SER A 117 -34.39 -44.83 11.84
CA SER A 117 -33.41 -44.90 10.76
C SER A 117 -32.39 -46.00 11.05
N ALA A 118 -31.93 -46.64 9.98
CA ALA A 118 -30.96 -47.72 10.12
C ALA A 118 -29.54 -47.23 10.24
N ALA A 119 -29.24 -46.00 9.84
CA ALA A 119 -27.88 -45.49 9.95
C ALA A 119 -27.89 -43.97 9.87
N VAL A 120 -26.78 -43.39 10.30
CA VAL A 120 -26.48 -41.97 10.08
C VAL A 120 -25.53 -41.86 8.90
N LEU A 121 -25.82 -40.92 8.00
CA LEU A 121 -24.99 -40.68 6.82
C LEU A 121 -24.42 -39.28 6.87
N ASP A 122 -23.15 -39.15 6.50
CA ASP A 122 -22.43 -37.89 6.41
C ASP A 122 -21.90 -37.70 4.99
N GLY A 123 -21.23 -36.58 4.75
CA GLY A 123 -20.81 -36.25 3.40
C GLY A 123 -19.46 -36.76 2.95
N MET A 124 -18.65 -37.22 3.86
CA MET A 124 -17.26 -37.48 3.57
C MET A 124 -16.96 -38.24 2.31
N ILE A 125 -15.88 -37.86 1.61
CA ILE A 125 -15.57 -38.51 0.35
C ILE A 125 -14.13 -39.03 0.39
N LYS A 126 -13.71 -39.64 -0.71
CA LYS A 126 -12.34 -40.15 -0.82
C LYS A 126 -11.40 -39.06 -1.32
N ALA A 144 -21.51 -44.15 11.93
CA ALA A 144 -21.86 -43.33 10.78
C ALA A 144 -21.29 -43.94 9.50
N ARG A 145 -21.96 -43.68 8.37
CA ARG A 145 -21.58 -44.26 7.08
C ARG A 145 -21.43 -43.14 6.07
N SER A 146 -20.24 -43.04 5.47
CA SER A 146 -19.97 -42.11 4.38
C SER A 146 -20.12 -42.90 3.08
N LEU A 147 -21.34 -42.88 2.55
CA LEU A 147 -21.63 -43.72 1.38
C LEU A 147 -20.91 -43.22 0.13
N LEU A 148 -20.72 -41.91 -0.01
CA LEU A 148 -19.93 -41.40 -1.12
C LEU A 148 -18.51 -41.93 -1.06
N GLN A 149 -17.94 -41.99 0.15
CA GLN A 149 -16.58 -42.46 0.30
C GLN A 149 -16.48 -43.98 0.17
N GLU A 150 -17.55 -44.70 0.53
CA GLU A 150 -17.57 -46.14 0.29
C GLU A 150 -17.66 -46.45 -1.20
N ALA A 151 -18.41 -45.64 -1.95
CA ALA A 151 -18.55 -45.83 -3.39
C ALA A 151 -17.38 -45.24 -4.17
N ASP A 152 -16.32 -44.83 -3.48
CA ASP A 152 -15.10 -44.32 -4.11
C ASP A 152 -15.38 -43.04 -4.90
N PHE A 153 -16.19 -42.16 -4.34
CA PHE A 153 -16.45 -40.86 -4.96
C PHE A 153 -15.27 -39.93 -4.71
N PHE A 154 -14.77 -39.32 -5.78
CA PHE A 154 -13.78 -38.26 -5.69
C PHE A 154 -14.48 -36.90 -5.83
N LYS A 155 -13.70 -35.84 -5.69
CA LYS A 155 -14.25 -34.49 -5.84
C LYS A 155 -14.86 -34.29 -7.23
N THR A 156 -14.19 -34.81 -8.26
CA THR A 156 -14.71 -34.68 -9.63
C THR A 156 -16.00 -35.48 -9.83
N ASP A 157 -16.12 -36.62 -9.14
CA ASP A 157 -17.32 -37.45 -9.27
C ASP A 157 -18.52 -36.79 -8.60
N VAL A 158 -18.30 -36.09 -7.48
CA VAL A 158 -19.40 -35.45 -6.79
C VAL A 158 -19.95 -34.29 -7.61
N ARG A 159 -19.07 -33.52 -8.26
CA ARG A 159 -19.53 -32.44 -9.11
C ARG A 159 -20.25 -32.97 -10.36
N ALA A 160 -19.79 -34.11 -10.89
CA ALA A 160 -20.41 -34.66 -12.09
C ALA A 160 -21.83 -35.13 -11.81
N LEU A 161 -22.05 -35.82 -10.68
CA LEU A 161 -23.39 -36.30 -10.37
C LEU A 161 -24.30 -35.18 -9.89
N ALA A 162 -23.74 -34.16 -9.23
CA ALA A 162 -24.55 -33.02 -8.81
C ALA A 162 -25.11 -32.27 -10.01
N GLN A 163 -24.27 -32.00 -11.01
CA GLN A 163 -24.77 -31.43 -12.25
C GLN A 163 -25.74 -32.37 -12.94
N GLU A 164 -25.45 -33.68 -12.90
CA GLU A 164 -26.33 -34.68 -13.49
C GLU A 164 -27.72 -34.63 -12.88
N LEU A 165 -27.82 -34.41 -11.57
CA LEU A 165 -29.10 -34.40 -10.89
C LEU A 165 -29.71 -32.99 -10.81
N GLY A 166 -29.09 -32.00 -11.42
CA GLY A 166 -29.62 -30.65 -11.38
C GLY A 166 -29.32 -29.87 -10.13
N LEU A 167 -28.41 -30.35 -9.28
CA LEU A 167 -28.06 -29.66 -8.05
C LEU A 167 -27.16 -28.48 -8.38
N THR A 168 -27.68 -27.26 -8.24
CA THR A 168 -26.91 -26.05 -8.50
C THR A 168 -26.67 -25.21 -7.24
N ASN A 169 -27.38 -25.49 -6.16
CA ASN A 169 -27.38 -24.64 -4.97
C ASN A 169 -26.81 -25.42 -3.79
N TRP A 170 -25.81 -24.84 -3.14
CA TRP A 170 -25.23 -25.37 -1.91
C TRP A 170 -24.34 -24.29 -1.32
N ASN A 171 -24.08 -24.40 -0.02
CA ASN A 171 -23.21 -23.45 0.66
C ASN A 171 -21.80 -23.58 0.10
N LYS A 172 -21.35 -22.54 -0.60
CA LYS A 172 -20.07 -22.56 -1.27
C LYS A 172 -18.91 -22.31 -0.31
N VAL A 173 -19.20 -21.74 0.86
CA VAL A 173 -18.18 -21.42 1.85
C VAL A 173 -18.41 -22.31 3.07
N ALA A 174 -17.48 -23.24 3.29
CA ALA A 174 -17.50 -24.11 4.47
C ALA A 174 -16.87 -23.37 5.65
N SER A 175 -17.61 -23.27 6.75
CA SER A 175 -17.11 -22.62 7.97
C SER A 175 -16.35 -23.56 8.89
N CYS A 176 -15.49 -22.98 9.73
CA CYS A 176 -14.88 -23.78 10.79
C CYS A 176 -15.61 -23.59 12.11
N SER A 177 -15.14 -24.35 13.07
CA SER A 177 -15.47 -24.12 14.46
C SER A 177 -14.72 -22.87 14.93
N VAL A 178 -15.41 -22.03 15.71
CA VAL A 178 -14.79 -20.83 16.25
C VAL A 178 -13.61 -21.16 17.16
N SER A 179 -13.50 -22.42 17.60
CA SER A 179 -12.36 -22.84 18.41
C SER A 179 -11.06 -22.56 17.69
N SER A 180 -11.10 -22.51 16.36
CA SER A 180 -9.95 -22.15 15.56
C SER A 180 -9.29 -20.84 15.98
N ARG A 181 -10.06 -19.91 16.52
CA ARG A 181 -9.56 -18.58 16.88
C ARG A 181 -8.96 -18.50 18.27
N PHE A 182 -8.97 -19.57 19.05
CA PHE A 182 -8.42 -19.46 20.39
C PHE A 182 -7.19 -20.33 20.56
N PRO A 183 -6.18 -19.87 21.30
CA PRO A 183 -5.02 -20.72 21.55
C PRO A 183 -5.43 -21.91 22.39
N TYR A 184 -4.72 -23.02 22.20
CA TYR A 184 -4.88 -24.17 23.07
C TYR A 184 -4.68 -23.75 24.52
N GLY A 185 -5.59 -24.19 25.39
CA GLY A 185 -5.56 -23.83 26.78
C GLY A 185 -6.40 -22.61 27.14
N THR A 186 -6.75 -21.78 26.17
CA THR A 186 -7.61 -20.64 26.42
C THR A 186 -9.05 -21.11 26.61
N THR A 187 -9.69 -20.62 27.67
CA THR A 187 -11.07 -21.00 27.95
C THR A 187 -12.02 -20.22 27.07
N LEU A 188 -12.92 -20.93 26.38
CA LEU A 188 -13.95 -20.30 25.58
C LEU A 188 -15.16 -19.97 26.45
N THR A 189 -15.71 -18.79 26.24
CA THR A 189 -16.86 -18.30 26.97
C THR A 189 -17.91 -17.83 25.98
N HIS A 190 -19.14 -17.67 26.46
CA HIS A 190 -20.20 -17.15 25.60
C HIS A 190 -19.84 -15.76 25.08
N ASP A 191 -19.13 -14.96 25.89
CA ASP A 191 -18.83 -13.57 25.51
C ASP A 191 -17.65 -13.48 24.56
N ASN A 192 -16.55 -14.20 24.83
CA ASN A 192 -15.40 -14.10 23.93
C ASN A 192 -15.69 -14.71 22.57
N ILE A 193 -16.52 -15.76 22.51
CA ILE A 193 -16.95 -16.31 21.22
C ILE A 193 -17.72 -15.26 20.43
N ALA A 194 -18.72 -14.65 21.06
CA ALA A 194 -19.48 -13.59 20.41
C ALA A 194 -18.56 -12.45 19.99
N GLN A 195 -17.55 -12.16 20.81
CA GLN A 195 -16.58 -11.12 20.50
C GLN A 195 -15.83 -11.42 19.21
N VAL A 196 -15.27 -12.63 19.11
CA VAL A 196 -14.56 -13.03 17.90
C VAL A 196 -15.48 -13.01 16.69
N MET A 197 -16.70 -13.52 16.85
CA MET A 197 -17.60 -13.66 15.71
C MET A 197 -18.10 -12.30 15.22
N ALA A 198 -18.35 -11.38 16.16
CA ALA A 198 -18.74 -10.03 15.76
C ALA A 198 -17.59 -9.32 15.06
N ALA A 199 -16.36 -9.54 15.53
CA ALA A 199 -15.20 -8.95 14.88
C ALA A 199 -15.06 -9.44 13.45
N GLU A 200 -15.19 -10.75 13.24
CA GLU A 200 -15.08 -11.29 11.89
C GLU A 200 -16.23 -10.84 11.00
N LYS A 201 -17.44 -10.78 11.55
CA LYS A 201 -18.58 -10.33 10.75
C LYS A 201 -18.38 -8.90 10.29
N TYR A 202 -17.82 -8.04 11.15
CA TYR A 202 -17.59 -6.65 10.78
C TYR A 202 -16.55 -6.54 9.67
N LEU A 203 -15.45 -7.29 9.79
CA LEU A 203 -14.42 -7.26 8.76
C LEU A 203 -14.96 -7.74 7.42
N ARG A 204 -15.80 -8.78 7.43
CA ARG A 204 -16.39 -9.21 6.16
C ARG A 204 -17.30 -8.15 5.58
N SER A 205 -17.98 -7.38 6.42
CA SER A 205 -18.85 -6.32 5.92
C SER A 205 -18.06 -5.24 5.18
N LEU A 206 -16.78 -5.09 5.49
CA LEU A 206 -15.95 -4.14 4.77
C LEU A 206 -15.41 -4.70 3.47
N GLY A 207 -15.72 -5.95 3.15
CA GLY A 207 -15.33 -6.52 1.88
C GLY A 207 -14.17 -7.49 1.98
N PHE A 208 -14.01 -8.13 3.14
CA PHE A 208 -12.93 -9.08 3.38
C PHE A 208 -13.58 -10.41 3.76
N PRO A 209 -13.98 -11.22 2.79
CA PRO A 209 -14.73 -12.43 3.09
C PRO A 209 -13.88 -13.52 3.72
N THR A 210 -12.61 -13.58 3.41
CA THR A 210 -11.68 -14.52 4.02
C THR A 210 -10.87 -13.78 5.08
N VAL A 211 -11.17 -14.03 6.35
CA VAL A 211 -10.54 -13.33 7.46
C VAL A 211 -10.64 -14.20 8.70
N ARG A 212 -9.68 -14.04 9.60
CA ARG A 212 -9.77 -14.59 10.94
C ARG A 212 -9.38 -13.51 11.94
N VAL A 213 -10.12 -13.45 13.04
CA VAL A 213 -9.76 -12.62 14.18
C VAL A 213 -9.34 -13.61 15.27
N ARG A 214 -8.04 -13.72 15.46
CA ARG A 214 -7.51 -14.64 16.46
C ARG A 214 -7.49 -13.95 17.82
N PHE A 215 -7.93 -14.68 18.84
CA PHE A 215 -8.19 -14.12 20.15
C PHE A 215 -6.97 -14.39 21.04
N HIS A 216 -6.39 -13.33 21.60
CA HIS A 216 -5.27 -13.44 22.52
C HIS A 216 -5.56 -12.56 23.74
N ASN A 217 -6.69 -12.85 24.39
CA ASN A 217 -7.20 -12.08 25.52
C ASN A 217 -7.46 -10.63 25.13
N ASP A 218 -6.60 -9.71 25.56
CA ASP A 218 -6.78 -8.30 25.26
C ASP A 218 -6.22 -7.89 23.90
N ILE A 219 -5.63 -8.82 23.15
CA ILE A 219 -5.11 -8.54 21.82
C ILE A 219 -5.96 -9.29 20.80
N ALA A 220 -6.42 -8.56 19.78
CA ALA A 220 -6.96 -9.17 18.57
C ALA A 220 -5.87 -9.24 17.53
N ARG A 221 -5.66 -10.41 16.96
CA ARG A 221 -4.68 -10.61 15.90
C ARG A 221 -5.42 -11.02 14.63
N ILE A 222 -5.45 -10.13 13.65
CA ILE A 222 -6.23 -10.31 12.44
C ILE A 222 -5.36 -10.98 11.38
N GLU A 223 -5.87 -12.06 10.80
CA GLU A 223 -5.25 -12.71 9.65
C GLU A 223 -6.06 -12.37 8.40
N LEU A 224 -5.40 -11.80 7.40
CA LEU A 224 -5.97 -11.48 6.10
C LEU A 224 -5.11 -12.06 5.00
N PRO A 225 -5.70 -12.39 3.85
CA PRO A 225 -4.88 -12.73 2.69
C PRO A 225 -3.96 -11.55 2.36
N GLU A 226 -2.67 -11.87 2.18
CA GLU A 226 -1.66 -10.83 2.01
C GLU A 226 -1.97 -9.93 0.82
N ALA A 227 -2.62 -10.46 -0.21
CA ALA A 227 -2.93 -9.66 -1.40
C ALA A 227 -3.97 -8.59 -1.13
N ARG A 228 -4.66 -8.64 0.02
CA ARG A 228 -5.65 -7.63 0.41
C ARG A 228 -5.16 -6.66 1.48
N ILE A 229 -4.00 -6.96 2.05
CA ILE A 229 -3.42 -6.13 3.10
C ILE A 229 -3.24 -4.70 2.60
N GLY A 230 -2.92 -4.55 1.31
CA GLY A 230 -2.75 -3.24 0.77
C GLY A 230 -3.99 -2.44 0.70
N ASP A 231 -5.08 -3.01 0.23
CA ASP A 231 -6.33 -2.26 0.17
C ASP A 231 -6.82 -1.87 1.57
N PHE A 232 -6.60 -2.76 2.51
CA PHE A 232 -7.12 -2.65 3.84
C PHE A 232 -6.76 -1.40 4.60
N LEU A 233 -5.57 -0.87 4.35
CA LEU A 233 -5.07 0.26 5.12
C LEU A 233 -6.11 1.35 5.34
N VAL A 234 -6.97 1.59 4.36
CA VAL A 234 -7.95 2.66 4.49
C VAL A 234 -8.92 2.43 5.65
N PHE A 235 -8.98 1.21 6.18
CA PHE A 235 -9.91 0.86 7.24
C PHE A 235 -9.22 0.70 8.59
N ASN A 236 -7.90 0.89 8.67
CA ASN A 236 -7.15 0.69 9.90
C ASN A 236 -7.83 1.33 11.11
N ASP A 237 -8.08 2.63 11.06
CA ASP A 237 -8.64 3.33 12.21
C ASP A 237 -10.06 2.84 12.53
N ARG A 238 -10.89 2.64 11.50
CA ARG A 238 -12.24 2.17 11.74
C ARG A 238 -12.24 0.77 12.35
N VAL A 239 -11.35 -0.10 11.85
CA VAL A 239 -11.27 -1.45 12.40
C VAL A 239 -10.73 -1.43 13.81
N ASN A 240 -9.72 -0.60 14.05
CA ASN A 240 -9.14 -0.50 15.39
C ASN A 240 -10.19 -0.12 16.43
N ARG A 241 -10.95 0.94 16.15
CA ARG A 241 -11.90 1.41 17.14
C ARG A 241 -13.11 0.48 17.25
N GLN A 242 -13.49 -0.19 16.17
CA GLN A 242 -14.66 -1.06 16.23
C GLN A 242 -14.39 -2.30 17.07
N LEU A 243 -13.25 -2.95 16.85
CA LEU A 243 -12.89 -4.13 17.64
C LEU A 243 -12.55 -3.77 19.08
N GLN A 244 -12.16 -2.52 19.34
CA GLN A 244 -11.94 -2.09 20.72
C GLN A 244 -13.26 -1.99 21.47
N SER A 245 -14.31 -1.51 20.79
CA SER A 245 -15.63 -1.50 21.44
C SER A 245 -16.17 -2.91 21.63
N LEU A 246 -15.70 -3.88 20.84
CA LEU A 246 -16.06 -5.28 21.05
C LEU A 246 -15.39 -5.88 22.26
N GLY A 247 -14.41 -5.20 22.86
CA GLY A 247 -13.75 -5.65 24.07
C GLY A 247 -12.25 -5.82 23.97
N PHE A 248 -11.68 -5.78 22.76
CA PHE A 248 -10.23 -5.88 22.65
C PHE A 248 -9.58 -4.56 23.08
N ARG A 249 -8.39 -4.67 23.65
CA ARG A 249 -7.61 -3.49 24.00
C ARG A 249 -6.63 -3.12 22.90
N TYR A 250 -6.01 -4.12 22.28
CA TYR A 250 -5.08 -3.93 21.19
C TYR A 250 -5.63 -4.66 19.97
N VAL A 251 -5.66 -3.97 18.83
CA VAL A 251 -6.13 -4.54 17.58
C VAL A 251 -4.96 -4.55 16.62
N THR A 252 -4.54 -5.74 16.20
CA THR A 252 -3.33 -5.91 15.43
C THR A 252 -3.61 -6.67 14.14
N LEU A 253 -2.67 -6.55 13.21
CA LEU A 253 -2.71 -7.25 11.93
C LEU A 253 -1.51 -8.18 11.87
N ASP A 254 -1.75 -9.46 11.59
CA ASP A 254 -0.65 -10.42 11.52
C ASP A 254 0.14 -10.18 10.25
N LEU A 255 1.45 -9.94 10.38
CA LEU A 255 2.25 -9.67 9.21
C LEU A 255 2.45 -10.89 8.31
N GLY A 256 2.27 -12.09 8.86
CA GLY A 256 2.35 -13.30 8.04
C GLY A 256 1.13 -13.53 7.17
N GLY A 257 0.03 -12.86 7.46
CA GLY A 257 -1.20 -13.02 6.71
C GLY A 257 -1.99 -14.26 7.11
N PHE A 258 -3.03 -14.52 6.33
CA PHE A 258 -3.90 -15.66 6.55
C PHE A 258 -3.24 -16.92 6.02
N ARG A 259 -3.19 -17.97 6.85
CA ARG A 259 -2.49 -19.22 6.53
C ARG A 259 -1.03 -18.93 6.18
N SER A 260 -0.30 -18.49 7.20
CA SER A 260 1.03 -17.94 7.01
C SER A 260 2.00 -18.99 6.46
N GLY A 261 2.94 -18.54 5.64
CA GLY A 261 3.95 -19.40 5.05
C GLY A 261 3.53 -20.11 3.79
N ARG A 262 2.23 -20.11 3.45
CA ARG A 262 1.75 -20.89 2.31
C ARG A 262 2.17 -20.29 0.98
N MET A 263 2.32 -18.96 0.91
CA MET A 263 2.60 -18.27 -0.33
C MET A 263 4.07 -17.86 -0.46
N ASN A 264 4.96 -18.40 0.37
CA ASN A 264 6.33 -17.94 0.41
C ASN A 264 7.19 -18.66 -0.61
N ASP A 265 8.39 -18.11 -0.81
CA ASP A 265 9.43 -18.76 -1.60
C ASP A 265 9.80 -20.10 -0.97
N THR A 266 10.55 -20.91 -1.73
CA THR A 266 10.91 -22.23 -1.24
C THR A 266 11.82 -22.16 -0.01
N LEU A 267 12.70 -21.15 0.05
CA LEU A 267 13.68 -21.08 1.15
C LEU A 267 13.05 -20.56 2.44
N THR A 268 12.13 -19.61 2.34
CA THR A 268 11.46 -19.04 3.50
C THR A 268 10.15 -19.74 3.82
N LYS A 269 9.72 -20.68 2.99
CA LYS A 269 8.62 -21.58 3.37
C LYS A 269 9.12 -22.71 4.25
N ALA A 270 10.35 -23.17 4.03
CA ALA A 270 10.98 -24.15 4.90
C ALA A 270 11.58 -23.55 6.16
N GLN A 271 11.66 -22.21 6.24
CA GLN A 271 12.05 -21.54 7.47
C GLN A 271 10.84 -21.24 8.35
N LEU A 272 9.76 -20.74 7.76
CA LEU A 272 8.53 -20.51 8.51
C LEU A 272 7.93 -21.82 9.02
N ALA A 273 8.10 -22.91 8.26
CA ALA A 273 7.55 -24.20 8.66
C ALA A 273 8.38 -24.85 9.77
N THR A 274 9.70 -24.68 9.73
CA THR A 274 10.54 -25.14 10.83
C THR A 274 10.27 -24.37 12.12
N PHE A 275 9.70 -23.18 12.03
CA PHE A 275 9.36 -22.39 13.20
C PHE A 275 8.08 -22.88 13.86
N ALA B 2 -41.06 -19.45 2.80
CA ALA B 2 -41.36 -20.44 1.76
C ALA B 2 -40.10 -20.87 1.02
N THR B 3 -40.12 -22.09 0.49
CA THR B 3 -39.03 -22.57 -0.33
C THR B 3 -38.96 -21.81 -1.64
N LEU B 4 -37.81 -21.92 -2.32
CA LEU B 4 -37.67 -21.30 -3.64
C LEU B 4 -38.63 -21.91 -4.64
N ALA B 5 -38.87 -23.22 -4.54
CA ALA B 5 -39.82 -23.88 -5.42
C ALA B 5 -41.21 -23.29 -5.25
N THR B 6 -41.60 -22.98 -4.01
CA THR B 6 -42.88 -22.33 -3.78
C THR B 6 -42.92 -20.94 -4.40
N LYS B 7 -41.84 -20.17 -4.25
CA LYS B 7 -41.79 -18.84 -4.84
C LYS B 7 -41.77 -18.92 -6.36
N LYS B 8 -41.07 -19.90 -6.92
CA LYS B 8 -41.10 -20.09 -8.37
C LYS B 8 -42.51 -20.43 -8.84
N ALA B 9 -43.21 -21.30 -8.12
CA ALA B 9 -44.56 -21.68 -8.52
C ALA B 9 -45.50 -20.50 -8.45
N THR B 10 -45.38 -19.68 -7.39
CA THR B 10 -46.17 -18.47 -7.28
C THR B 10 -45.99 -17.58 -8.51
N LEU B 11 -44.84 -17.67 -9.16
CA LEU B 11 -44.52 -16.79 -10.27
C LEU B 11 -44.95 -17.40 -11.59
N VAL B 12 -44.79 -18.72 -11.75
CA VAL B 12 -45.33 -19.39 -12.93
C VAL B 12 -46.84 -19.26 -12.97
N ALA B 13 -47.50 -19.32 -11.80
CA ALA B 13 -48.94 -19.16 -11.76
C ALA B 13 -49.38 -17.76 -12.14
N ALA B 14 -48.66 -16.73 -11.64
CA ALA B 14 -49.02 -15.36 -11.97
C ALA B 14 -48.84 -15.08 -13.46
N LEU B 15 -47.77 -15.60 -14.05
CA LEU B 15 -47.54 -15.40 -15.48
C LEU B 15 -48.58 -16.14 -16.30
N LYS B 16 -48.88 -17.38 -15.93
CA LYS B 16 -49.92 -18.15 -16.63
C LYS B 16 -51.24 -17.40 -16.62
N ASP B 17 -51.57 -16.75 -15.50
CA ASP B 17 -52.81 -16.00 -15.41
C ASP B 17 -52.77 -14.73 -16.25
N LEU B 18 -51.59 -14.12 -16.41
CA LEU B 18 -51.50 -12.91 -17.21
C LEU B 18 -51.58 -13.20 -18.71
N GLN B 19 -51.09 -14.36 -19.15
CA GLN B 19 -51.19 -14.82 -20.53
C GLN B 19 -50.27 -14.04 -21.49
N ARG B 20 -50.35 -12.71 -21.47
CA ARG B 20 -49.52 -11.87 -22.32
C ARG B 20 -48.97 -10.71 -21.48
N VAL B 21 -47.66 -10.46 -21.61
CA VAL B 21 -46.99 -9.51 -20.72
C VAL B 21 -46.02 -8.64 -21.52
N THR B 22 -45.84 -7.42 -21.04
CA THR B 22 -44.77 -6.54 -21.48
C THR B 22 -43.79 -6.36 -20.32
N VAL B 23 -42.51 -6.58 -20.57
CA VAL B 23 -41.49 -6.60 -19.53
C VAL B 23 -40.57 -5.41 -19.72
N ALA B 24 -40.49 -4.57 -18.69
CA ALA B 24 -39.49 -3.50 -18.64
C ALA B 24 -38.14 -4.14 -18.35
N PHE B 25 -37.26 -4.17 -19.34
CA PHE B 25 -36.02 -4.92 -19.26
C PHE B 25 -34.84 -3.96 -19.19
N SER B 26 -34.13 -3.96 -18.06
CA SER B 26 -32.96 -3.12 -17.88
C SER B 26 -31.65 -3.85 -18.14
N GLY B 27 -31.65 -5.18 -18.13
CA GLY B 27 -30.43 -5.96 -18.27
C GLY B 27 -29.82 -6.46 -16.98
N GLY B 28 -30.33 -6.02 -15.82
CA GLY B 28 -29.85 -6.50 -14.55
C GLY B 28 -30.33 -7.92 -14.24
N ILE B 29 -29.83 -8.45 -13.13
CA ILE B 29 -30.16 -9.82 -12.72
C ILE B 29 -31.67 -9.97 -12.54
N ASP B 30 -32.32 -8.98 -11.92
CA ASP B 30 -33.75 -9.10 -11.63
C ASP B 30 -34.56 -9.09 -12.92
N SER B 31 -34.30 -8.12 -13.81
CA SER B 31 -35.05 -8.06 -15.06
C SER B 31 -34.74 -9.27 -15.95
N THR B 32 -33.50 -9.78 -15.89
CA THR B 32 -33.16 -10.99 -16.63
C THR B 32 -33.98 -12.18 -16.15
N LEU B 33 -34.16 -12.30 -14.84
CA LEU B 33 -34.93 -13.43 -14.31
C LEU B 33 -36.40 -13.35 -14.69
N VAL B 34 -37.00 -12.16 -14.62
CA VAL B 34 -38.41 -12.03 -14.98
C VAL B 34 -38.59 -12.30 -16.47
N LEU B 35 -37.72 -11.74 -17.31
CA LEU B 35 -37.86 -11.94 -18.75
C LEU B 35 -37.68 -13.40 -19.13
N LYS B 36 -36.73 -14.10 -18.50
CA LYS B 36 -36.50 -15.49 -18.85
C LYS B 36 -37.64 -16.38 -18.36
N MET B 37 -38.18 -16.08 -17.16
CA MET B 37 -39.31 -16.84 -16.66
C MET B 37 -40.56 -16.56 -17.47
N ALA B 38 -40.75 -15.31 -17.91
CA ALA B 38 -41.90 -14.98 -18.74
C ALA B 38 -41.83 -15.72 -20.07
N LEU B 39 -40.65 -15.73 -20.69
CA LEU B 39 -40.47 -16.50 -21.92
C LEU B 39 -40.69 -17.99 -21.69
N ASP B 40 -40.17 -18.52 -20.58
CA ASP B 40 -40.28 -19.95 -20.32
C ASP B 40 -41.73 -20.37 -20.09
N VAL B 41 -42.52 -19.55 -19.39
CA VAL B 41 -43.89 -19.93 -19.07
C VAL B 41 -44.83 -19.63 -20.22
N LEU B 42 -44.63 -18.51 -20.91
CA LEU B 42 -45.60 -18.05 -21.90
C LEU B 42 -45.15 -18.19 -23.35
N GLY B 43 -43.87 -18.36 -23.61
CA GLY B 43 -43.40 -18.46 -24.97
C GLY B 43 -43.09 -17.10 -25.58
N ARG B 44 -42.26 -17.12 -26.62
CA ARG B 44 -41.75 -15.88 -27.20
C ARG B 44 -42.88 -15.00 -27.73
N ASP B 45 -43.93 -15.61 -28.28
CA ASP B 45 -44.96 -14.84 -28.96
C ASP B 45 -45.88 -14.08 -28.01
N ASN B 46 -45.80 -14.33 -26.71
CA ASN B 46 -46.67 -13.68 -25.74
C ASN B 46 -45.90 -12.77 -24.81
N VAL B 47 -44.64 -12.48 -25.12
CA VAL B 47 -43.80 -11.63 -24.28
C VAL B 47 -43.17 -10.57 -25.17
N THR B 48 -43.15 -9.33 -24.66
CA THR B 48 -42.50 -8.21 -25.32
C THR B 48 -41.52 -7.58 -24.34
N ALA B 49 -40.25 -7.52 -24.72
CA ALA B 49 -39.23 -6.90 -23.89
C ALA B 49 -39.06 -5.45 -24.32
N VAL B 50 -39.17 -4.55 -23.36
CA VAL B 50 -39.06 -3.12 -23.62
C VAL B 50 -37.80 -2.62 -22.93
N VAL B 51 -36.90 -2.04 -23.71
CA VAL B 51 -35.69 -1.42 -23.21
C VAL B 51 -35.79 0.08 -23.43
N ALA B 52 -35.59 0.84 -22.36
CA ALA B 52 -35.72 2.29 -22.42
C ALA B 52 -34.38 2.88 -22.84
N ASN B 53 -34.42 3.78 -23.82
CA ASN B 53 -33.24 4.50 -24.24
C ASN B 53 -33.47 5.97 -23.86
N SER B 54 -32.49 6.56 -23.20
CA SER B 54 -32.66 7.94 -22.75
C SER B 54 -31.29 8.57 -22.55
N GLU B 55 -31.30 9.89 -22.36
CA GLU B 55 -30.08 10.64 -22.16
C GLU B 55 -29.49 10.46 -20.76
N LEU B 56 -30.28 10.00 -19.79
CA LEU B 56 -29.83 9.89 -18.42
C LEU B 56 -29.28 8.53 -18.08
N PHE B 57 -29.27 7.60 -19.03
CA PHE B 57 -28.67 6.29 -18.87
C PHE B 57 -27.74 6.05 -20.03
N THR B 58 -26.69 5.27 -19.78
CA THR B 58 -25.62 5.11 -20.75
C THR B 58 -26.06 4.35 -22.00
N ASP B 59 -25.50 4.74 -23.15
CA ASP B 59 -25.66 3.97 -24.36
C ASP B 59 -25.16 2.54 -24.18
N GLU B 60 -24.10 2.37 -23.38
CA GLU B 60 -23.55 1.04 -23.15
C GLU B 60 -24.57 0.15 -22.44
N GLU B 61 -25.26 0.71 -21.46
CA GLU B 61 -26.28 -0.02 -20.73
C GLU B 61 -27.42 -0.41 -21.66
N PHE B 62 -27.78 0.48 -22.58
CA PHE B 62 -28.85 0.22 -23.53
C PHE B 62 -28.45 -0.87 -24.52
N ASP B 63 -27.24 -0.77 -25.08
CA ASP B 63 -26.80 -1.77 -26.06
C ASP B 63 -26.75 -3.16 -25.46
N LYS B 64 -26.24 -3.28 -24.23
CA LYS B 64 -26.15 -4.58 -23.60
C LYS B 64 -27.54 -5.17 -23.36
N ALA B 65 -28.47 -4.34 -22.91
CA ALA B 65 -29.82 -4.82 -22.61
C ALA B 65 -30.55 -5.27 -23.87
N MET B 66 -30.40 -4.54 -24.98
CA MET B 66 -31.06 -4.95 -26.22
C MET B 66 -30.52 -6.28 -26.71
N SER B 67 -29.19 -6.47 -26.69
CA SER B 67 -28.64 -7.71 -27.18
C SER B 67 -28.90 -8.86 -26.20
N LEU B 68 -28.98 -8.56 -24.90
CA LEU B 68 -29.25 -9.61 -23.93
C LEU B 68 -30.68 -10.12 -24.07
N ALA B 69 -31.64 -9.23 -24.31
CA ALA B 69 -33.02 -9.66 -24.48
C ALA B 69 -33.17 -10.55 -25.70
N GLU B 70 -32.46 -10.23 -26.79
CA GLU B 70 -32.45 -11.12 -27.94
C GLU B 70 -31.77 -12.44 -27.60
N GLU B 71 -30.71 -12.40 -26.80
CA GLU B 71 -30.00 -13.62 -26.45
C GLU B 71 -30.85 -14.52 -25.56
N LEU B 72 -31.79 -13.94 -24.83
CA LEU B 72 -32.73 -14.74 -24.05
C LEU B 72 -33.89 -15.26 -24.90
N GLY B 73 -33.96 -14.88 -26.17
CA GLY B 73 -35.00 -15.33 -27.06
C GLY B 73 -36.27 -14.51 -27.05
N ALA B 74 -36.22 -13.27 -26.61
CA ALA B 74 -37.40 -12.41 -26.57
C ALA B 74 -37.45 -11.49 -27.78
N ASN B 75 -38.67 -11.16 -28.20
CA ASN B 75 -38.85 -10.02 -29.09
C ASN B 75 -38.66 -8.76 -28.27
N VAL B 76 -37.68 -7.95 -28.64
CA VAL B 76 -37.31 -6.80 -27.84
C VAL B 76 -37.61 -5.54 -28.65
N GLN B 77 -38.05 -4.50 -27.96
CA GLN B 77 -38.50 -3.26 -28.57
C GLN B 77 -37.85 -2.11 -27.83
N GLY B 78 -37.14 -1.25 -28.57
CA GLY B 78 -36.60 -0.05 -27.97
C GLY B 78 -37.66 1.03 -27.90
N THR B 79 -37.60 1.81 -26.83
CA THR B 79 -38.42 2.99 -26.69
C THR B 79 -37.54 4.11 -26.13
N THR B 80 -37.74 5.32 -26.63
CA THR B 80 -36.93 6.45 -26.21
C THR B 80 -37.77 7.40 -25.35
N LEU B 81 -37.24 7.79 -24.21
CA LEU B 81 -37.91 8.72 -23.30
C LEU B 81 -37.12 10.01 -23.22
N ASP B 82 -37.82 11.14 -23.30
CA ASP B 82 -37.20 12.46 -23.18
C ASP B 82 -37.46 12.97 -21.76
N TYR B 83 -36.64 12.50 -20.83
CA TYR B 83 -36.83 12.86 -19.43
C TYR B 83 -36.65 14.35 -19.22
N LEU B 84 -35.73 14.97 -19.96
CA LEU B 84 -35.44 16.40 -19.80
C LEU B 84 -36.61 17.28 -20.21
N SER B 85 -37.63 16.72 -20.84
CA SER B 85 -38.82 17.49 -21.20
C SER B 85 -39.68 17.84 -19.99
N ASP B 86 -39.54 17.13 -18.88
CA ASP B 86 -40.23 17.47 -17.64
C ASP B 86 -39.36 18.43 -16.82
N ASP B 87 -39.94 19.56 -16.43
CA ASP B 87 -39.17 20.61 -15.75
C ASP B 87 -38.60 20.15 -14.42
N HIS B 88 -39.28 19.26 -13.71
CA HIS B 88 -38.74 18.75 -12.45
C HIS B 88 -37.43 18.01 -12.68
N ILE B 89 -37.38 17.21 -13.75
CA ILE B 89 -36.14 16.50 -14.08
C ILE B 89 -35.11 17.47 -14.64
N LYS B 90 -35.54 18.37 -15.53
CA LYS B 90 -34.59 19.30 -16.16
C LYS B 90 -33.88 20.16 -15.13
N ASN B 91 -34.60 20.64 -14.12
CA ASN B 91 -34.00 21.46 -13.08
C ASN B 91 -33.68 20.67 -11.81
N ASN B 92 -33.73 19.34 -11.88
CA ASN B 92 -33.29 18.44 -10.81
C ASN B 92 -33.76 18.87 -9.42
N THR B 93 -35.07 19.00 -9.29
CA THR B 93 -35.70 19.19 -7.99
C THR B 93 -35.71 17.86 -7.23
N PRO B 94 -35.87 17.88 -5.90
CA PRO B 94 -35.78 16.61 -5.16
C PRO B 94 -36.86 15.60 -5.51
N ASP B 95 -37.99 16.01 -6.08
CA ASP B 95 -39.00 15.06 -6.51
C ASP B 95 -38.88 14.67 -7.98
N SER B 96 -37.75 14.98 -8.62
CA SER B 96 -37.57 14.64 -10.03
C SER B 96 -37.75 13.15 -10.28
N TRP B 97 -37.35 12.32 -9.31
CA TRP B 97 -37.48 10.87 -9.44
C TRP B 97 -38.91 10.44 -9.69
N TYR B 98 -39.89 11.09 -9.04
CA TYR B 98 -41.27 10.62 -9.18
C TYR B 98 -41.79 10.91 -10.57
N TYR B 99 -41.44 12.06 -11.13
CA TYR B 99 -41.88 12.39 -12.48
C TYR B 99 -41.14 11.55 -13.51
N ALA B 100 -39.90 11.17 -13.23
CA ALA B 100 -39.18 10.27 -14.13
C ALA B 100 -39.82 8.89 -14.14
N LYS B 101 -40.10 8.34 -12.95
CA LYS B 101 -40.77 7.05 -12.89
C LYS B 101 -42.15 7.11 -13.54
N LYS B 102 -42.85 8.23 -13.35
CA LYS B 102 -44.18 8.38 -13.95
C LYS B 102 -44.11 8.33 -15.47
N MET B 103 -43.18 9.08 -16.06
CA MET B 103 -43.07 9.11 -17.52
C MET B 103 -42.67 7.74 -18.06
N PHE B 104 -41.79 7.04 -17.34
CA PHE B 104 -41.38 5.69 -17.75
C PHE B 104 -42.55 4.73 -17.74
N TYR B 105 -43.23 4.62 -16.60
CA TYR B 105 -44.32 3.66 -16.47
C TYR B 105 -45.51 4.02 -17.33
N SER B 106 -45.70 5.33 -17.60
CA SER B 106 -46.77 5.72 -18.50
C SER B 106 -46.50 5.20 -19.91
N ARG B 107 -45.23 5.18 -20.32
CA ARG B 107 -44.91 4.71 -21.66
C ARG B 107 -44.96 3.19 -21.77
N LEU B 108 -44.59 2.48 -20.70
CA LEU B 108 -44.76 1.03 -20.70
C LEU B 108 -46.22 0.65 -20.79
N ASN B 109 -47.08 1.35 -20.06
CA ASN B 109 -48.52 1.05 -20.11
C ASN B 109 -49.08 1.31 -21.50
N ASP B 110 -48.59 2.35 -22.17
CA ASP B 110 -49.00 2.58 -23.56
C ASP B 110 -48.57 1.42 -24.45
N ILE B 111 -47.32 0.96 -24.29
CA ILE B 111 -46.84 -0.15 -25.08
C ILE B 111 -47.67 -1.40 -24.81
N ALA B 112 -48.00 -1.65 -23.54
CA ALA B 112 -48.76 -2.84 -23.20
C ALA B 112 -50.20 -2.76 -23.69
N ALA B 113 -50.79 -1.55 -23.67
CA ALA B 113 -52.15 -1.40 -24.15
C ALA B 113 -52.25 -1.64 -25.65
N ASN B 114 -51.23 -1.23 -26.41
CA ASN B 114 -51.29 -1.30 -27.86
C ASN B 114 -50.83 -2.64 -28.40
N ASN B 115 -50.29 -3.52 -27.57
CA ASN B 115 -49.98 -4.88 -27.97
C ASN B 115 -50.88 -5.89 -27.27
N GLY B 116 -51.81 -5.42 -26.44
CA GLY B 116 -52.73 -6.31 -25.74
C GLY B 116 -52.17 -7.06 -24.56
N SER B 117 -51.05 -6.62 -23.99
CA SER B 117 -50.53 -7.26 -22.79
C SER B 117 -51.47 -7.01 -21.62
N ALA B 118 -51.58 -8.00 -20.74
CA ALA B 118 -52.49 -7.88 -19.60
C ALA B 118 -51.88 -7.07 -18.46
N ALA B 119 -50.56 -6.90 -18.46
CA ALA B 119 -49.91 -6.10 -17.44
C ALA B 119 -48.53 -5.70 -17.94
N VAL B 120 -47.95 -4.72 -17.27
CA VAL B 120 -46.53 -4.40 -17.40
C VAL B 120 -45.83 -5.00 -16.20
N LEU B 121 -44.69 -5.64 -16.42
CA LEU B 121 -43.91 -6.22 -15.34
C LEU B 121 -42.56 -5.53 -15.24
N ASP B 122 -42.12 -5.29 -14.01
CA ASP B 122 -40.85 -4.65 -13.72
C ASP B 122 -39.97 -5.57 -12.87
N GLY B 123 -38.77 -5.08 -12.57
CA GLY B 123 -37.79 -5.86 -11.85
C GLY B 123 -37.88 -5.69 -10.34
N MET B 124 -38.35 -4.52 -9.90
CA MET B 124 -38.49 -4.12 -8.48
C MET B 124 -38.46 -5.25 -7.46
N GLU B 141 -44.59 2.26 -9.11
CA GLU B 141 -45.91 2.36 -9.71
C GLU B 141 -46.79 1.18 -9.35
N ALA B 142 -48.11 1.40 -9.41
CA ALA B 142 -49.11 0.37 -9.20
C ALA B 142 -49.68 -0.21 -10.49
N GLY B 143 -49.63 0.56 -11.59
CA GLY B 143 -49.99 0.04 -12.89
C GLY B 143 -49.05 -1.03 -13.41
N ALA B 144 -47.95 -1.28 -12.72
CA ALA B 144 -47.04 -2.37 -13.02
C ALA B 144 -47.15 -3.43 -11.93
N ARG B 145 -46.78 -4.65 -12.30
CA ARG B 145 -46.79 -5.79 -11.39
C ARG B 145 -45.36 -6.25 -11.18
N SER B 146 -44.88 -6.19 -9.93
CA SER B 146 -43.55 -6.66 -9.57
C SER B 146 -43.72 -8.08 -9.05
N LEU B 147 -43.61 -9.05 -9.97
CA LEU B 147 -43.93 -10.42 -9.64
C LEU B 147 -42.94 -11.05 -8.66
N LEU B 148 -41.66 -10.69 -8.75
CA LEU B 148 -40.68 -11.24 -7.82
C LEU B 148 -41.01 -10.89 -6.38
N GLN B 149 -41.41 -9.64 -6.11
CA GLN B 149 -41.74 -9.28 -4.74
C GLN B 149 -43.12 -9.78 -4.34
N GLU B 150 -44.02 -10.01 -5.30
CA GLU B 150 -45.28 -10.66 -4.95
C GLU B 150 -45.03 -12.08 -4.47
N ALA B 151 -44.07 -12.78 -5.07
CA ALA B 151 -43.68 -14.11 -4.65
C ALA B 151 -42.66 -14.11 -3.52
N ASP B 152 -42.37 -12.94 -2.94
CA ASP B 152 -41.47 -12.83 -1.78
C ASP B 152 -40.05 -13.30 -2.11
N PHE B 153 -39.56 -12.91 -3.28
CA PHE B 153 -38.18 -13.21 -3.68
C PHE B 153 -37.22 -12.28 -2.95
N PHE B 154 -36.18 -12.85 -2.36
CA PHE B 154 -35.07 -12.06 -1.84
C PHE B 154 -33.94 -12.03 -2.87
N LYS B 155 -32.91 -11.25 -2.55
CA LYS B 155 -31.74 -11.19 -3.43
C LYS B 155 -31.11 -12.56 -3.58
N THR B 156 -31.07 -13.32 -2.49
CA THR B 156 -30.50 -14.68 -2.55
C THR B 156 -31.37 -15.59 -3.42
N ASP B 157 -32.69 -15.39 -3.42
CA ASP B 157 -33.57 -16.21 -4.25
C ASP B 157 -33.40 -15.88 -5.74
N VAL B 158 -33.22 -14.60 -6.05
CA VAL B 158 -33.06 -14.18 -7.44
C VAL B 158 -31.85 -14.87 -8.03
N ARG B 159 -30.81 -14.98 -7.21
CA ARG B 159 -29.58 -15.61 -7.60
C ARG B 159 -29.69 -17.08 -7.74
N ALA B 160 -30.46 -17.70 -6.89
CA ALA B 160 -30.59 -19.11 -6.95
C ALA B 160 -31.37 -19.58 -8.12
N LEU B 161 -32.45 -18.90 -8.44
CA LEU B 161 -33.28 -19.34 -9.54
C LEU B 161 -32.58 -19.07 -10.87
N ALA B 162 -31.79 -17.99 -10.93
CA ALA B 162 -31.05 -17.69 -12.15
C ALA B 162 -30.02 -18.76 -12.44
N GLN B 163 -29.28 -19.20 -11.43
CA GLN B 163 -28.35 -20.30 -11.61
C GLN B 163 -29.09 -21.58 -12.00
N GLU B 164 -30.25 -21.81 -11.40
CA GLU B 164 -31.05 -23.00 -11.73
C GLU B 164 -31.41 -23.04 -13.20
N LEU B 165 -31.72 -21.89 -13.79
CA LEU B 165 -32.14 -21.82 -15.18
C LEU B 165 -30.99 -21.59 -16.16
N GLY B 166 -29.75 -21.56 -15.68
CA GLY B 166 -28.61 -21.38 -16.56
C GLY B 166 -28.34 -19.96 -17.00
N LEU B 167 -28.95 -18.97 -16.36
CA LEU B 167 -28.75 -17.57 -16.71
C LEU B 167 -27.38 -17.12 -16.20
N THR B 168 -26.46 -16.84 -17.11
CA THR B 168 -25.13 -16.39 -16.75
C THR B 168 -24.82 -14.95 -17.12
N ASN B 169 -25.61 -14.34 -18.00
CA ASN B 169 -25.25 -13.04 -18.58
C ASN B 169 -26.28 -12.00 -18.16
N TRP B 170 -25.80 -10.91 -17.57
CA TRP B 170 -26.58 -9.74 -17.23
C TRP B 170 -25.59 -8.65 -16.85
N ASN B 171 -26.03 -7.40 -16.90
CA ASN B 171 -25.20 -6.29 -16.47
C ASN B 171 -24.97 -6.40 -14.96
N LYS B 172 -23.71 -6.61 -14.56
CA LYS B 172 -23.44 -6.86 -13.16
C LYS B 172 -23.38 -5.58 -12.33
N VAL B 173 -23.01 -4.44 -12.93
CA VAL B 173 -22.98 -3.16 -12.23
C VAL B 173 -23.92 -2.24 -12.98
N ALA B 174 -24.95 -1.74 -12.31
CA ALA B 174 -25.89 -0.81 -12.95
C ALA B 174 -25.58 0.69 -12.69
N SER B 175 -25.57 1.49 -13.75
CA SER B 175 -25.23 2.92 -13.68
C SER B 175 -26.31 3.96 -13.26
N CYS B 176 -27.57 3.56 -13.16
CA CYS B 176 -28.68 4.46 -12.76
C CYS B 176 -28.89 5.75 -13.60
N SER B 177 -29.55 6.75 -13.02
CA SER B 177 -29.85 8.00 -13.71
C SER B 177 -28.73 9.00 -13.50
N VAL B 178 -28.24 9.60 -14.58
CA VAL B 178 -27.16 10.56 -14.43
C VAL B 178 -27.55 11.74 -13.54
N SER B 179 -28.85 11.96 -13.31
CA SER B 179 -29.28 13.08 -12.48
C SER B 179 -28.74 12.98 -11.05
N SER B 180 -28.53 11.77 -10.55
CA SER B 180 -27.94 11.59 -9.22
C SER B 180 -26.58 12.27 -9.06
N ARG B 181 -25.85 12.53 -10.15
CA ARG B 181 -24.54 13.14 -10.08
C ARG B 181 -24.59 14.66 -9.99
N PHE B 182 -25.77 15.25 -10.02
CA PHE B 182 -25.89 16.70 -9.97
C PHE B 182 -26.56 17.15 -8.69
N PRO B 183 -26.15 18.28 -8.14
CA PRO B 183 -26.82 18.80 -6.95
C PRO B 183 -28.25 19.19 -7.28
N TYR B 184 -29.13 19.02 -6.29
CA TYR B 184 -30.49 19.51 -6.41
C TYR B 184 -30.47 21.00 -6.77
N GLY B 185 -31.29 21.38 -7.74
CA GLY B 185 -31.34 22.74 -8.22
C GLY B 185 -30.44 23.03 -9.40
N THR B 186 -29.43 22.20 -9.66
CA THR B 186 -28.61 22.36 -10.85
C THR B 186 -29.39 21.89 -12.07
N THR B 187 -29.40 22.71 -13.11
CA THR B 187 -30.10 22.38 -14.35
C THR B 187 -29.27 21.39 -15.17
N LEU B 188 -29.91 20.32 -15.63
CA LEU B 188 -29.24 19.36 -16.47
C LEU B 188 -29.26 19.85 -17.91
N THR B 189 -28.13 19.73 -18.59
CA THR B 189 -28.02 20.12 -19.99
C THR B 189 -27.42 18.97 -20.77
N HIS B 190 -27.58 19.00 -22.10
CA HIS B 190 -26.96 17.95 -22.90
C HIS B 190 -25.45 17.96 -22.74
N ASP B 191 -24.84 19.12 -22.51
CA ASP B 191 -23.38 19.16 -22.42
C ASP B 191 -22.88 18.71 -21.06
N ASN B 192 -23.49 19.17 -19.95
CA ASN B 192 -23.00 18.69 -18.65
C ASN B 192 -23.32 17.22 -18.43
N ILE B 193 -24.44 16.73 -18.98
CA ILE B 193 -24.71 15.30 -18.94
C ILE B 193 -23.62 14.53 -19.70
N ALA B 194 -23.35 14.93 -20.95
CA ALA B 194 -22.30 14.30 -21.73
C ALA B 194 -20.96 14.39 -21.02
N GLN B 195 -20.71 15.52 -20.36
CA GLN B 195 -19.47 15.69 -19.61
C GLN B 195 -19.34 14.64 -18.51
N VAL B 196 -20.38 14.48 -17.69
CA VAL B 196 -20.36 13.47 -16.63
C VAL B 196 -20.25 12.08 -17.21
N MET B 197 -20.99 11.80 -18.29
CA MET B 197 -21.01 10.44 -18.80
C MET B 197 -19.68 10.04 -19.43
N ALA B 198 -19.01 10.97 -20.10
CA ALA B 198 -17.69 10.62 -20.63
C ALA B 198 -16.70 10.39 -19.49
N ALA B 199 -16.78 11.19 -18.42
CA ALA B 199 -15.87 11.02 -17.29
C ALA B 199 -16.05 9.66 -16.64
N GLU B 200 -17.30 9.26 -16.39
CA GLU B 200 -17.54 7.95 -15.78
C GLU B 200 -17.16 6.82 -16.74
N LYS B 201 -17.41 7.01 -18.04
CA LYS B 201 -17.06 5.98 -19.00
C LYS B 201 -15.57 5.71 -19.02
N TYR B 202 -14.76 6.76 -18.89
CA TYR B 202 -13.31 6.60 -18.88
C TYR B 202 -12.85 5.86 -17.63
N LEU B 203 -13.39 6.25 -16.47
CA LEU B 203 -13.01 5.61 -15.21
C LEU B 203 -13.37 4.13 -15.23
N ARG B 204 -14.54 3.77 -15.77
CA ARG B 204 -14.86 2.35 -15.86
C ARG B 204 -13.91 1.63 -16.80
N SER B 205 -13.43 2.32 -17.84
CA SER B 205 -12.48 1.72 -18.77
C SER B 205 -11.15 1.37 -18.11
N LEU B 206 -10.81 2.05 -17.01
CA LEU B 206 -9.60 1.71 -16.27
C LEU B 206 -9.82 0.57 -15.26
N GLY B 207 -11.04 0.04 -15.16
CA GLY B 207 -11.28 -1.10 -14.31
C GLY B 207 -12.02 -0.76 -13.03
N PHE B 208 -12.82 0.30 -13.06
CA PHE B 208 -13.59 0.73 -11.89
C PHE B 208 -15.07 0.79 -12.29
N PRO B 209 -15.77 -0.35 -12.21
CA PRO B 209 -17.15 -0.39 -12.71
C PRO B 209 -18.13 0.36 -11.82
N THR B 210 -17.86 0.44 -10.52
CA THR B 210 -18.67 1.21 -9.59
C THR B 210 -17.96 2.53 -9.33
N VAL B 211 -18.49 3.61 -9.92
CA VAL B 211 -17.86 4.91 -9.82
C VAL B 211 -18.93 5.98 -10.00
N ARG B 212 -18.70 7.13 -9.41
CA ARG B 212 -19.51 8.31 -9.67
C ARG B 212 -18.59 9.50 -9.90
N VAL B 213 -18.91 10.30 -10.89
CA VAL B 213 -18.28 11.60 -11.09
C VAL B 213 -19.35 12.62 -10.76
N ARG B 214 -19.27 13.18 -9.56
CA ARG B 214 -20.25 14.14 -9.13
C ARG B 214 -19.85 15.52 -9.64
N PHE B 215 -20.84 16.25 -10.15
CA PHE B 215 -20.60 17.47 -10.90
C PHE B 215 -20.76 18.67 -9.96
N HIS B 216 -19.71 19.48 -9.86
CA HIS B 216 -19.73 20.71 -9.08
C HIS B 216 -19.16 21.84 -9.93
N ASN B 217 -19.79 22.04 -11.10
CA ASN B 217 -19.36 23.01 -12.10
C ASN B 217 -17.93 22.72 -12.56
N ASP B 218 -16.97 23.52 -12.12
CA ASP B 218 -15.59 23.34 -12.53
C ASP B 218 -14.85 22.31 -11.68
N ILE B 219 -15.52 21.72 -10.69
CA ILE B 219 -14.94 20.67 -9.85
C ILE B 219 -15.63 19.36 -10.17
N ALA B 220 -14.84 18.34 -10.48
CA ALA B 220 -15.30 16.96 -10.51
C ALA B 220 -14.95 16.32 -9.16
N ARG B 221 -15.94 15.70 -8.52
CA ARG B 221 -15.75 15.00 -7.25
C ARG B 221 -16.01 13.51 -7.50
N ILE B 222 -14.94 12.71 -7.47
CA ILE B 222 -15.03 11.30 -7.83
C ILE B 222 -15.28 10.48 -6.58
N GLU B 223 -16.33 9.65 -6.62
CA GLU B 223 -16.61 8.69 -5.56
C GLU B 223 -16.23 7.31 -6.05
N LEU B 224 -15.39 6.62 -5.29
CA LEU B 224 -14.96 5.26 -5.54
C LEU B 224 -15.21 4.42 -4.29
N PRO B 225 -15.46 3.13 -4.45
CA PRO B 225 -15.49 2.27 -3.26
C PRO B 225 -14.16 2.35 -2.54
N GLU B 226 -14.23 2.57 -1.22
CA GLU B 226 -13.02 2.83 -0.44
C GLU B 226 -11.98 1.73 -0.61
N ALA B 227 -12.43 0.49 -0.81
CA ALA B 227 -11.50 -0.62 -0.96
C ALA B 227 -10.71 -0.56 -2.26
N ARG B 228 -11.08 0.32 -3.19
CA ARG B 228 -10.39 0.46 -4.47
C ARG B 228 -9.49 1.69 -4.54
N ILE B 229 -9.58 2.60 -3.57
CA ILE B 229 -8.83 3.85 -3.67
C ILE B 229 -7.33 3.59 -3.65
N GLY B 230 -6.89 2.60 -2.86
CA GLY B 230 -5.48 2.24 -2.87
C GLY B 230 -4.99 1.89 -4.26
N ASP B 231 -5.79 1.10 -4.99
CA ASP B 231 -5.41 0.69 -6.34
C ASP B 231 -5.53 1.82 -7.35
N PHE B 232 -6.27 2.87 -7.01
CA PHE B 232 -6.54 3.94 -7.96
C PHE B 232 -5.35 4.86 -8.18
N LEU B 233 -4.42 4.94 -7.22
CA LEU B 233 -3.37 5.96 -7.24
C LEU B 233 -2.61 5.95 -8.56
N VAL B 234 -2.38 4.77 -9.12
CA VAL B 234 -1.64 4.65 -10.37
C VAL B 234 -2.32 5.38 -11.53
N PHE B 235 -3.59 5.78 -11.37
CA PHE B 235 -4.31 6.46 -12.45
C PHE B 235 -4.52 7.94 -12.20
N ASN B 236 -4.06 8.47 -11.05
CA ASN B 236 -4.29 9.87 -10.69
C ASN B 236 -4.02 10.82 -11.86
N ASP B 237 -2.80 10.79 -12.40
CA ASP B 237 -2.40 11.77 -13.40
C ASP B 237 -3.21 11.63 -14.70
N ARG B 238 -3.42 10.39 -15.18
CA ARG B 238 -4.21 10.22 -16.39
C ARG B 238 -5.66 10.63 -16.19
N VAL B 239 -6.23 10.33 -15.03
CA VAL B 239 -7.61 10.72 -14.74
C VAL B 239 -7.70 12.23 -14.62
N ASN B 240 -6.71 12.85 -13.98
CA ASN B 240 -6.70 14.31 -13.84
C ASN B 240 -6.73 14.98 -15.21
N ARG B 241 -5.82 14.58 -16.09
CA ARG B 241 -5.71 15.26 -17.38
C ARG B 241 -6.87 14.93 -18.32
N GLN B 242 -7.41 13.71 -18.23
CA GLN B 242 -8.52 13.35 -19.12
C GLN B 242 -9.79 14.09 -18.74
N LEU B 243 -10.11 14.16 -17.45
CA LEU B 243 -11.31 14.88 -17.02
C LEU B 243 -11.17 16.40 -17.18
N GLN B 244 -9.94 16.91 -17.20
CA GLN B 244 -9.77 18.33 -17.50
C GLN B 244 -10.06 18.63 -18.96
N SER B 245 -9.67 17.74 -19.87
CA SER B 245 -10.00 17.93 -21.27
C SER B 245 -11.49 17.78 -21.54
N LEU B 246 -12.22 17.11 -20.65
CA LEU B 246 -13.67 17.05 -20.72
C LEU B 246 -14.35 18.35 -20.28
N GLY B 247 -13.61 19.26 -19.64
CA GLY B 247 -14.15 20.54 -19.22
C GLY B 247 -14.03 20.86 -17.75
N PHE B 248 -13.67 19.90 -16.89
CA PHE B 248 -13.48 20.22 -15.48
C PHE B 248 -12.17 20.96 -15.27
N ARG B 249 -12.16 21.88 -14.31
CA ARG B 249 -10.90 22.55 -13.99
C ARG B 249 -10.17 21.85 -12.85
N TYR B 250 -10.89 21.37 -11.84
CA TYR B 250 -10.28 20.62 -10.75
C TYR B 250 -10.87 19.22 -10.73
N VAL B 251 -10.01 18.22 -10.64
CA VAL B 251 -10.41 16.82 -10.59
C VAL B 251 -10.02 16.28 -9.21
N THR B 252 -11.03 15.92 -8.43
CA THR B 252 -10.84 15.57 -7.04
C THR B 252 -11.43 14.20 -6.76
N LEU B 253 -10.98 13.61 -5.66
CA LEU B 253 -11.44 12.32 -5.19
C LEU B 253 -12.07 12.51 -3.82
N ASP B 254 -13.30 12.03 -3.64
CA ASP B 254 -13.99 12.19 -2.38
C ASP B 254 -13.40 11.23 -1.35
N LEU B 255 -12.96 11.77 -0.21
CA LEU B 255 -12.37 10.95 0.83
C LEU B 255 -13.39 10.07 1.54
N GLY B 256 -14.68 10.39 1.43
CA GLY B 256 -15.69 9.52 2.01
C GLY B 256 -15.89 8.24 1.22
N GLY B 257 -15.43 8.20 -0.03
CA GLY B 257 -15.63 7.03 -0.85
C GLY B 257 -17.01 7.00 -1.48
N PHE B 258 -17.33 5.86 -2.08
CA PHE B 258 -18.60 5.71 -2.78
C PHE B 258 -19.73 5.56 -1.77
N ARG B 259 -20.82 6.28 -2.02
CA ARG B 259 -21.93 6.45 -1.08
C ARG B 259 -21.43 7.13 0.20
N SER B 260 -21.08 8.41 0.02
CA SER B 260 -20.55 9.24 1.09
C SER B 260 -21.60 10.22 1.59
N ALA C 2 -31.45 -16.86 -39.71
CA ALA C 2 -32.24 -18.00 -39.27
C ALA C 2 -32.50 -17.92 -37.77
N THR C 3 -33.58 -18.55 -37.32
CA THR C 3 -33.86 -18.63 -35.91
C THR C 3 -32.83 -19.52 -35.21
N LEU C 4 -32.69 -19.30 -33.89
CA LEU C 4 -31.74 -20.11 -33.13
C LEU C 4 -32.12 -21.59 -33.17
N ALA C 5 -33.43 -21.89 -33.14
CA ALA C 5 -33.86 -23.28 -33.19
C ALA C 5 -33.41 -23.94 -34.49
N THR C 6 -33.43 -23.19 -35.59
CA THR C 6 -32.96 -23.74 -36.86
C THR C 6 -31.46 -23.99 -36.82
N LYS C 7 -30.69 -23.03 -36.31
CA LYS C 7 -29.26 -23.23 -36.16
C LYS C 7 -28.97 -24.41 -35.24
N LYS C 8 -29.78 -24.58 -34.19
CA LYS C 8 -29.63 -25.76 -33.33
C LYS C 8 -30.08 -27.01 -34.05
N ALA C 9 -31.20 -26.93 -34.73
CA ALA C 9 -31.77 -28.10 -35.32
C ALA C 9 -30.83 -28.66 -36.30
N THR C 10 -30.25 -27.80 -37.13
CA THR C 10 -29.30 -28.27 -38.14
C THR C 10 -28.09 -28.92 -37.46
N LEU C 11 -27.63 -28.34 -36.37
CA LEU C 11 -26.52 -28.87 -35.63
C LEU C 11 -26.81 -30.28 -35.14
N VAL C 12 -28.03 -30.55 -34.65
CA VAL C 12 -28.42 -31.89 -34.23
C VAL C 12 -28.42 -32.83 -35.42
N ALA C 13 -28.77 -32.32 -36.60
CA ALA C 13 -28.76 -33.14 -37.82
C ALA C 13 -27.33 -33.55 -38.18
N ALA C 14 -26.37 -32.62 -38.09
CA ALA C 14 -24.99 -32.95 -38.41
C ALA C 14 -24.44 -33.98 -37.44
N LEU C 15 -24.79 -33.85 -36.15
CA LEU C 15 -24.33 -34.82 -35.17
C LEU C 15 -24.97 -36.19 -35.38
N LYS C 16 -26.28 -36.21 -35.63
CA LYS C 16 -26.97 -37.48 -35.90
C LYS C 16 -26.34 -38.22 -37.07
N ASP C 17 -25.96 -37.48 -38.13
CA ASP C 17 -25.34 -38.12 -39.28
C ASP C 17 -23.94 -38.62 -38.97
N LEU C 18 -23.22 -37.93 -38.09
CA LEU C 18 -21.86 -38.35 -37.76
C LEU C 18 -21.85 -39.58 -36.87
N GLN C 19 -22.88 -39.75 -36.03
CA GLN C 19 -23.07 -40.94 -35.19
C GLN C 19 -22.07 -41.00 -34.05
N ARG C 20 -20.78 -40.92 -34.37
CA ARG C 20 -19.72 -40.97 -33.38
C ARG C 20 -18.70 -39.89 -33.70
N VAL C 21 -18.29 -39.12 -32.69
CA VAL C 21 -17.48 -37.94 -32.88
C VAL C 21 -16.40 -37.89 -31.81
N THR C 22 -15.26 -37.27 -32.17
CA THR C 22 -14.21 -36.89 -31.24
C THR C 22 -14.15 -35.37 -31.18
N VAL C 23 -14.12 -34.82 -29.96
CA VAL C 23 -14.24 -33.38 -29.74
C VAL C 23 -12.92 -32.83 -29.19
N ALA C 24 -12.34 -31.87 -29.92
CA ALA C 24 -11.21 -31.09 -29.41
C ALA C 24 -11.73 -30.12 -28.35
N PHE C 25 -11.41 -30.36 -27.09
CA PHE C 25 -12.01 -29.65 -25.97
C PHE C 25 -10.98 -28.75 -25.30
N SER C 26 -11.20 -27.43 -25.39
CA SER C 26 -10.33 -26.45 -24.74
C SER C 26 -10.86 -25.98 -23.38
N GLY C 27 -12.15 -26.13 -23.12
CA GLY C 27 -12.78 -25.61 -21.93
C GLY C 27 -13.47 -24.27 -22.11
N GLY C 28 -13.31 -23.64 -23.27
CA GLY C 28 -14.01 -22.40 -23.54
C GLY C 28 -15.48 -22.63 -23.84
N ILE C 29 -16.20 -21.51 -23.98
CA ILE C 29 -17.64 -21.56 -24.23
C ILE C 29 -17.95 -22.33 -25.50
N ASP C 30 -17.12 -22.18 -26.53
CA ASP C 30 -17.41 -22.80 -27.82
C ASP C 30 -17.30 -24.31 -27.78
N SER C 31 -16.16 -24.83 -27.31
CA SER C 31 -15.99 -26.28 -27.24
C SER C 31 -16.92 -26.91 -26.22
N THR C 32 -17.22 -26.19 -25.14
CA THR C 32 -18.19 -26.68 -24.17
C THR C 32 -19.57 -26.85 -24.81
N LEU C 33 -19.96 -25.90 -25.66
CA LEU C 33 -21.25 -26.02 -26.33
C LEU C 33 -21.28 -27.18 -27.29
N VAL C 34 -20.18 -27.38 -28.05
CA VAL C 34 -20.12 -28.49 -28.99
C VAL C 34 -20.15 -29.83 -28.27
N LEU C 35 -19.36 -29.94 -27.21
CA LEU C 35 -19.32 -31.20 -26.45
C LEU C 35 -20.67 -31.52 -25.84
N LYS C 36 -21.37 -30.50 -25.35
CA LYS C 36 -22.66 -30.75 -24.71
C LYS C 36 -23.72 -31.18 -25.72
N MET C 37 -23.70 -30.59 -26.92
CA MET C 37 -24.65 -31.01 -27.94
C MET C 37 -24.35 -32.42 -28.42
N ALA C 38 -23.07 -32.77 -28.51
CA ALA C 38 -22.71 -34.13 -28.90
C ALA C 38 -23.20 -35.14 -27.88
N LEU C 39 -23.01 -34.86 -26.59
CA LEU C 39 -23.52 -35.75 -25.55
C LEU C 39 -25.05 -35.85 -25.61
N ASP C 40 -25.72 -34.72 -25.81
CA ASP C 40 -27.18 -34.72 -25.85
C ASP C 40 -27.70 -35.50 -27.05
N VAL C 41 -27.06 -35.33 -28.21
CA VAL C 41 -27.60 -35.94 -29.43
C VAL C 41 -27.18 -37.40 -29.56
N LEU C 42 -25.94 -37.73 -29.18
CA LEU C 42 -25.41 -39.06 -29.45
C LEU C 42 -25.20 -39.93 -28.21
N GLY C 43 -25.20 -39.34 -27.01
CA GLY C 43 -24.96 -40.12 -25.81
C GLY C 43 -23.49 -40.24 -25.46
N ARG C 44 -23.24 -40.56 -24.19
CA ARG C 44 -21.87 -40.56 -23.67
C ARG C 44 -21.00 -41.60 -24.38
N ASP C 45 -21.58 -42.73 -24.76
CA ASP C 45 -20.77 -43.82 -25.31
C ASP C 45 -20.29 -43.54 -26.74
N ASN C 46 -20.79 -42.48 -27.37
CA ASN C 46 -20.43 -42.17 -28.75
C ASN C 46 -19.69 -40.85 -28.87
N VAL C 47 -19.24 -40.27 -27.76
CA VAL C 47 -18.52 -39.01 -27.76
C VAL C 47 -17.23 -39.18 -26.97
N THR C 48 -16.13 -38.69 -27.52
CA THR C 48 -14.84 -38.68 -26.84
C THR C 48 -14.28 -37.27 -26.86
N ALA C 49 -14.02 -36.74 -25.67
CA ALA C 49 -13.44 -35.41 -25.50
C ALA C 49 -11.93 -35.54 -25.34
N VAL C 50 -11.18 -34.80 -26.15
CA VAL C 50 -9.73 -34.81 -26.12
C VAL C 50 -9.22 -33.45 -25.67
N VAL C 51 -8.39 -33.44 -24.63
CA VAL C 51 -7.71 -32.24 -24.16
C VAL C 51 -6.21 -32.41 -24.40
N ALA C 52 -5.58 -31.41 -25.00
CA ALA C 52 -4.16 -31.45 -25.33
C ALA C 52 -3.32 -30.96 -24.16
N ASN C 53 -2.26 -31.71 -23.86
CA ASN C 53 -1.25 -31.33 -22.87
C ASN C 53 0.08 -31.15 -23.58
N SER C 54 0.81 -30.09 -23.24
CA SER C 54 2.09 -29.81 -23.88
C SER C 54 2.95 -28.92 -22.99
N GLU C 55 4.19 -28.68 -23.43
CA GLU C 55 5.12 -27.82 -22.69
C GLU C 55 4.72 -26.36 -22.75
N LEU C 56 3.91 -25.96 -23.73
CA LEU C 56 3.58 -24.55 -23.92
C LEU C 56 2.31 -24.14 -23.19
N PHE C 57 1.66 -25.05 -22.48
CA PHE C 57 0.49 -24.70 -21.70
C PHE C 57 0.62 -25.27 -20.29
N THR C 58 0.00 -24.56 -19.35
CA THR C 58 0.12 -24.89 -17.94
C THR C 58 -0.62 -26.17 -17.58
N ASP C 59 -0.08 -26.88 -16.60
CA ASP C 59 -0.79 -28.02 -16.02
C ASP C 59 -2.15 -27.62 -15.47
N GLU C 60 -2.27 -26.39 -14.93
CA GLU C 60 -3.53 -25.95 -14.35
C GLU C 60 -4.62 -25.82 -15.41
N GLU C 61 -4.29 -25.24 -16.56
CA GLU C 61 -5.27 -25.12 -17.64
C GLU C 61 -5.68 -26.49 -18.15
N PHE C 62 -4.74 -27.43 -18.20
CA PHE C 62 -5.05 -28.78 -18.65
C PHE C 62 -6.00 -29.48 -17.69
N ASP C 63 -5.71 -29.42 -16.39
CA ASP C 63 -6.56 -30.06 -15.39
C ASP C 63 -7.97 -29.48 -15.40
N LYS C 64 -8.10 -28.17 -15.57
CA LYS C 64 -9.42 -27.55 -15.58
C LYS C 64 -10.24 -28.04 -16.76
N ALA C 65 -9.62 -28.13 -17.94
CA ALA C 65 -10.36 -28.58 -19.12
C ALA C 65 -10.80 -30.03 -18.98
N MET C 66 -9.92 -30.89 -18.45
CA MET C 66 -10.28 -32.29 -18.25
C MET C 66 -11.44 -32.42 -17.26
N SER C 67 -11.39 -31.63 -16.19
CA SER C 67 -12.43 -31.71 -15.18
C SER C 67 -13.74 -31.15 -15.69
N LEU C 68 -13.68 -30.13 -16.56
CA LEU C 68 -14.92 -29.58 -17.12
C LEU C 68 -15.59 -30.57 -18.05
N ALA C 69 -14.80 -31.26 -18.88
CA ALA C 69 -15.37 -32.28 -19.76
C ALA C 69 -15.92 -33.43 -18.93
N GLU C 70 -15.23 -33.78 -17.84
CA GLU C 70 -15.73 -34.78 -16.93
C GLU C 70 -17.01 -34.31 -16.26
N GLU C 71 -17.08 -33.02 -15.91
CA GLU C 71 -18.26 -32.49 -15.23
C GLU C 71 -19.48 -32.44 -16.14
N LEU C 72 -19.27 -32.33 -17.46
CA LEU C 72 -20.38 -32.35 -18.41
C LEU C 72 -20.86 -33.76 -18.70
N GLY C 73 -20.22 -34.79 -18.13
CA GLY C 73 -20.64 -36.15 -18.38
C GLY C 73 -20.01 -36.78 -19.60
N ALA C 74 -18.88 -36.26 -20.07
CA ALA C 74 -18.22 -36.80 -21.24
C ALA C 74 -17.08 -37.74 -20.84
N ASN C 75 -16.85 -38.76 -21.67
CA ASN C 75 -15.60 -39.50 -21.58
C ASN C 75 -14.50 -38.63 -22.14
N VAL C 76 -13.51 -38.28 -21.31
CA VAL C 76 -12.49 -37.32 -21.70
C VAL C 76 -11.14 -38.03 -21.71
N GLN C 77 -10.29 -37.62 -22.66
CA GLN C 77 -9.00 -38.27 -22.90
C GLN C 77 -7.93 -37.21 -23.06
N GLY C 78 -6.88 -37.29 -22.24
CA GLY C 78 -5.73 -36.41 -22.41
C GLY C 78 -4.77 -36.96 -23.46
N THR C 79 -4.18 -36.04 -24.23
CA THR C 79 -3.16 -36.40 -25.20
C THR C 79 -2.03 -35.40 -25.12
N THR C 80 -0.80 -35.89 -25.23
CA THR C 80 0.39 -35.07 -25.07
C THR C 80 1.06 -34.84 -26.42
N LEU C 81 1.37 -33.58 -26.70
CA LEU C 81 2.01 -33.17 -27.94
C LEU C 81 3.40 -32.63 -27.65
N ASP C 82 4.37 -33.03 -28.47
CA ASP C 82 5.74 -32.51 -28.36
C ASP C 82 5.90 -31.43 -29.43
N TYR C 83 5.44 -30.23 -29.09
CA TYR C 83 5.49 -29.12 -30.05
C TYR C 83 6.92 -28.74 -30.39
N LEU C 84 7.85 -28.86 -29.44
CA LEU C 84 9.23 -28.47 -29.69
C LEU C 84 9.95 -29.38 -30.68
N SER C 85 9.36 -30.52 -31.06
CA SER C 85 9.98 -31.33 -32.09
C SER C 85 9.80 -30.71 -33.48
N ASP C 86 8.88 -29.78 -33.63
CA ASP C 86 8.71 -29.04 -34.87
C ASP C 86 9.59 -27.80 -34.84
N ASP C 87 10.43 -27.65 -35.86
CA ASP C 87 11.39 -26.55 -35.89
C ASP C 87 10.70 -25.19 -35.93
N HIS C 88 9.53 -25.11 -36.56
CA HIS C 88 8.80 -23.85 -36.64
C HIS C 88 8.40 -23.36 -35.25
N ILE C 89 7.94 -24.27 -34.38
CA ILE C 89 7.61 -23.90 -33.02
C ILE C 89 8.88 -23.66 -32.20
N LYS C 90 9.89 -24.51 -32.39
CA LYS C 90 11.12 -24.40 -31.60
C LYS C 90 11.80 -23.05 -31.81
N ASN C 91 11.76 -22.52 -33.03
CA ASN C 91 12.43 -21.27 -33.34
C ASN C 91 11.51 -20.07 -33.24
N ASN C 92 10.32 -20.23 -32.65
CA ASN C 92 9.37 -19.15 -32.37
C ASN C 92 9.22 -18.21 -33.55
N THR C 93 8.89 -18.77 -34.70
CA THR C 93 8.53 -17.99 -35.87
C THR C 93 7.07 -17.56 -35.81
N PRO C 94 6.69 -16.55 -36.60
CA PRO C 94 5.29 -16.09 -36.54
C PRO C 94 4.28 -17.12 -37.00
N ASP C 95 4.68 -18.10 -37.81
CA ASP C 95 3.76 -19.16 -38.21
C ASP C 95 3.86 -20.40 -37.33
N SER C 96 4.55 -20.32 -36.19
CA SER C 96 4.62 -21.45 -35.27
C SER C 96 3.23 -21.90 -34.83
N TRP C 97 2.29 -20.96 -34.71
CA TRP C 97 0.92 -21.30 -34.33
C TRP C 97 0.32 -22.29 -35.33
N TYR C 98 0.59 -22.11 -36.62
CA TYR C 98 -0.06 -22.95 -37.63
C TYR C 98 0.48 -24.38 -37.56
N TYR C 99 1.78 -24.54 -37.33
CA TYR C 99 2.33 -25.89 -37.22
C TYR C 99 1.90 -26.55 -35.91
N ALA C 100 1.67 -25.76 -34.86
CA ALA C 100 1.13 -26.33 -33.63
C ALA C 100 -0.29 -26.85 -33.85
N LYS C 101 -1.15 -26.03 -34.47
CA LYS C 101 -2.51 -26.48 -34.77
C LYS C 101 -2.48 -27.66 -35.73
N LYS C 102 -1.53 -27.66 -36.66
CA LYS C 102 -1.38 -28.79 -37.58
C LYS C 102 -1.08 -30.06 -36.82
N MET C 103 -0.10 -30.01 -35.91
CA MET C 103 0.30 -31.19 -35.16
C MET C 103 -0.82 -31.68 -34.25
N PHE C 104 -1.55 -30.76 -33.64
CA PHE C 104 -2.69 -31.13 -32.80
C PHE C 104 -3.78 -31.81 -33.63
N TYR C 105 -4.19 -31.19 -34.74
CA TYR C 105 -5.27 -31.78 -35.54
C TYR C 105 -4.86 -33.10 -36.15
N SER C 106 -3.57 -33.28 -36.46
CA SER C 106 -3.12 -34.57 -36.95
C SER C 106 -3.26 -35.65 -35.88
N ARG C 107 -3.00 -35.30 -34.63
CA ARG C 107 -3.11 -36.28 -33.55
C ARG C 107 -4.57 -36.55 -33.21
N LEU C 108 -5.43 -35.55 -33.39
CA LEU C 108 -6.86 -35.75 -33.22
C LEU C 108 -7.40 -36.75 -34.23
N ASN C 109 -6.93 -36.69 -35.48
CA ASN C 109 -7.39 -37.64 -36.48
C ASN C 109 -6.96 -39.06 -36.14
N ASP C 110 -5.75 -39.22 -35.58
CA ASP C 110 -5.33 -40.54 -35.12
C ASP C 110 -6.25 -41.06 -34.03
N ILE C 111 -6.61 -40.21 -33.07
CA ILE C 111 -7.51 -40.60 -32.00
C ILE C 111 -8.87 -41.01 -32.57
N ALA C 112 -9.37 -40.24 -33.54
CA ALA C 112 -10.68 -40.54 -34.12
C ALA C 112 -10.65 -41.83 -34.93
N ALA C 113 -9.52 -42.11 -35.60
CA ALA C 113 -9.45 -43.35 -36.37
C ALA C 113 -9.51 -44.58 -35.47
N ASN C 114 -8.92 -44.50 -34.28
CA ASN C 114 -8.83 -45.66 -33.41
C ASN C 114 -10.02 -45.82 -32.47
N ASN C 115 -10.91 -44.83 -32.41
CA ASN C 115 -12.14 -44.97 -31.62
C ASN C 115 -13.38 -45.07 -32.51
N GLY C 116 -13.20 -45.06 -33.83
CA GLY C 116 -14.32 -45.15 -34.76
C GLY C 116 -15.13 -43.89 -34.93
N SER C 117 -14.59 -42.74 -34.56
CA SER C 117 -15.31 -41.50 -34.80
C SER C 117 -15.37 -41.19 -36.30
N ALA C 118 -16.50 -40.63 -36.72
CA ALA C 118 -16.67 -40.26 -38.12
C ALA C 118 -16.08 -38.90 -38.45
N ALA C 119 -15.84 -38.06 -37.45
CA ALA C 119 -15.27 -36.74 -37.68
C ALA C 119 -14.66 -36.22 -36.39
N VAL C 120 -13.79 -35.22 -36.54
CA VAL C 120 -13.28 -34.43 -35.43
C VAL C 120 -14.03 -33.10 -35.41
N LEU C 121 -14.45 -32.68 -34.22
CA LEU C 121 -15.16 -31.42 -34.06
C LEU C 121 -14.36 -30.48 -33.18
N ASP C 122 -14.34 -29.20 -33.56
CA ASP C 122 -13.72 -28.14 -32.80
C ASP C 122 -14.77 -27.05 -32.55
N GLY C 123 -14.38 -26.04 -31.79
CA GLY C 123 -15.27 -24.97 -31.38
C GLY C 123 -15.33 -23.73 -32.25
N MET C 124 -14.74 -23.76 -33.44
CA MET C 124 -14.70 -22.56 -34.27
C MET C 124 -16.11 -22.15 -34.71
N ILE C 125 -16.32 -20.83 -34.81
CA ILE C 125 -17.62 -20.26 -35.11
C ILE C 125 -17.48 -19.32 -36.30
N LYS C 126 -18.63 -18.85 -36.79
CA LYS C 126 -18.69 -18.03 -38.01
C LYS C 126 -18.04 -16.67 -37.80
N ALA C 138 -5.40 -25.29 -41.45
CA ALA C 138 -4.99 -26.45 -40.66
C ALA C 138 -6.20 -27.22 -40.16
N ARG C 139 -7.29 -26.51 -39.88
CA ARG C 139 -8.52 -27.18 -39.44
C ARG C 139 -9.18 -27.93 -40.60
N SER C 140 -9.00 -27.44 -41.82
CA SER C 140 -9.53 -28.12 -42.99
C SER C 140 -8.50 -29.00 -43.70
N GLU C 141 -7.21 -28.74 -43.53
CA GLU C 141 -6.20 -29.68 -44.00
C GLU C 141 -6.31 -31.03 -43.30
N ALA C 142 -6.95 -31.07 -42.14
CA ALA C 142 -7.15 -32.30 -41.39
C ALA C 142 -8.56 -32.86 -41.50
N GLY C 143 -9.47 -32.15 -42.17
CA GLY C 143 -10.84 -32.61 -42.26
C GLY C 143 -11.62 -32.53 -40.97
N ALA C 144 -11.09 -31.82 -39.96
CA ALA C 144 -11.87 -31.54 -38.77
C ALA C 144 -12.99 -30.55 -39.11
N ARG C 145 -14.08 -30.61 -38.35
CA ARG C 145 -15.29 -29.89 -38.71
C ARG C 145 -15.69 -28.94 -37.59
N SER C 146 -16.01 -27.71 -37.96
CA SER C 146 -16.59 -26.73 -37.06
C SER C 146 -18.10 -26.76 -37.29
N LEU C 147 -18.82 -27.50 -36.44
CA LEU C 147 -20.26 -27.62 -36.61
C LEU C 147 -20.98 -26.32 -36.28
N LEU C 148 -20.49 -25.56 -35.29
CA LEU C 148 -21.09 -24.27 -34.98
C LEU C 148 -21.01 -23.34 -36.17
N GLN C 149 -19.88 -23.34 -36.87
CA GLN C 149 -19.69 -22.44 -37.99
C GLN C 149 -20.47 -22.90 -39.24
N GLU C 150 -20.70 -24.20 -39.38
CA GLU C 150 -21.57 -24.67 -40.45
C GLU C 150 -23.02 -24.28 -40.20
N ALA C 151 -23.45 -24.29 -38.95
CA ALA C 151 -24.81 -23.90 -38.59
C ALA C 151 -24.98 -22.40 -38.42
N ASP C 152 -23.99 -21.61 -38.82
CA ASP C 152 -24.06 -20.15 -38.81
C ASP C 152 -24.24 -19.60 -37.39
N PHE C 153 -23.53 -20.18 -36.44
CA PHE C 153 -23.55 -19.70 -35.07
C PHE C 153 -22.63 -18.50 -34.91
N PHE C 154 -23.15 -17.42 -34.32
CA PHE C 154 -22.32 -16.31 -33.90
C PHE C 154 -22.08 -16.39 -32.39
N LYS C 155 -21.26 -15.47 -31.88
CA LYS C 155 -20.96 -15.47 -30.45
C LYS C 155 -22.23 -15.32 -29.61
N THR C 156 -23.15 -14.45 -30.03
CA THR C 156 -24.40 -14.30 -29.30
C THR C 156 -25.27 -15.55 -29.42
N ASP C 157 -25.16 -16.26 -30.55
CA ASP C 157 -25.90 -17.51 -30.69
C ASP C 157 -25.31 -18.60 -29.78
N VAL C 158 -23.99 -18.57 -29.56
CA VAL C 158 -23.37 -19.57 -28.71
C VAL C 158 -23.78 -19.37 -27.26
N ARG C 159 -23.79 -18.13 -26.79
CA ARG C 159 -24.23 -17.86 -25.42
C ARG C 159 -25.73 -18.10 -25.27
N ALA C 160 -26.50 -17.83 -26.32
CA ALA C 160 -27.94 -18.05 -26.24
C ALA C 160 -28.25 -19.54 -26.07
N LEU C 161 -27.54 -20.39 -26.82
CA LEU C 161 -27.79 -21.82 -26.73
C LEU C 161 -27.20 -22.41 -25.46
N ALA C 162 -26.07 -21.87 -24.98
CA ALA C 162 -25.49 -22.35 -23.73
C ALA C 162 -26.40 -22.05 -22.55
N GLN C 163 -26.95 -20.84 -22.50
CA GLN C 163 -27.93 -20.52 -21.47
C GLN C 163 -29.16 -21.42 -21.58
N GLU C 164 -29.60 -21.68 -22.81
CA GLU C 164 -30.75 -22.56 -23.03
C GLU C 164 -30.50 -23.95 -22.43
N LEU C 165 -29.27 -24.44 -22.54
CA LEU C 165 -28.93 -25.77 -22.07
C LEU C 165 -28.45 -25.80 -20.62
N GLY C 166 -28.49 -24.66 -19.92
CA GLY C 166 -28.09 -24.63 -18.53
C GLY C 166 -26.60 -24.60 -18.28
N LEU C 167 -25.79 -24.36 -19.30
CA LEU C 167 -24.34 -24.32 -19.11
C LEU C 167 -23.94 -23.03 -18.42
N THR C 168 -23.47 -23.15 -17.18
CA THR C 168 -23.02 -22.01 -16.41
C THR C 168 -21.51 -21.99 -16.22
N ASN C 169 -20.84 -23.11 -16.49
CA ASN C 169 -19.43 -23.29 -16.17
C ASN C 169 -18.63 -23.49 -17.45
N TRP C 170 -17.57 -22.69 -17.61
CA TRP C 170 -16.60 -22.86 -18.69
C TRP C 170 -15.42 -21.97 -18.35
N ASN C 171 -14.26 -22.27 -18.93
CA ASN C 171 -13.10 -21.42 -18.74
C ASN C 171 -13.38 -20.08 -19.42
N LYS C 172 -13.50 -19.01 -18.61
CA LYS C 172 -13.94 -17.73 -19.15
C LYS C 172 -12.82 -16.96 -19.85
N VAL C 173 -11.57 -17.23 -19.50
CA VAL C 173 -10.41 -16.58 -20.09
C VAL C 173 -9.54 -17.63 -20.74
N ALA C 174 -9.40 -17.56 -22.07
CA ALA C 174 -8.52 -18.49 -22.75
C ALA C 174 -7.08 -18.07 -22.50
N SER C 175 -6.29 -18.99 -21.95
CA SER C 175 -4.88 -18.71 -21.73
C SER C 175 -4.10 -18.87 -23.03
N CYS C 176 -2.95 -18.24 -23.09
CA CYS C 176 -2.13 -18.24 -24.28
C CYS C 176 -1.03 -19.29 -24.22
N SER C 177 -0.34 -19.43 -25.36
CA SER C 177 0.86 -20.24 -25.44
C SER C 177 2.03 -19.50 -24.80
N VAL C 178 2.89 -20.24 -24.09
CA VAL C 178 4.04 -19.63 -23.43
C VAL C 178 5.01 -19.01 -24.42
N SER C 179 4.95 -19.40 -25.71
CA SER C 179 5.83 -18.80 -26.71
C SER C 179 5.65 -17.30 -26.72
N SER C 180 4.45 -16.82 -26.32
CA SER C 180 4.09 -15.41 -26.14
C SER C 180 5.07 -14.65 -25.27
N ARG C 181 5.74 -15.33 -24.36
CA ARG C 181 6.66 -14.67 -23.45
C ARG C 181 8.07 -14.51 -23.99
N PHE C 182 8.34 -15.00 -25.19
CA PHE C 182 9.64 -14.91 -25.82
C PHE C 182 9.53 -14.10 -27.11
N PRO C 183 10.53 -13.29 -27.45
CA PRO C 183 10.49 -12.59 -28.73
C PRO C 183 10.57 -13.56 -29.90
N TYR C 184 9.94 -13.17 -31.02
CA TYR C 184 10.12 -13.93 -32.25
C TYR C 184 11.59 -14.10 -32.57
N GLY C 185 11.97 -15.31 -32.94
CA GLY C 185 13.34 -15.64 -33.23
C GLY C 185 14.11 -16.22 -32.06
N THR C 186 13.63 -16.01 -30.82
CA THR C 186 14.28 -16.63 -29.68
C THR C 186 13.98 -18.12 -29.69
N THR C 187 15.02 -18.93 -29.53
CA THR C 187 14.86 -20.37 -29.57
C THR C 187 14.23 -20.84 -28.27
N LEU C 188 13.16 -21.62 -28.38
CA LEU C 188 12.51 -22.17 -27.19
C LEU C 188 13.24 -23.42 -26.76
N THR C 189 13.49 -23.53 -25.46
CA THR C 189 14.15 -24.70 -24.88
C THR C 189 13.33 -25.19 -23.70
N HIS C 190 13.56 -26.44 -23.30
CA HIS C 190 12.87 -26.96 -22.13
C HIS C 190 13.17 -26.15 -20.88
N ASP C 191 14.37 -25.54 -20.80
CA ASP C 191 14.74 -24.84 -19.59
C ASP C 191 14.13 -23.44 -19.52
N ASN C 192 14.20 -22.68 -20.62
CA ASN C 192 13.61 -21.34 -20.57
C ASN C 192 12.09 -21.40 -20.50
N ILE C 193 11.47 -22.40 -21.14
CA ILE C 193 10.03 -22.58 -21.00
C ILE C 193 9.67 -22.91 -19.55
N ALA C 194 10.36 -23.90 -18.97
CA ALA C 194 10.10 -24.26 -17.58
C ALA C 194 10.33 -23.09 -16.64
N GLN C 195 11.36 -22.29 -16.92
CA GLN C 195 11.66 -21.13 -16.09
C GLN C 195 10.50 -20.15 -16.08
N VAL C 196 10.00 -19.78 -17.27
CA VAL C 196 8.87 -18.85 -17.36
C VAL C 196 7.64 -19.44 -16.70
N MET C 197 7.37 -20.74 -16.92
CA MET C 197 6.14 -21.33 -16.41
C MET C 197 6.14 -21.44 -14.89
N ALA C 198 7.28 -21.76 -14.30
CA ALA C 198 7.36 -21.81 -12.84
C ALA C 198 7.16 -20.41 -12.26
N ALA C 199 7.76 -19.40 -12.89
CA ALA C 199 7.62 -18.03 -12.41
C ALA C 199 6.15 -17.56 -12.46
N GLU C 200 5.47 -17.81 -13.58
CA GLU C 200 4.07 -17.41 -13.68
C GLU C 200 3.21 -18.20 -12.72
N LYS C 201 3.52 -19.49 -12.56
CA LYS C 201 2.76 -20.32 -11.62
C LYS C 201 2.92 -19.80 -10.20
N TYR C 202 4.13 -19.31 -9.86
CA TYR C 202 4.32 -18.77 -8.52
C TYR C 202 3.55 -17.46 -8.34
N LEU C 203 3.60 -16.58 -9.34
CA LEU C 203 2.89 -15.30 -9.25
C LEU C 203 1.39 -15.49 -9.15
N ARG C 204 0.83 -16.41 -9.95
CA ARG C 204 -0.60 -16.68 -9.85
C ARG C 204 -0.97 -17.23 -8.49
N SER C 205 -0.06 -18.00 -7.88
CA SER C 205 -0.31 -18.54 -6.55
C SER C 205 -0.46 -17.45 -5.51
N LEU C 206 0.10 -16.27 -5.76
CA LEU C 206 -0.06 -15.16 -4.82
C LEU C 206 -1.36 -14.40 -5.03
N GLY C 207 -2.15 -14.75 -6.03
CA GLY C 207 -3.44 -14.10 -6.19
C GLY C 207 -3.47 -13.13 -7.36
N PHE C 208 -2.65 -13.39 -8.37
CA PHE C 208 -2.59 -12.57 -9.59
C PHE C 208 -2.86 -13.47 -10.78
N PRO C 209 -4.13 -13.69 -11.12
CA PRO C 209 -4.44 -14.66 -12.18
C PRO C 209 -4.06 -14.20 -13.57
N THR C 210 -4.04 -12.89 -13.81
CA THR C 210 -3.59 -12.33 -15.08
C THR C 210 -2.19 -11.79 -14.89
N VAL C 211 -1.19 -12.49 -15.44
CA VAL C 211 0.21 -12.11 -15.25
C VAL C 211 1.03 -12.65 -16.41
N ARG C 212 2.08 -11.93 -16.74
CA ARG C 212 3.00 -12.34 -17.80
C ARG C 212 4.46 -12.18 -17.36
N VAL C 213 5.28 -13.19 -17.62
CA VAL C 213 6.69 -13.13 -17.29
C VAL C 213 7.38 -13.16 -18.65
N ARG C 214 7.73 -11.99 -19.17
CA ARG C 214 8.31 -11.93 -20.49
C ARG C 214 9.80 -12.16 -20.35
N PHE C 215 10.36 -12.97 -21.24
CA PHE C 215 11.71 -13.48 -21.08
C PHE C 215 12.68 -12.60 -21.86
N HIS C 216 13.67 -12.06 -21.15
CA HIS C 216 14.72 -11.24 -21.77
C HIS C 216 16.08 -11.74 -21.27
N ASN C 217 16.34 -13.02 -21.52
CA ASN C 217 17.56 -13.71 -21.12
C ASN C 217 17.74 -13.67 -19.61
N ASP C 218 18.66 -12.84 -19.13
CA ASP C 218 18.92 -12.75 -17.69
C ASP C 218 17.97 -11.79 -16.98
N ILE C 219 17.06 -11.14 -17.71
CA ILE C 219 16.07 -10.25 -17.13
C ILE C 219 14.69 -10.89 -17.29
N ALA C 220 13.96 -10.97 -16.18
CA ALA C 220 12.53 -11.26 -16.19
C ALA C 220 11.78 -9.94 -16.07
N ARG C 221 10.85 -9.69 -16.99
CA ARG C 221 10.04 -8.48 -16.99
C ARG C 221 8.59 -8.88 -16.74
N ILE C 222 8.06 -8.53 -15.58
CA ILE C 222 6.74 -8.95 -15.15
C ILE C 222 5.71 -7.93 -15.61
N GLU C 223 4.68 -8.39 -16.30
CA GLU C 223 3.54 -7.57 -16.68
C GLU C 223 2.35 -7.93 -15.79
N LEU C 224 1.81 -6.93 -15.11
CA LEU C 224 0.63 -7.04 -14.28
C LEU C 224 -0.37 -5.97 -14.70
N PRO C 225 -1.67 -6.24 -14.58
CA PRO C 225 -2.64 -5.16 -14.76
C PRO C 225 -2.33 -4.03 -13.80
N GLU C 226 -2.31 -2.80 -14.33
CA GLU C 226 -1.91 -1.66 -13.54
C GLU C 226 -2.72 -1.54 -12.26
N ALA C 227 -3.99 -1.96 -12.30
CA ALA C 227 -4.86 -1.87 -11.13
C ALA C 227 -4.47 -2.83 -10.01
N ARG C 228 -3.58 -3.81 -10.27
CA ARG C 228 -3.14 -4.72 -9.23
C ARG C 228 -1.74 -4.46 -8.73
N ILE C 229 -1.01 -3.53 -9.34
CA ILE C 229 0.39 -3.35 -8.99
C ILE C 229 0.53 -2.87 -7.55
N GLY C 230 -0.38 -2.00 -7.11
CA GLY C 230 -0.38 -1.58 -5.72
C GLY C 230 -0.48 -2.76 -4.77
N ASP C 231 -1.32 -3.73 -5.11
CA ASP C 231 -1.52 -4.89 -4.27
C ASP C 231 -0.31 -5.83 -4.25
N PHE C 232 0.59 -5.67 -5.22
CA PHE C 232 1.75 -6.54 -5.39
C PHE C 232 2.89 -6.22 -4.43
N LEU C 233 2.94 -5.00 -3.90
CA LEU C 233 4.13 -4.51 -3.19
C LEU C 233 4.58 -5.45 -2.08
N VAL C 234 3.63 -6.06 -1.36
CA VAL C 234 3.95 -6.93 -0.25
C VAL C 234 4.74 -8.18 -0.65
N PHE C 235 4.80 -8.50 -1.95
CA PHE C 235 5.46 -9.71 -2.43
C PHE C 235 6.80 -9.45 -3.11
N ASN C 236 7.21 -8.18 -3.24
CA ASN C 236 8.42 -7.82 -3.97
C ASN C 236 9.61 -8.72 -3.66
N ASP C 237 9.98 -8.80 -2.37
CA ASP C 237 11.18 -9.55 -2.00
C ASP C 237 11.02 -11.04 -2.30
N ARG C 238 9.86 -11.61 -1.98
CA ARG C 238 9.65 -13.03 -2.23
C ARG C 238 9.63 -13.33 -3.72
N VAL C 239 9.03 -12.46 -4.53
CA VAL C 239 9.04 -12.68 -5.97
C VAL C 239 10.45 -12.51 -6.53
N ASN C 240 11.20 -11.51 -6.03
CA ASN C 240 12.56 -11.29 -6.49
C ASN C 240 13.42 -12.54 -6.27
N ARG C 241 13.42 -13.07 -5.04
CA ARG C 241 14.30 -14.19 -4.72
C ARG C 241 13.83 -15.50 -5.36
N GLN C 242 12.51 -15.66 -5.53
CA GLN C 242 12.01 -16.90 -6.11
C GLN C 242 12.37 -17.00 -7.59
N LEU C 243 12.18 -15.91 -8.34
CA LEU C 243 12.52 -15.94 -9.75
C LEU C 243 14.02 -15.95 -9.98
N GLN C 244 14.83 -15.49 -9.03
CA GLN C 244 16.28 -15.63 -9.17
C GLN C 244 16.69 -17.09 -9.00
N SER C 245 16.04 -17.81 -8.09
CA SER C 245 16.31 -19.25 -7.96
C SER C 245 15.83 -20.02 -9.18
N LEU C 246 14.90 -19.45 -9.95
CA LEU C 246 14.52 -20.04 -11.23
C LEU C 246 15.58 -19.81 -12.30
N GLY C 247 16.55 -18.93 -12.08
CA GLY C 247 17.63 -18.69 -13.03
C GLY C 247 17.76 -17.27 -13.51
N PHE C 248 16.80 -16.39 -13.25
CA PHE C 248 16.93 -15.01 -13.68
C PHE C 248 17.94 -14.28 -12.81
N ARG C 249 18.63 -13.31 -13.41
CA ARG C 249 19.54 -12.46 -12.66
C ARG C 249 18.85 -11.23 -12.11
N TYR C 250 18.01 -10.59 -12.91
CA TYR C 250 17.26 -9.41 -12.51
C TYR C 250 15.78 -9.70 -12.64
N VAL C 251 15.02 -9.37 -11.60
CA VAL C 251 13.57 -9.56 -11.58
C VAL C 251 12.93 -8.18 -11.56
N THR C 252 12.22 -7.84 -12.62
CA THR C 252 11.71 -6.48 -12.80
C THR C 252 10.21 -6.51 -13.04
N LEU C 253 9.60 -5.35 -12.81
CA LEU C 253 8.18 -5.14 -13.01
C LEU C 253 8.01 -4.05 -14.06
N ASP C 254 7.22 -4.33 -15.09
CA ASP C 254 7.00 -3.36 -16.15
C ASP C 254 6.07 -2.26 -15.68
N LEU C 255 6.53 -1.01 -15.79
CA LEU C 255 5.72 0.12 -15.37
C LEU C 255 4.55 0.38 -16.31
N GLY C 256 4.60 -0.14 -17.54
CA GLY C 256 3.50 -0.01 -18.47
C GLY C 256 2.32 -0.90 -18.15
N GLY C 257 2.50 -1.91 -17.32
CA GLY C 257 1.41 -2.82 -17.03
C GLY C 257 1.27 -3.95 -18.02
N PHE C 258 0.13 -4.63 -17.90
CA PHE C 258 -0.13 -5.83 -18.69
C PHE C 258 -0.43 -5.47 -20.14
N ARG C 259 0.28 -6.11 -21.07
CA ARG C 259 0.17 -5.84 -22.50
C ARG C 259 0.40 -4.36 -22.80
N ALA D 9 32.02 39.77 3.53
CA ALA D 9 31.17 40.27 4.61
C ALA D 9 30.58 41.62 4.37
N THR D 10 30.01 41.83 3.24
CA THR D 10 29.55 43.16 3.04
C THR D 10 28.72 43.56 4.23
N LEU D 11 28.11 42.55 4.83
CA LEU D 11 27.19 42.65 5.96
C LEU D 11 27.51 43.51 7.19
N VAL D 12 28.67 43.37 7.83
CA VAL D 12 28.85 44.13 9.05
C VAL D 12 29.07 45.60 8.75
N ALA D 13 29.68 45.90 7.60
CA ALA D 13 29.86 47.29 7.19
C ALA D 13 28.52 47.96 6.95
N ALA D 14 27.58 47.24 6.33
CA ALA D 14 26.26 47.81 6.06
C ALA D 14 25.52 48.14 7.36
N LEU D 15 25.64 47.29 8.39
CA LEU D 15 24.94 47.52 9.65
C LEU D 15 25.48 48.74 10.38
N LYS D 16 26.81 48.89 10.46
CA LYS D 16 27.43 50.03 11.13
C LYS D 16 26.91 51.35 10.57
N ASP D 17 26.64 51.42 9.28
CA ASP D 17 26.16 52.66 8.69
C ASP D 17 24.76 53.01 9.17
N LEU D 18 23.92 52.01 9.45
CA LEU D 18 22.56 52.28 9.89
C LEU D 18 22.50 52.71 11.36
N GLN D 19 23.44 52.23 12.19
CA GLN D 19 23.58 52.62 13.59
C GLN D 19 22.46 52.08 14.46
N ARG D 20 21.20 52.33 14.09
CA ARG D 20 20.04 51.84 14.82
C ARG D 20 19.03 51.31 13.80
N VAL D 21 18.49 50.12 14.06
CA VAL D 21 17.71 49.40 13.06
C VAL D 21 16.50 48.74 13.70
N THR D 22 15.42 48.62 12.92
CA THR D 22 14.27 47.77 13.22
C THR D 22 14.25 46.64 12.20
N VAL D 23 14.11 45.41 12.68
CA VAL D 23 14.26 44.22 11.82
C VAL D 23 12.90 43.55 11.65
N ALA D 24 12.46 43.43 10.40
CA ALA D 24 11.29 42.62 10.07
C ALA D 24 11.66 41.16 10.22
N PHE D 25 11.16 40.52 11.27
CA PHE D 25 11.60 39.18 11.65
C PHE D 25 10.45 38.19 11.45
N SER D 26 10.66 37.25 10.54
CA SER D 26 9.66 36.23 10.25
C SER D 26 9.89 34.95 11.04
N GLY D 27 11.11 34.73 11.54
CA GLY D 27 11.46 33.50 12.22
C GLY D 27 12.16 32.48 11.34
N GLY D 28 12.22 32.72 10.04
CA GLY D 28 12.95 31.83 9.16
C GLY D 28 14.44 32.05 9.27
N ILE D 29 15.20 31.20 8.58
CA ILE D 29 16.66 31.28 8.62
C ILE D 29 17.13 32.65 8.14
N ASP D 30 16.47 33.19 7.11
CA ASP D 30 16.91 34.47 6.56
C ASP D 30 16.72 35.58 7.58
N SER D 31 15.53 35.69 8.17
CA SER D 31 15.28 36.70 9.19
C SER D 31 16.05 36.43 10.48
N THR D 32 16.27 35.15 10.81
CA THR D 32 17.01 34.82 12.03
C THR D 32 18.44 35.34 11.96
N LEU D 33 19.09 35.22 10.80
CA LEU D 33 20.46 35.72 10.66
C LEU D 33 20.51 37.23 10.76
N VAL D 34 19.52 37.93 10.19
CA VAL D 34 19.52 39.39 10.22
C VAL D 34 19.42 39.91 11.65
N LEU D 35 18.48 39.36 12.43
CA LEU D 35 18.34 39.81 13.82
C LEU D 35 19.59 39.51 14.63
N LYS D 36 20.20 38.34 14.40
CA LYS D 36 21.38 37.97 15.19
C LYS D 36 22.58 38.82 14.81
N MET D 37 22.75 39.10 13.51
CA MET D 37 23.85 39.97 13.10
C MET D 37 23.60 41.41 13.52
N ALA D 38 22.35 41.87 13.43
CA ALA D 38 22.02 43.23 13.86
C ALA D 38 22.23 43.39 15.37
N LEU D 39 21.78 42.41 16.16
CA LEU D 39 22.01 42.46 17.60
C LEU D 39 23.50 42.48 17.91
N ASP D 40 24.28 41.64 17.22
CA ASP D 40 25.71 41.55 17.50
C ASP D 40 26.45 42.81 17.09
N VAL D 41 26.10 43.39 15.94
CA VAL D 41 26.87 44.51 15.40
C VAL D 41 26.47 45.83 16.04
N LEU D 42 25.19 46.01 16.34
CA LEU D 42 24.68 47.29 16.83
C LEU D 42 24.32 47.29 18.32
N GLY D 43 24.24 46.11 18.94
CA GLY D 43 23.90 45.99 20.34
C GLY D 43 22.40 45.85 20.57
N ARG D 44 22.07 45.26 21.73
CA ARG D 44 20.68 44.93 22.03
C ARG D 44 19.80 46.18 22.13
N ASP D 45 20.35 47.27 22.67
CA ASP D 45 19.57 48.47 22.93
C ASP D 45 19.28 49.29 21.68
N ASN D 46 19.88 48.96 20.54
CA ASN D 46 19.70 49.74 19.32
C ASN D 46 19.01 48.97 18.22
N VAL D 47 18.41 47.81 18.52
CA VAL D 47 17.69 47.01 17.54
C VAL D 47 16.33 46.66 18.11
N THR D 48 15.30 46.76 17.29
CA THR D 48 13.93 46.40 17.66
C THR D 48 13.39 45.39 16.66
N ALA D 49 13.01 44.22 17.15
CA ALA D 49 12.45 43.15 16.33
C ALA D 49 10.93 43.20 16.37
N VAL D 50 10.29 43.21 15.21
CA VAL D 50 8.84 43.26 15.10
C VAL D 50 8.34 41.97 14.47
N VAL D 51 7.39 41.32 15.13
CA VAL D 51 6.70 40.15 14.60
C VAL D 51 5.26 40.58 14.32
N ALA D 52 4.78 40.29 13.11
CA ALA D 52 3.46 40.70 12.68
C ALA D 52 2.43 39.67 13.08
N ASN D 53 1.31 40.13 13.63
CA ASN D 53 0.17 39.30 13.96
C ASN D 53 -1.00 39.69 13.05
N SER D 54 -1.60 38.71 12.40
CA SER D 54 -2.71 38.98 11.49
C SER D 54 -3.51 37.71 11.28
N GLU D 55 -4.65 37.87 10.60
CA GLU D 55 -5.52 36.73 10.30
C GLU D 55 -4.98 35.85 9.18
N LEU D 56 -4.02 36.33 8.38
CA LEU D 56 -3.55 35.56 7.24
C LEU D 56 -2.34 34.70 7.56
N PHE D 57 -1.87 34.69 8.80
CA PHE D 57 -0.76 33.84 9.20
C PHE D 57 -1.08 33.12 10.50
N THR D 58 -0.45 31.97 10.69
CA THR D 58 -0.77 31.11 11.81
C THR D 58 -0.34 31.71 13.14
N ASP D 59 -1.12 31.44 14.17
CA ASP D 59 -0.72 31.78 15.54
C ASP D 59 0.58 31.07 15.92
N GLU D 60 0.75 29.84 15.45
CA GLU D 60 1.96 29.07 15.76
C GLU D 60 3.18 29.74 15.15
N GLU D 61 3.05 30.22 13.91
CA GLU D 61 4.14 30.92 13.24
C GLU D 61 4.50 32.19 13.99
N PHE D 62 3.48 32.91 14.48
CA PHE D 62 3.70 34.13 15.25
C PHE D 62 4.31 33.84 16.62
N ASP D 63 3.71 32.89 17.36
CA ASP D 63 4.22 32.59 18.69
C ASP D 63 5.67 32.12 18.65
N LYS D 64 6.02 31.29 17.67
CA LYS D 64 7.41 30.85 17.56
C LYS D 64 8.33 32.03 17.30
N ALA D 65 7.91 32.94 16.41
CA ALA D 65 8.76 34.07 16.06
C ALA D 65 8.97 35.01 17.23
N MET D 66 7.91 35.30 18.00
CA MET D 66 8.06 36.15 19.17
C MET D 66 8.94 35.52 20.23
N SER D 67 8.73 34.24 20.52
CA SER D 67 9.54 33.59 21.54
C SER D 67 10.97 33.37 21.07
N LEU D 68 11.15 33.14 19.77
CA LEU D 68 12.51 32.96 19.25
C LEU D 68 13.29 34.27 19.26
N ALA D 69 12.64 35.40 18.94
CA ALA D 69 13.35 36.67 19.00
C ALA D 69 13.78 37.00 20.42
N GLU D 70 12.93 36.69 21.41
CA GLU D 70 13.32 36.86 22.80
C GLU D 70 14.46 35.91 23.15
N GLU D 71 14.43 34.69 22.62
CA GLU D 71 15.46 33.71 22.89
C GLU D 71 16.80 34.11 22.28
N LEU D 72 16.80 34.92 21.23
CA LEU D 72 18.06 35.45 20.69
C LEU D 72 18.56 36.63 21.50
N GLY D 73 17.82 37.07 22.50
CA GLY D 73 18.23 38.19 23.34
C GLY D 73 17.86 39.55 22.80
N ALA D 74 16.91 39.63 21.88
CA ALA D 74 16.48 40.88 21.29
C ALA D 74 15.22 41.39 21.98
N ASN D 75 15.06 42.71 21.98
CA ASN D 75 13.79 43.31 22.35
C ASN D 75 12.80 43.06 21.21
N VAL D 76 11.71 42.37 21.51
CA VAL D 76 10.75 41.95 20.50
C VAL D 76 9.45 42.69 20.76
N GLN D 77 8.78 43.09 19.68
CA GLN D 77 7.56 43.86 19.80
C GLN D 77 6.56 43.31 18.80
N GLY D 78 5.39 42.91 19.29
CA GLY D 78 4.33 42.47 18.41
C GLY D 78 3.57 43.66 17.85
N THR D 79 3.15 43.53 16.60
CA THR D 79 2.29 44.51 15.96
C THR D 79 1.18 43.78 15.21
N THR D 80 -0.03 44.32 15.30
CA THR D 80 -1.21 43.68 14.72
C THR D 80 -1.70 44.46 13.51
N LEU D 81 -1.89 43.76 12.41
CA LEU D 81 -2.43 44.37 11.19
C LEU D 81 -3.77 43.71 10.86
N ASP D 82 -4.75 44.53 10.51
CA ASP D 82 -6.07 44.06 10.09
C ASP D 82 -6.11 44.10 8.57
N TYR D 83 -5.58 43.03 7.96
CA TYR D 83 -5.49 42.98 6.51
C TYR D 83 -6.87 43.03 5.85
N LEU D 84 -7.87 42.41 6.47
CA LEU D 84 -9.20 42.40 5.90
C LEU D 84 -9.87 43.77 5.89
N SER D 85 -9.26 44.76 6.55
CA SER D 85 -9.79 46.11 6.47
C SER D 85 -9.51 46.73 5.11
N ASP D 86 -8.58 46.16 4.35
CA ASP D 86 -8.30 46.58 2.99
C ASP D 86 -9.23 45.82 2.05
N ASP D 87 -9.97 46.56 1.22
CA ASP D 87 -10.99 45.93 0.38
C ASP D 87 -10.37 44.96 -0.62
N HIS D 88 -9.16 45.25 -1.11
CA HIS D 88 -8.50 44.33 -2.03
C HIS D 88 -8.20 42.99 -1.36
N ILE D 89 -7.73 43.02 -0.12
CA ILE D 89 -7.47 41.77 0.61
C ILE D 89 -8.78 41.09 0.98
N LYS D 90 -9.78 41.87 1.42
CA LYS D 90 -11.04 41.30 1.86
C LYS D 90 -11.72 40.52 0.74
N ASN D 91 -11.66 41.03 -0.49
CA ASN D 91 -12.28 40.37 -1.62
C ASN D 91 -11.29 39.55 -2.45
N ASN D 92 -10.08 39.33 -1.93
CA ASN D 92 -9.06 38.47 -2.52
C ASN D 92 -8.96 38.70 -4.03
N THR D 93 -8.65 39.93 -4.40
CA THR D 93 -8.33 40.21 -5.78
C THR D 93 -6.90 39.75 -6.09
N PRO D 94 -6.55 39.59 -7.37
CA PRO D 94 -5.24 39.04 -7.72
C PRO D 94 -4.06 39.88 -7.28
N ASP D 95 -4.23 41.20 -7.10
CA ASP D 95 -3.16 42.05 -6.62
C ASP D 95 -3.20 42.26 -5.11
N SER D 96 -3.96 41.42 -4.39
CA SER D 96 -4.05 41.53 -2.94
C SER D 96 -2.69 41.47 -2.27
N TRP D 97 -1.75 40.73 -2.84
CA TRP D 97 -0.41 40.65 -2.27
C TRP D 97 0.22 42.04 -2.13
N TYR D 98 0.02 42.90 -3.12
CA TYR D 98 0.69 44.19 -3.14
C TYR D 98 0.11 45.13 -2.09
N TYR D 99 -1.22 45.11 -1.92
CA TYR D 99 -1.84 45.94 -0.90
C TYR D 99 -1.53 45.43 0.50
N ALA D 100 -1.34 44.12 0.64
CA ALA D 100 -0.88 43.56 1.90
C ALA D 100 0.54 44.01 2.21
N LYS D 101 1.42 44.02 1.19
CA LYS D 101 2.78 44.48 1.38
C LYS D 101 2.79 45.94 1.83
N LYS D 102 1.88 46.76 1.31
CA LYS D 102 1.83 48.16 1.71
C LYS D 102 1.53 48.29 3.19
N MET D 103 0.52 47.58 3.68
CA MET D 103 0.15 47.71 5.09
C MET D 103 1.24 47.20 6.00
N PHE D 104 1.88 46.08 5.64
CA PHE D 104 2.95 45.53 6.47
C PHE D 104 4.12 46.49 6.59
N TYR D 105 4.67 46.90 5.45
CA TYR D 105 5.83 47.77 5.46
C TYR D 105 5.50 49.18 5.95
N SER D 106 4.27 49.65 5.72
CA SER D 106 3.88 50.96 6.23
C SER D 106 3.83 50.97 7.75
N ARG D 107 3.38 49.88 8.36
CA ARG D 107 3.29 49.85 9.82
C ARG D 107 4.67 49.70 10.45
N LEU D 108 5.58 48.98 9.77
CA LEU D 108 6.96 48.89 10.23
C LEU D 108 7.64 50.25 10.20
N ASN D 109 7.41 51.03 9.13
CA ASN D 109 8.01 52.35 9.03
C ASN D 109 7.48 53.27 10.13
N ASP D 110 6.20 53.13 10.50
CA ASP D 110 5.68 53.88 11.64
C ASP D 110 6.42 53.49 12.92
N ILE D 111 6.58 52.19 13.15
CA ILE D 111 7.33 51.72 14.32
C ILE D 111 8.77 52.18 14.25
N ALA D 112 9.39 52.11 13.07
CA ALA D 112 10.79 52.51 12.93
C ALA D 112 10.95 54.01 13.12
N ALA D 113 9.98 54.80 12.65
CA ALA D 113 10.02 56.23 12.89
C ALA D 113 9.86 56.57 14.37
N ASN D 114 9.10 55.75 15.09
CA ASN D 114 8.74 56.02 16.48
C ASN D 114 9.77 55.49 17.47
N ASN D 115 10.68 54.62 17.03
CA ASN D 115 11.76 54.15 17.89
C ASN D 115 13.13 54.66 17.45
N GLY D 116 13.18 55.51 16.43
CA GLY D 116 14.45 56.05 15.97
C GLY D 116 15.29 55.10 15.13
N SER D 117 14.69 54.04 14.59
CA SER D 117 15.44 53.17 13.70
C SER D 117 15.76 53.90 12.40
N ALA D 118 16.93 53.61 11.82
CA ALA D 118 17.29 54.25 10.57
C ALA D 118 16.71 53.56 9.36
N ALA D 119 16.34 52.28 9.50
CA ALA D 119 15.72 51.53 8.40
C ALA D 119 15.06 50.28 8.95
N VAL D 120 14.19 49.69 8.14
CA VAL D 120 13.68 48.35 8.36
C VAL D 120 14.41 47.41 7.41
N LEU D 121 14.85 46.26 7.93
CA LEU D 121 15.55 45.26 7.14
C LEU D 121 14.76 43.95 7.12
N ASP D 122 14.77 43.30 5.96
CA ASP D 122 14.13 42.00 5.78
C ASP D 122 15.19 40.99 5.32
N GLY D 123 14.77 39.74 5.17
CA GLY D 123 15.71 38.69 4.83
C GLY D 123 15.90 38.46 3.35
N MET D 124 15.10 37.57 2.77
CA MET D 124 15.20 37.18 1.36
C MET D 124 16.57 36.58 1.07
N ILE D 125 16.92 36.49 -0.21
CA ILE D 125 18.21 35.92 -0.61
C ILE D 125 18.58 36.41 -2.01
N ARG D 145 15.25 47.15 2.33
CA ARG D 145 16.69 47.00 2.53
C ARG D 145 17.04 45.61 3.04
N SER D 146 17.26 44.68 2.11
CA SER D 146 17.67 43.32 2.44
C SER D 146 19.20 43.26 2.32
N LEU D 147 19.88 43.56 3.42
CA LEU D 147 21.34 43.61 3.39
C LEU D 147 21.92 42.22 3.19
N LEU D 148 21.25 41.19 3.71
CA LEU D 148 21.70 39.81 3.49
C LEU D 148 21.71 39.48 2.00
N GLN D 149 20.70 39.96 1.26
CA GLN D 149 20.65 39.72 -0.17
C GLN D 149 21.61 40.63 -0.93
N GLU D 150 21.90 41.81 -0.37
CA GLU D 150 22.91 42.69 -0.95
C GLU D 150 24.31 42.09 -0.83
N ALA D 151 24.57 41.33 0.22
CA ALA D 151 25.87 40.69 0.42
C ALA D 151 26.03 39.40 -0.39
N ASP D 152 25.10 39.11 -1.31
CA ASP D 152 25.20 37.97 -2.21
C ASP D 152 25.20 36.66 -1.44
N PHE D 153 24.36 36.57 -0.41
CA PHE D 153 24.20 35.34 0.35
C PHE D 153 23.27 34.38 -0.40
N PHE D 154 23.70 33.13 -0.52
CA PHE D 154 22.83 32.09 -1.03
C PHE D 154 22.20 31.31 0.12
N LYS D 155 21.31 30.39 -0.23
CA LYS D 155 20.65 29.56 0.79
C LYS D 155 21.68 28.75 1.57
N THR D 156 22.68 28.21 0.89
CA THR D 156 23.72 27.45 1.57
C THR D 156 24.57 28.34 2.48
N ASP D 157 24.74 29.61 2.11
CA ASP D 157 25.51 30.54 2.95
C ASP D 157 24.79 30.84 4.26
N VAL D 158 23.46 30.88 4.23
CA VAL D 158 22.68 31.19 5.44
C VAL D 158 22.80 30.05 6.45
N ARG D 159 22.80 28.80 5.99
CA ARG D 159 22.92 27.67 6.91
C ARG D 159 24.31 27.60 7.55
N ALA D 160 25.36 27.95 6.79
CA ALA D 160 26.71 27.88 7.33
C ALA D 160 26.93 28.91 8.44
N LEU D 161 26.43 30.14 8.24
CA LEU D 161 26.65 31.22 9.21
C LEU D 161 25.79 31.09 10.46
N ALA D 162 24.59 30.50 10.35
CA ALA D 162 23.76 30.31 11.54
C ALA D 162 24.39 29.34 12.53
N GLN D 163 24.87 28.18 12.03
CA GLN D 163 25.63 27.27 12.87
C GLN D 163 26.91 27.94 13.37
N GLU D 164 27.48 28.80 12.52
CA GLU D 164 28.67 29.56 12.88
C GLU D 164 28.47 30.37 14.15
N LEU D 165 27.30 30.98 14.32
CA LEU D 165 27.03 31.80 15.49
C LEU D 165 26.33 31.03 16.61
N GLY D 166 26.16 29.72 16.47
CA GLY D 166 25.47 28.94 17.47
C GLY D 166 23.97 29.00 17.40
N LEU D 167 23.40 29.53 16.32
CA LEU D 167 21.96 29.62 16.14
C LEU D 167 21.43 28.24 15.77
N THR D 168 20.66 27.65 16.68
CA THR D 168 20.08 26.33 16.46
C THR D 168 18.58 26.33 16.29
N ASN D 169 17.88 27.41 16.64
CA ASN D 169 16.43 27.44 16.70
C ASN D 169 15.85 28.46 15.72
N TRP D 170 14.88 28.02 14.93
CA TRP D 170 14.11 28.88 14.04
C TRP D 170 12.92 28.08 13.53
N ASN D 171 11.90 28.81 13.07
CA ASN D 171 10.73 28.18 12.47
C ASN D 171 11.15 27.55 11.15
N LYS D 172 11.10 26.21 11.09
CA LYS D 172 11.60 25.49 9.93
C LYS D 172 10.62 25.48 8.76
N VAL D 173 9.33 25.69 9.01
CA VAL D 173 8.33 25.70 7.96
C VAL D 173 7.71 27.09 7.91
N ALA D 174 8.03 27.85 6.87
CA ALA D 174 7.41 29.14 6.61
C ALA D 174 6.13 28.94 5.82
N SER D 175 5.02 29.41 6.36
CA SER D 175 3.75 29.39 5.64
C SER D 175 3.62 30.64 4.78
N CYS D 176 2.74 30.55 3.79
CA CYS D 176 2.43 31.69 2.95
C CYS D 176 1.19 32.36 3.52
N SER D 177 0.70 33.40 2.86
CA SER D 177 -0.56 33.96 3.30
C SER D 177 -1.69 32.98 3.01
N VAL D 178 -2.61 32.87 3.98
CA VAL D 178 -3.75 31.99 3.83
C VAL D 178 -4.61 32.35 2.63
N SER D 179 -4.45 33.56 2.08
CA SER D 179 -5.24 33.98 0.93
C SER D 179 -5.06 33.06 -0.28
N SER D 180 -3.88 32.43 -0.42
CA SER D 180 -3.65 31.50 -1.52
C SER D 180 -4.67 30.37 -1.57
N ARG D 181 -5.32 30.04 -0.45
CA ARG D 181 -6.28 28.95 -0.41
C ARG D 181 -7.68 29.35 -0.87
N PHE D 182 -7.89 30.61 -1.24
CA PHE D 182 -9.21 31.02 -1.68
C PHE D 182 -9.19 31.44 -3.14
N PRO D 183 -10.25 31.14 -3.90
CA PRO D 183 -10.29 31.63 -5.28
C PRO D 183 -10.37 33.15 -5.32
N TYR D 184 -9.81 33.72 -6.38
CA TYR D 184 -9.94 35.15 -6.63
C TYR D 184 -11.41 35.54 -6.67
N GLY D 185 -11.75 36.63 -5.98
CA GLY D 185 -13.11 37.10 -5.89
C GLY D 185 -13.87 36.59 -4.68
N THR D 186 -13.42 35.51 -4.06
CA THR D 186 -14.08 35.02 -2.86
C THR D 186 -13.77 35.97 -1.70
N THR D 187 -14.81 36.37 -0.97
CA THR D 187 -14.62 37.29 0.13
C THR D 187 -14.07 36.52 1.33
N LEU D 188 -12.99 37.05 1.91
CA LEU D 188 -12.40 36.41 3.07
C LEU D 188 -13.14 36.85 4.31
N THR D 189 -13.42 35.90 5.19
CA THR D 189 -14.11 36.17 6.45
C THR D 189 -13.29 35.60 7.59
N HIS D 190 -13.57 36.08 8.79
CA HIS D 190 -12.88 35.55 9.96
C HIS D 190 -13.12 34.06 10.12
N ASP D 191 -14.31 33.58 9.70
CA ASP D 191 -14.69 32.19 9.92
C ASP D 191 -14.10 31.26 8.87
N ASN D 192 -14.18 31.63 7.58
CA ASN D 192 -13.63 30.74 6.57
C ASN D 192 -12.11 30.68 6.65
N ILE D 193 -11.46 31.78 7.03
CA ILE D 193 -10.02 31.75 7.27
C ILE D 193 -9.70 30.79 8.41
N ALA D 194 -10.37 30.95 9.55
CA ALA D 194 -10.15 30.04 10.67
C ALA D 194 -10.46 28.60 10.26
N GLN D 195 -11.49 28.41 9.45
CA GLN D 195 -11.82 27.08 8.96
C GLN D 195 -10.67 26.47 8.19
N VAL D 196 -10.13 27.23 7.22
CA VAL D 196 -8.98 26.76 6.45
C VAL D 196 -7.79 26.51 7.38
N MET D 197 -7.57 27.40 8.36
CA MET D 197 -6.39 27.30 9.21
C MET D 197 -6.46 26.07 10.11
N ALA D 198 -7.65 25.77 10.65
CA ALA D 198 -7.80 24.58 11.48
C ALA D 198 -7.63 23.31 10.67
N ALA D 199 -8.17 23.27 9.45
CA ALA D 199 -8.04 22.09 8.60
C ALA D 199 -6.58 21.80 8.28
N GLU D 200 -5.82 22.83 7.90
CA GLU D 200 -4.40 22.62 7.60
C GLU D 200 -3.61 22.25 8.86
N LYS D 201 -3.98 22.84 10.00
CA LYS D 201 -3.31 22.50 11.25
C LYS D 201 -3.53 21.02 11.59
N TYR D 202 -4.72 20.50 11.30
CA TYR D 202 -5.01 19.10 11.58
C TYR D 202 -4.18 18.19 10.67
N LEU D 203 -4.14 18.51 9.38
CA LEU D 203 -3.40 17.67 8.43
C LEU D 203 -1.91 17.63 8.74
N ARG D 204 -1.32 18.76 9.12
CA ARG D 204 0.09 18.76 9.47
C ARG D 204 0.34 17.91 10.71
N SER D 205 -0.63 17.87 11.63
CA SER D 205 -0.46 17.05 12.83
C SER D 205 -0.38 15.57 12.49
N LEU D 206 -0.95 15.14 11.37
CA LEU D 206 -0.85 13.74 10.99
C LEU D 206 0.46 13.40 10.29
N GLY D 207 1.33 14.38 10.05
CA GLY D 207 2.63 14.12 9.46
C GLY D 207 2.76 14.54 8.02
N PHE D 208 1.98 15.55 7.62
CA PHE D 208 2.02 16.08 6.25
C PHE D 208 2.30 17.57 6.33
N PRO D 209 3.57 17.96 6.42
CA PRO D 209 3.89 19.37 6.66
C PRO D 209 3.63 20.25 5.43
N THR D 210 3.72 19.70 4.24
CA THR D 210 3.43 20.45 3.02
C THR D 210 2.01 20.07 2.58
N VAL D 211 1.07 20.98 2.83
CA VAL D 211 -0.33 20.70 2.53
C VAL D 211 -1.04 22.02 2.32
N ARG D 212 -2.07 21.99 1.48
CA ARG D 212 -3.01 23.08 1.34
C ARG D 212 -4.39 22.48 1.32
N VAL D 213 -5.32 23.11 2.03
CA VAL D 213 -6.74 22.81 1.85
C VAL D 213 -7.33 24.05 1.17
N ARG D 214 -7.63 23.90 -0.12
CA ARG D 214 -8.18 24.99 -0.88
C ARG D 214 -9.68 25.06 -0.66
N PHE D 215 -10.19 26.27 -0.51
CA PHE D 215 -11.57 26.50 -0.08
C PHE D 215 -12.46 26.72 -1.31
N HIS D 216 -13.50 25.89 -1.44
CA HIS D 216 -14.50 26.01 -2.50
C HIS D 216 -15.89 25.92 -1.89
N ASN D 217 -16.16 26.83 -0.96
CA ASN D 217 -17.41 26.90 -0.21
C ASN D 217 -17.65 25.61 0.55
N ASP D 218 -18.59 24.78 0.10
CA ASP D 218 -18.88 23.55 0.82
C ASP D 218 -17.95 22.40 0.46
N ILE D 219 -17.00 22.63 -0.47
CA ILE D 219 -16.02 21.63 -0.85
C ILE D 219 -14.65 22.07 -0.33
N ALA D 220 -13.97 21.18 0.37
CA ALA D 220 -12.55 21.34 0.66
C ALA D 220 -11.78 20.51 -0.36
N ARG D 221 -10.80 21.13 -1.02
CA ARG D 221 -9.96 20.44 -1.98
C ARG D 221 -8.54 20.42 -1.42
N ILE D 222 -8.06 19.24 -1.04
CA ILE D 222 -6.78 19.08 -0.37
C ILE D 222 -5.68 18.88 -1.41
N GLU D 223 -4.62 19.68 -1.32
CA GLU D 223 -3.43 19.49 -2.14
C GLU D 223 -2.34 18.89 -1.29
N LEU D 224 -1.80 17.76 -1.73
CA LEU D 224 -0.68 17.08 -1.10
C LEU D 224 0.39 16.83 -2.17
N PRO D 225 1.65 16.79 -1.77
CA PRO D 225 2.68 16.32 -2.71
C PRO D 225 2.33 14.91 -3.17
N GLU D 226 2.40 14.70 -4.49
CA GLU D 226 1.93 13.43 -5.04
C GLU D 226 2.63 12.24 -4.40
N ALA D 227 3.88 12.40 -3.98
CA ALA D 227 4.60 11.29 -3.37
C ALA D 227 4.06 10.91 -2.00
N ARG D 228 3.18 11.72 -1.40
CA ARG D 228 2.61 11.39 -0.10
C ARG D 228 1.18 10.89 -0.17
N ILE D 229 0.56 10.87 -1.36
CA ILE D 229 -0.85 10.49 -1.43
C ILE D 229 -1.03 9.05 -0.99
N GLY D 230 -0.10 8.18 -1.37
CA GLY D 230 -0.14 6.81 -0.88
C GLY D 230 -0.09 6.72 0.64
N ASP D 231 0.79 7.52 1.25
CA ASP D 231 0.94 7.48 2.69
C ASP D 231 -0.25 8.06 3.42
N PHE D 232 -1.08 8.85 2.73
CA PHE D 232 -2.24 9.52 3.29
C PHE D 232 -3.46 8.62 3.46
N LEU D 233 -3.55 7.52 2.70
CA LEU D 233 -4.78 6.74 2.61
C LEU D 233 -5.32 6.34 3.99
N VAL D 234 -4.42 6.02 4.93
CA VAL D 234 -4.81 5.58 6.25
C VAL D 234 -5.58 6.65 7.04
N PHE D 235 -5.55 7.91 6.59
CA PHE D 235 -6.21 9.00 7.29
C PHE D 235 -7.49 9.47 6.60
N ASN D 236 -7.84 8.88 5.45
CA ASN D 236 -8.99 9.31 4.66
C ASN D 236 -10.24 9.56 5.50
N ASP D 237 -10.67 8.55 6.26
CA ASP D 237 -11.91 8.67 7.01
C ASP D 237 -11.82 9.73 8.10
N ARG D 238 -10.71 9.73 8.85
CA ARG D 238 -10.56 10.72 9.91
C ARG D 238 -10.51 12.14 9.35
N VAL D 239 -9.81 12.32 8.23
CA VAL D 239 -9.73 13.65 7.62
C VAL D 239 -11.11 14.07 7.10
N ASN D 240 -11.83 13.13 6.50
CA ASN D 240 -13.18 13.42 6.01
C ASN D 240 -14.09 13.91 7.13
N ARG D 241 -14.13 13.19 8.25
CA ARG D 241 -15.02 13.58 9.33
C ARG D 241 -14.52 14.82 10.07
N GLN D 242 -13.20 15.03 10.13
CA GLN D 242 -12.68 16.19 10.85
C GLN D 242 -12.95 17.48 10.10
N LEU D 243 -12.72 17.49 8.79
CA LEU D 243 -12.96 18.70 8.01
C LEU D 243 -14.45 18.98 7.83
N GLN D 244 -15.30 17.96 7.96
CA GLN D 244 -16.73 18.19 7.93
C GLN D 244 -17.20 18.89 9.19
N SER D 245 -16.66 18.52 10.35
CA SER D 245 -17.02 19.23 11.58
C SER D 245 -16.50 20.65 11.59
N LEU D 246 -15.46 20.95 10.80
CA LEU D 246 -14.99 22.30 10.60
C LEU D 246 -15.92 23.12 9.72
N GLY D 247 -16.91 22.50 9.07
CA GLY D 247 -17.90 23.21 8.27
C GLY D 247 -18.02 22.78 6.84
N PHE D 248 -17.10 21.99 6.32
CA PHE D 248 -17.22 21.50 4.95
C PHE D 248 -18.26 20.39 4.85
N ARG D 249 -18.94 20.31 3.70
CA ARG D 249 -19.77 19.14 3.45
C ARG D 249 -19.00 18.07 2.70
N TYR D 250 -18.17 18.48 1.75
CA TYR D 250 -17.39 17.55 0.94
C TYR D 250 -15.91 17.79 1.20
N VAL D 251 -15.20 16.71 1.48
CA VAL D 251 -13.76 16.73 1.72
C VAL D 251 -13.11 15.88 0.62
N THR D 252 -12.31 16.53 -0.22
CA THR D 252 -11.78 15.90 -1.42
C THR D 252 -10.25 16.03 -1.47
N LEU D 253 -9.64 15.20 -2.30
CA LEU D 253 -8.21 15.20 -2.53
C LEU D 253 -7.96 15.52 -4.00
N ASP D 254 -7.12 16.52 -4.27
CA ASP D 254 -6.84 16.90 -5.65
C ASP D 254 -5.94 15.87 -6.31
N LEU D 255 -6.37 15.32 -7.44
CA LEU D 255 -5.57 14.29 -8.09
C LEU D 255 -4.31 14.86 -8.72
N GLY D 256 -4.26 16.17 -8.98
CA GLY D 256 -3.05 16.78 -9.50
C GLY D 256 -1.94 16.95 -8.49
N GLY D 257 -2.27 16.85 -7.20
CA GLY D 257 -1.28 17.04 -6.16
C GLY D 257 -1.04 18.50 -5.84
N PHE D 258 -0.03 18.73 -5.03
CA PHE D 258 0.29 20.08 -4.60
C PHE D 258 0.99 20.84 -5.72
N ARG D 259 0.44 21.99 -6.08
CA ARG D 259 0.95 22.85 -7.15
C ARG D 259 1.17 22.08 -8.46
N ALA E 2 41.93 6.83 20.10
CA ALA E 2 40.76 6.38 20.86
C ALA E 2 39.63 7.41 20.76
N THR E 3 39.77 8.51 21.49
CA THR E 3 38.75 9.55 21.50
C THR E 3 38.83 10.40 20.23
N LEU E 4 37.79 11.20 20.02
CA LEU E 4 37.74 12.07 18.85
C LEU E 4 38.84 13.12 18.90
N ALA E 5 39.08 13.69 20.09
CA ALA E 5 40.12 14.70 20.22
C ALA E 5 41.50 14.14 19.88
N THR E 6 41.73 12.85 20.14
CA THR E 6 43.01 12.24 19.80
C THR E 6 43.15 12.06 18.30
N LYS E 7 42.10 11.52 17.65
CA LYS E 7 42.17 11.31 16.20
C LYS E 7 42.32 12.63 15.46
N LYS E 8 41.62 13.67 15.92
CA LYS E 8 41.72 14.99 15.29
C LYS E 8 43.10 15.59 15.48
N ALA E 9 43.68 15.37 16.64
CA ALA E 9 45.00 15.89 16.96
C ALA E 9 45.96 15.30 16.00
N THR E 10 45.74 14.04 15.68
CA THR E 10 46.58 13.34 14.75
C THR E 10 46.53 13.99 13.39
N LEU E 11 45.36 14.43 12.97
CA LEU E 11 45.23 15.11 11.73
C LEU E 11 45.99 16.41 11.64
N VAL E 12 45.83 17.31 12.62
CA VAL E 12 46.56 18.57 12.57
C VAL E 12 48.06 18.31 12.52
N ALA E 13 48.54 17.24 13.16
CA ALA E 13 49.95 16.89 13.09
C ALA E 13 50.35 16.48 11.68
N ALA E 14 49.52 15.68 11.02
CA ALA E 14 49.83 15.27 9.65
C ALA E 14 49.79 16.47 8.71
N LEU E 15 48.84 17.37 8.90
CA LEU E 15 48.74 18.54 8.03
C LEU E 15 49.92 19.49 8.25
N LYS E 16 50.26 19.77 9.51
CA LYS E 16 51.41 20.61 9.81
C LYS E 16 52.68 20.05 9.19
N ASP E 17 52.83 18.71 9.22
CA ASP E 17 54.01 18.09 8.62
C ASP E 17 53.98 18.17 7.11
N LEU E 18 52.79 18.17 6.51
CA LEU E 18 52.69 18.23 5.05
C LEU E 18 52.98 19.64 4.52
N GLN E 19 52.67 20.68 5.31
CA GLN E 19 52.98 22.07 5.02
C GLN E 19 52.13 22.63 3.87
N ARG E 20 52.15 21.97 2.72
CA ARG E 20 51.37 22.41 1.56
C ARG E 20 50.69 21.21 0.94
N VAL E 21 49.41 21.34 0.63
CA VAL E 21 48.59 20.21 0.24
C VAL E 21 47.68 20.60 -0.93
N THR E 22 47.39 19.61 -1.76
CA THR E 22 46.33 19.69 -2.76
C THR E 22 45.26 18.67 -2.38
N VAL E 23 44.00 19.11 -2.35
CA VAL E 23 42.91 18.29 -1.82
C VAL E 23 41.99 17.90 -2.96
N ALA E 24 41.82 16.60 -3.17
CA ALA E 24 40.79 16.09 -4.06
C ALA E 24 39.44 16.25 -3.39
N PHE E 25 38.63 17.18 -3.89
CA PHE E 25 37.39 17.57 -3.23
C PHE E 25 36.21 17.14 -4.09
N SER E 26 35.39 16.24 -3.55
CA SER E 26 34.19 15.78 -4.22
C SER E 26 32.94 16.53 -3.78
N GLY E 27 32.97 17.17 -2.62
CA GLY E 27 31.79 17.78 -2.03
C GLY E 27 31.10 16.93 -1.00
N GLY E 28 31.51 15.67 -0.83
CA GLY E 28 30.96 14.84 0.21
C GLY E 28 31.50 15.21 1.59
N ILE E 29 30.92 14.57 2.61
CA ILE E 29 31.31 14.86 3.99
C ILE E 29 32.80 14.55 4.22
N ASP E 30 33.32 13.48 3.61
CA ASP E 30 34.70 13.10 3.87
C ASP E 30 35.67 14.14 3.30
N SER E 31 35.52 14.49 2.03
CA SER E 31 36.41 15.49 1.43
C SER E 31 36.17 16.87 2.03
N THR E 32 34.93 17.20 2.39
CA THR E 32 34.65 18.47 3.04
C THR E 32 35.42 18.59 4.34
N LEU E 33 35.52 17.49 5.10
CA LEU E 33 36.24 17.50 6.36
C LEU E 33 37.73 17.75 6.13
N VAL E 34 38.31 17.10 5.10
CA VAL E 34 39.72 17.28 4.82
C VAL E 34 40.00 18.71 4.34
N LEU E 35 39.16 19.24 3.45
CA LEU E 35 39.39 20.58 2.91
C LEU E 35 39.32 21.64 3.99
N LYS E 36 38.37 21.53 4.92
CA LYS E 36 38.26 22.54 5.96
C LYS E 36 39.40 22.43 6.97
N MET E 37 39.82 21.21 7.30
CA MET E 37 40.94 21.03 8.22
C MET E 37 42.24 21.51 7.59
N ALA E 38 42.44 21.27 6.29
CA ALA E 38 43.63 21.77 5.61
C ALA E 38 43.67 23.29 5.62
N LEU E 39 42.54 23.92 5.31
CA LEU E 39 42.46 25.39 5.39
C LEU E 39 42.67 25.87 6.81
N ASP E 40 42.08 25.17 7.79
CA ASP E 40 42.18 25.63 9.18
C ASP E 40 43.60 25.55 9.71
N VAL E 41 44.31 24.46 9.40
CA VAL E 41 45.64 24.24 9.98
C VAL E 41 46.71 24.95 9.15
N LEU E 42 46.55 24.99 7.83
CA LEU E 42 47.59 25.47 6.95
C LEU E 42 47.28 26.84 6.32
N GLY E 43 46.05 27.29 6.39
CA GLY E 43 45.69 28.58 5.81
C GLY E 43 45.30 28.48 4.34
N ARG E 44 44.57 29.51 3.90
CA ARG E 44 44.02 29.51 2.56
C ARG E 44 45.13 29.44 1.51
N ASP E 45 46.26 30.08 1.78
CA ASP E 45 47.35 30.16 0.81
C ASP E 45 48.13 28.87 0.67
N ASN E 46 47.91 27.88 1.53
CA ASN E 46 48.65 26.62 1.50
C ASN E 46 47.79 25.41 1.18
N VAL E 47 46.55 25.60 0.76
CA VAL E 47 45.66 24.51 0.38
C VAL E 47 45.08 24.81 -0.99
N THR E 48 45.04 23.80 -1.85
CA THR E 48 44.44 23.91 -3.18
C THR E 48 43.40 22.81 -3.33
N ALA E 49 42.15 23.22 -3.59
CA ALA E 49 41.06 22.28 -3.79
C ALA E 49 40.86 22.04 -5.27
N VAL E 50 40.87 20.78 -5.68
CA VAL E 50 40.68 20.39 -7.07
C VAL E 50 39.37 19.62 -7.16
N VAL E 51 38.49 20.08 -8.04
CA VAL E 51 37.23 19.41 -8.31
C VAL E 51 37.29 18.86 -9.72
N ALA E 52 37.03 17.56 -9.87
CA ALA E 52 37.10 16.92 -11.16
C ALA E 52 35.75 17.02 -11.85
N ASN E 53 35.77 17.44 -13.10
CA ASN E 53 34.61 17.43 -13.97
C ASN E 53 34.89 16.44 -15.09
N SER E 54 33.90 15.62 -15.40
CA SER E 54 34.12 14.61 -16.43
C SER E 54 32.77 14.22 -17.00
N GLU E 55 32.84 13.43 -18.07
CA GLU E 55 31.65 12.99 -18.78
C GLU E 55 30.88 11.92 -18.03
N LEU E 56 31.48 11.30 -17.02
CA LEU E 56 30.82 10.25 -16.25
C LEU E 56 30.17 10.78 -14.97
N PHE E 57 30.27 12.08 -14.69
CA PHE E 57 29.59 12.69 -13.56
C PHE E 57 28.79 13.91 -13.99
N THR E 58 27.73 14.18 -13.23
CA THR E 58 26.78 15.24 -13.55
C THR E 58 27.39 16.64 -13.34
N ASP E 59 26.94 17.59 -14.16
CA ASP E 59 27.29 18.99 -13.95
C ASP E 59 26.87 19.48 -12.57
N GLU E 60 25.74 18.97 -12.05
CA GLU E 60 25.27 19.43 -10.75
C GLU E 60 26.23 19.04 -9.63
N GLU E 61 26.78 17.82 -9.70
CA GLU E 61 27.74 17.40 -8.68
C GLU E 61 28.99 18.26 -8.73
N PHE E 62 29.43 18.62 -9.94
CA PHE E 62 30.62 19.46 -10.08
C PHE E 62 30.35 20.86 -9.54
N ASP E 63 29.22 21.46 -9.93
CA ASP E 63 28.88 22.80 -9.47
C ASP E 63 28.72 22.86 -7.96
N LYS E 64 28.08 21.84 -7.37
CA LYS E 64 27.92 21.83 -5.92
C LYS E 64 29.27 21.78 -5.22
N ALA E 65 30.19 20.96 -5.72
CA ALA E 65 31.51 20.85 -5.09
C ALA E 65 32.29 22.15 -5.23
N MET E 66 32.21 22.79 -6.40
CA MET E 66 32.88 24.07 -6.56
C MET E 66 32.28 25.14 -5.65
N SER E 67 30.95 25.17 -5.53
CA SER E 67 30.31 26.17 -4.69
C SER E 67 30.50 25.90 -3.21
N LEU E 68 30.56 24.62 -2.80
CA LEU E 68 30.77 24.31 -1.39
C LEU E 68 32.19 24.61 -0.94
N ALA E 69 33.19 24.26 -1.76
CA ALA E 69 34.58 24.51 -1.39
C ALA E 69 34.87 26.01 -1.33
N GLU E 70 34.26 26.80 -2.21
CA GLU E 70 34.38 28.24 -2.11
C GLU E 70 33.74 28.75 -0.82
N GLU E 71 32.63 28.12 -0.41
CA GLU E 71 31.93 28.56 0.79
C GLU E 71 32.75 28.32 2.04
N LEU E 72 33.64 27.33 2.01
CA LEU E 72 34.59 27.16 3.10
C LEU E 72 35.81 28.06 2.98
N GLY E 73 35.92 28.86 1.93
CA GLY E 73 37.02 29.78 1.78
C GLY E 73 38.28 29.25 1.13
N ALA E 74 38.20 28.18 0.36
CA ALA E 74 39.38 27.60 -0.27
C ALA E 74 39.57 28.13 -1.68
N ASN E 75 40.83 28.20 -2.11
CA ASN E 75 41.11 28.39 -3.53
C ASN E 75 40.81 27.08 -4.25
N VAL E 76 39.86 27.12 -5.18
CA VAL E 76 39.35 25.93 -5.82
C VAL E 76 39.71 25.96 -7.30
N GLN E 77 40.02 24.79 -7.84
CA GLN E 77 40.47 24.65 -9.22
C GLN E 77 39.70 23.51 -9.86
N GLY E 78 38.98 23.80 -10.94
CA GLY E 78 38.36 22.74 -11.70
C GLY E 78 39.35 22.13 -12.68
N THR E 79 39.27 20.83 -12.84
CA THR E 79 40.05 20.13 -13.84
C THR E 79 39.14 19.12 -14.52
N THR E 80 39.28 18.99 -15.84
CA THR E 80 38.42 18.15 -16.64
C THR E 80 39.18 16.91 -17.07
N LEU E 81 38.57 15.75 -16.88
CA LEU E 81 39.18 14.47 -17.23
C LEU E 81 38.40 13.86 -18.39
N ASP E 82 39.13 13.37 -19.39
CA ASP E 82 38.50 12.69 -20.52
C ASP E 82 38.65 11.20 -20.29
N TYR E 83 37.76 10.67 -19.45
CA TYR E 83 37.79 9.25 -19.12
C TYR E 83 37.53 8.37 -20.34
N LEU E 84 36.67 8.84 -21.25
CA LEU E 84 36.31 8.04 -22.42
C LEU E 84 37.44 7.85 -23.39
N SER E 85 38.56 8.57 -23.23
CA SER E 85 39.72 8.37 -24.07
C SER E 85 40.48 7.09 -23.73
N ASP E 86 40.25 6.54 -22.53
CA ASP E 86 40.84 5.26 -22.14
C ASP E 86 39.89 4.13 -22.55
N ASP E 87 40.41 3.16 -23.30
CA ASP E 87 39.56 2.10 -23.84
C ASP E 87 38.95 1.25 -22.74
N HIS E 88 39.63 1.07 -21.61
CA HIS E 88 39.06 0.29 -20.51
C HIS E 88 37.80 0.97 -19.97
N ILE E 89 37.84 2.29 -19.83
CA ILE E 89 36.65 3.03 -19.41
C ILE E 89 35.65 3.09 -20.55
N LYS E 90 36.13 3.34 -21.77
CA LYS E 90 35.25 3.51 -22.92
C LYS E 90 34.40 2.27 -23.17
N ASN E 91 34.99 1.08 -23.05
CA ASN E 91 34.30 -0.17 -23.28
C ASN E 91 33.84 -0.85 -21.99
N ASN E 92 33.86 -0.13 -20.86
CA ASN E 92 33.34 -0.60 -19.57
C ASN E 92 33.81 -2.01 -19.25
N THR E 93 35.13 -2.15 -19.12
CA THR E 93 35.70 -3.39 -18.63
C THR E 93 35.50 -3.48 -17.11
N PRO E 94 35.60 -4.68 -16.54
CA PRO E 94 35.36 -4.82 -15.10
C PRO E 94 36.38 -4.08 -14.25
N ASP E 95 37.58 -3.81 -14.76
CA ASP E 95 38.58 -3.03 -14.04
C ASP E 95 38.57 -1.57 -14.47
N SER E 96 37.50 -1.11 -15.13
CA SER E 96 37.42 0.27 -15.57
C SER E 96 37.63 1.25 -14.42
N TRP E 97 37.16 0.89 -13.22
CA TRP E 97 37.34 1.77 -12.06
C TRP E 97 38.81 2.09 -11.81
N TYR E 98 39.71 1.11 -12.00
CA TYR E 98 41.10 1.32 -11.68
C TYR E 98 41.77 2.27 -12.67
N TYR E 99 41.45 2.14 -13.97
CA TYR E 99 42.04 3.05 -14.95
C TYR E 99 41.47 4.45 -14.83
N ALA E 100 40.22 4.57 -14.39
CA ALA E 100 39.66 5.89 -14.10
C ALA E 100 40.34 6.54 -12.91
N LYS E 101 40.51 5.77 -11.82
CA LYS E 101 41.21 6.29 -10.65
C LYS E 101 42.66 6.60 -10.98
N LYS E 102 43.29 5.77 -11.81
CA LYS E 102 44.68 6.01 -12.20
C LYS E 102 44.82 7.32 -12.95
N MET E 103 43.96 7.55 -13.95
CA MET E 103 44.02 8.78 -14.73
C MET E 103 43.68 9.99 -13.87
N PHE E 104 42.74 9.83 -12.94
CA PHE E 104 42.39 10.91 -12.01
C PHE E 104 43.58 11.30 -11.15
N TYR E 105 44.21 10.33 -10.50
CA TYR E 105 45.32 10.63 -9.58
C TYR E 105 46.54 11.16 -10.31
N SER E 106 46.74 10.79 -11.57
CA SER E 106 47.86 11.35 -12.32
C SER E 106 47.70 12.85 -12.53
N ARG E 107 46.48 13.32 -12.72
CA ARG E 107 46.25 14.73 -12.95
C ARG E 107 46.32 15.53 -11.65
N LEU E 108 45.89 14.93 -10.53
CA LEU E 108 46.06 15.57 -9.24
C LEU E 108 47.53 15.74 -8.89
N ASN E 109 48.35 14.71 -9.18
CA ASN E 109 49.78 14.80 -8.92
C ASN E 109 50.44 15.84 -9.79
N ASP E 110 50.02 15.96 -11.05
CA ASP E 110 50.53 17.02 -11.91
C ASP E 110 50.18 18.38 -11.34
N ILE E 111 48.92 18.56 -10.90
CA ILE E 111 48.52 19.83 -10.30
C ILE E 111 49.36 20.11 -9.07
N ALA E 112 49.56 19.09 -8.22
CA ALA E 112 50.28 19.29 -6.97
C ALA E 112 51.73 19.65 -7.20
N ALA E 113 52.35 19.08 -8.25
CA ALA E 113 53.73 19.43 -8.56
C ALA E 113 53.87 20.89 -8.94
N ASN E 114 52.86 21.44 -9.61
CA ASN E 114 52.93 22.81 -10.10
C ASN E 114 52.41 23.81 -9.08
N ASN E 115 51.92 23.36 -7.94
CA ASN E 115 51.56 24.24 -6.83
C ASN E 115 52.53 24.15 -5.68
N GLY E 116 53.56 23.31 -5.81
CA GLY E 116 54.52 23.14 -4.74
C GLY E 116 53.95 22.34 -3.58
N SER E 117 52.83 21.65 -3.79
CA SER E 117 52.25 20.80 -2.77
C SER E 117 53.11 19.55 -2.57
N ALA E 118 53.19 19.10 -1.32
CA ALA E 118 53.97 17.92 -1.00
C ALA E 118 53.20 16.62 -1.21
N ALA E 119 51.87 16.69 -1.23
CA ALA E 119 51.06 15.50 -1.45
C ALA E 119 49.65 15.92 -1.87
N VAL E 120 48.91 14.96 -2.41
CA VAL E 120 47.49 15.09 -2.66
C VAL E 120 46.72 14.35 -1.56
N LEU E 121 45.64 14.97 -1.07
CA LEU E 121 44.83 14.39 -0.02
C LEU E 121 43.43 14.08 -0.55
N ASP E 122 42.90 12.92 -0.18
CA ASP E 122 41.58 12.46 -0.59
C ASP E 122 40.72 12.17 0.64
N GLY E 123 39.51 11.73 0.41
CA GLY E 123 38.58 11.49 1.48
C GLY E 123 38.43 10.11 2.03
N MET E 124 39.24 9.16 1.62
CA MET E 124 39.09 7.80 2.09
C MET E 124 39.17 7.68 3.60
N ILE E 125 38.32 6.85 4.17
CA ILE E 125 38.26 6.65 5.60
C ILE E 125 38.43 5.21 6.00
N LYS E 126 38.30 4.93 7.29
CA LYS E 126 38.45 3.56 7.75
C LYS E 126 37.10 2.85 7.86
N ARG E 145 47.35 9.87 -0.13
CA ARG E 145 47.37 10.29 1.27
C ARG E 145 45.95 10.52 1.81
N SER E 146 45.37 9.47 2.40
CA SER E 146 44.06 9.53 3.05
C SER E 146 44.30 9.79 4.53
N LEU E 147 44.30 11.08 4.90
CA LEU E 147 44.63 11.45 6.28
C LEU E 147 43.56 10.99 7.25
N LEU E 148 42.29 11.03 6.83
CA LEU E 148 41.21 10.52 7.68
C LEU E 148 41.40 9.04 7.97
N GLN E 149 41.85 8.28 6.97
CA GLN E 149 42.04 6.85 7.14
C GLN E 149 43.29 6.55 7.95
N GLU E 150 44.32 7.38 7.83
CA GLU E 150 45.50 7.22 8.69
C GLU E 150 45.21 7.65 10.12
N ALA E 151 44.37 8.67 10.32
CA ALA E 151 44.02 9.15 11.65
C ALA E 151 42.95 8.29 12.31
N ASP E 152 42.64 7.13 11.73
CA ASP E 152 41.70 6.17 12.30
C ASP E 152 40.31 6.76 12.41
N PHE E 153 39.93 7.58 11.42
CA PHE E 153 38.58 8.10 11.37
C PHE E 153 37.65 7.06 10.77
N PHE E 154 36.57 6.75 11.47
CA PHE E 154 35.49 5.95 10.92
C PHE E 154 34.36 6.89 10.50
N LYS E 155 33.30 6.29 9.94
CA LYS E 155 32.16 7.10 9.50
C LYS E 155 31.57 7.90 10.65
N THR E 156 31.49 7.30 11.84
CA THR E 156 30.92 8.02 12.98
C THR E 156 31.83 9.15 13.45
N ASP E 157 33.15 9.00 13.34
CA ASP E 157 34.06 10.06 13.78
C ASP E 157 34.02 11.26 12.84
N VAL E 158 33.88 11.04 11.54
CA VAL E 158 33.84 12.15 10.58
C VAL E 158 32.55 12.96 10.77
N ARG E 159 31.44 12.27 11.04
CA ARG E 159 30.18 12.98 11.28
C ARG E 159 30.24 13.75 12.59
N ALA E 160 30.86 13.17 13.61
CA ALA E 160 30.94 13.85 14.90
C ALA E 160 31.83 15.09 14.81
N LEU E 161 32.95 14.98 14.11
CA LEU E 161 33.87 16.10 14.02
C LEU E 161 33.33 17.18 13.08
N ALA E 162 32.58 16.80 12.04
CA ALA E 162 32.02 17.78 11.12
C ALA E 162 31.03 18.71 11.84
N GLN E 163 30.17 18.14 12.68
CA GLN E 163 29.28 18.98 13.49
C GLN E 163 30.08 19.90 14.41
N GLU E 164 31.21 19.40 14.94
CA GLU E 164 32.03 20.22 15.84
C GLU E 164 32.53 21.51 15.18
N LEU E 165 32.94 21.43 13.91
CA LEU E 165 33.48 22.59 13.21
C LEU E 165 32.44 23.42 12.48
N GLY E 166 31.16 23.11 12.64
CA GLY E 166 30.17 23.89 11.94
C GLY E 166 29.95 23.52 10.49
N LEU E 167 30.43 22.36 10.05
CA LEU E 167 30.18 21.92 8.68
C LEU E 167 28.73 21.46 8.59
N THR E 168 27.89 22.25 7.91
CA THR E 168 26.49 21.93 7.75
C THR E 168 26.11 21.64 6.30
N ASN E 169 26.95 22.01 5.34
CA ASN E 169 26.60 21.96 3.93
C ASN E 169 27.54 20.98 3.23
N TRP E 170 26.98 20.01 2.54
CA TRP E 170 27.73 19.05 1.74
C TRP E 170 26.74 18.27 0.90
N ASN E 171 27.27 17.60 -0.13
CA ASN E 171 26.43 16.76 -0.98
C ASN E 171 25.84 15.63 -0.15
N LYS E 172 24.51 15.64 0.04
CA LYS E 172 23.91 14.69 0.97
C LYS E 172 23.75 13.30 0.37
N VAL E 173 23.58 13.20 -0.95
CA VAL E 173 23.54 11.90 -1.63
C VAL E 173 24.67 11.92 -2.64
N ALA E 174 25.70 11.11 -2.41
CA ALA E 174 26.82 11.02 -3.32
C ALA E 174 26.49 10.07 -4.45
N SER E 175 26.54 10.60 -5.66
CA SER E 175 26.38 9.77 -6.83
C SER E 175 27.74 9.17 -7.21
N CYS E 176 27.71 8.06 -7.91
CA CYS E 176 28.93 7.43 -8.34
C CYS E 176 29.20 7.83 -9.77
N SER E 177 30.10 7.14 -10.42
CA SER E 177 30.32 7.39 -11.81
C SER E 177 29.18 6.73 -12.55
N VAL E 178 28.79 7.28 -13.67
CA VAL E 178 27.70 6.73 -14.46
C VAL E 178 28.02 5.35 -15.02
N SER E 179 29.30 4.97 -15.04
CA SER E 179 29.68 3.66 -15.55
C SER E 179 29.00 2.52 -14.80
N SER E 180 28.72 2.71 -13.50
CA SER E 180 28.00 1.70 -12.72
C SER E 180 26.65 1.32 -13.32
N ARG E 181 26.05 2.20 -14.12
CA ARG E 181 24.73 1.94 -14.71
C ARG E 181 24.79 1.11 -15.98
N PHE E 182 25.98 0.72 -16.44
CA PHE E 182 26.09 -0.07 -17.65
C PHE E 182 26.66 -1.46 -17.36
N PRO E 183 26.18 -2.50 -18.04
CA PRO E 183 26.79 -3.82 -17.86
C PRO E 183 28.22 -3.81 -18.39
N TYR E 184 29.06 -4.63 -17.77
CA TYR E 184 30.42 -4.82 -18.27
C TYR E 184 30.39 -5.24 -19.73
N GLY E 185 31.25 -4.62 -20.54
CA GLY E 185 31.30 -4.88 -21.97
C GLY E 185 30.49 -3.95 -22.82
N THR E 186 29.51 -3.25 -22.25
CA THR E 186 28.74 -2.27 -23.00
C THR E 186 29.58 -1.02 -23.26
N THR E 187 29.58 -0.55 -24.51
CA THR E 187 30.35 0.63 -24.88
C THR E 187 29.65 1.90 -24.42
N LEU E 188 30.39 2.79 -23.77
CA LEU E 188 29.84 4.07 -23.36
C LEU E 188 29.93 5.07 -24.50
N THR E 189 28.82 5.80 -24.72
CA THR E 189 28.74 6.83 -25.74
C THR E 189 28.12 8.07 -25.10
N HIS E 190 28.21 9.18 -25.76
CA HIS E 190 27.60 10.34 -25.25
C HIS E 190 26.10 10.16 -25.19
N ASP E 191 25.56 9.41 -26.12
CA ASP E 191 24.11 9.25 -26.20
C ASP E 191 23.59 8.32 -25.11
N ASN E 192 24.28 7.18 -24.88
CA ASN E 192 23.80 6.30 -23.81
C ASN E 192 24.06 6.91 -22.44
N ILE E 193 25.17 7.64 -22.28
CA ILE E 193 25.43 8.34 -21.02
C ILE E 193 24.36 9.40 -20.79
N ALA E 194 24.16 10.29 -21.77
CA ALA E 194 23.14 11.33 -21.64
C ALA E 194 21.77 10.71 -21.39
N GLN E 195 21.49 9.56 -22.03
CA GLN E 195 20.22 8.89 -21.83
C GLN E 195 20.03 8.48 -20.37
N VAL E 196 21.04 7.82 -19.78
CA VAL E 196 20.96 7.40 -18.39
C VAL E 196 20.85 8.59 -17.45
N MET E 197 21.68 9.63 -17.68
CA MET E 197 21.73 10.74 -16.73
C MET E 197 20.45 11.57 -16.76
N ALA E 198 19.86 11.71 -17.95
CA ALA E 198 18.59 12.41 -18.09
C ALA E 198 17.48 11.66 -17.38
N ALA E 199 17.49 10.32 -17.48
CA ALA E 199 16.49 9.51 -16.79
C ALA E 199 16.60 9.68 -15.28
N GLU E 200 17.83 9.64 -14.75
CA GLU E 200 18.01 9.79 -13.31
C GLU E 200 17.63 11.19 -12.84
N LYS E 201 18.00 12.22 -13.60
CA LYS E 201 17.65 13.57 -13.18
C LYS E 201 16.14 13.77 -13.18
N TYR E 202 15.44 13.14 -14.11
CA TYR E 202 13.99 13.24 -14.14
C TYR E 202 13.38 12.57 -12.91
N LEU E 203 13.87 11.38 -12.56
CA LEU E 203 13.37 10.68 -11.39
C LEU E 203 13.66 11.47 -10.12
N ARG E 204 14.85 12.05 -10.01
CA ARG E 204 15.13 12.87 -8.84
C ARG E 204 14.23 14.09 -8.80
N SER E 205 13.84 14.60 -9.97
CA SER E 205 12.92 15.73 -10.04
C SER E 205 11.57 15.40 -9.42
N LEU E 206 11.17 14.13 -9.43
CA LEU E 206 9.91 13.73 -8.81
C LEU E 206 10.01 13.46 -7.32
N GLY E 207 11.18 13.61 -6.71
CA GLY E 207 11.28 13.48 -5.27
C GLY E 207 11.95 12.19 -4.83
N PHE E 208 12.81 11.65 -5.68
CA PHE E 208 13.56 10.43 -5.40
C PHE E 208 15.04 10.72 -5.57
N PRO E 209 15.71 11.23 -4.53
CA PRO E 209 17.10 11.66 -4.71
C PRO E 209 18.07 10.49 -4.86
N THR E 210 17.76 9.34 -4.29
CA THR E 210 18.57 8.13 -4.45
C THR E 210 17.91 7.22 -5.45
N VAL E 211 18.50 7.10 -6.64
CA VAL E 211 17.93 6.30 -7.71
C VAL E 211 19.05 5.89 -8.64
N ARG E 212 18.87 4.75 -9.31
CA ARG E 212 19.74 4.34 -10.39
C ARG E 212 18.88 3.89 -11.55
N VAL E 213 19.25 4.31 -12.74
CA VAL E 213 18.64 3.82 -13.96
C VAL E 213 19.69 2.97 -14.65
N ARG E 214 19.55 1.66 -14.50
CA ARG E 214 20.51 0.75 -15.10
C ARG E 214 20.09 0.47 -16.54
N PHE E 215 21.08 0.50 -17.42
CA PHE E 215 20.86 0.44 -18.86
C PHE E 215 21.04 -1.00 -19.31
N HIS E 216 20.02 -1.55 -19.97
CA HIS E 216 20.08 -2.89 -20.54
C HIS E 216 19.59 -2.82 -21.98
N ASN E 217 20.26 -1.99 -22.78
CA ASN E 217 19.90 -1.70 -24.17
C ASN E 217 18.50 -1.12 -24.22
N ASP E 218 17.53 -1.91 -24.69
CA ASP E 218 16.17 -1.40 -24.80
C ASP E 218 15.38 -1.48 -23.50
N ILE E 219 15.97 -2.01 -22.42
CA ILE E 219 15.34 -2.08 -21.11
C ILE E 219 16.05 -1.13 -20.16
N ALA E 220 15.28 -0.26 -19.51
CA ALA E 220 15.73 0.50 -18.35
C ALA E 220 15.26 -0.22 -17.09
N ARG E 221 16.18 -0.48 -16.17
CA ARG E 221 15.86 -1.12 -14.90
C ARG E 221 16.14 -0.13 -13.78
N ILE E 222 15.06 0.35 -13.15
CA ILE E 222 15.15 1.40 -12.15
C ILE E 222 15.33 0.79 -10.76
N GLU E 223 16.35 1.25 -10.05
CA GLU E 223 16.57 0.86 -8.67
C GLU E 223 16.16 2.01 -7.75
N LEU E 224 15.28 1.71 -6.82
CA LEU E 224 14.82 2.67 -5.82
C LEU E 224 15.02 2.06 -4.43
N PRO E 225 15.26 2.90 -3.43
CA PRO E 225 15.24 2.40 -2.05
C PRO E 225 13.87 1.78 -1.80
N GLU E 226 13.87 0.57 -1.24
CA GLU E 226 12.62 -0.16 -1.08
C GLU E 226 11.61 0.63 -0.27
N ALA E 227 12.07 1.47 0.66
CA ALA E 227 11.15 2.25 1.47
C ALA E 227 10.39 3.31 0.67
N ARG E 228 10.76 3.55 -0.58
CA ARG E 228 10.05 4.53 -1.41
C ARG E 228 9.21 3.93 -2.53
N ILE E 229 9.26 2.62 -2.75
CA ILE E 229 8.68 2.05 -3.97
C ILE E 229 7.16 2.19 -3.99
N GLY E 230 6.51 1.94 -2.86
CA GLY E 230 5.07 2.16 -2.79
C GLY E 230 4.68 3.57 -3.15
N ASP E 231 5.50 4.53 -2.72
CA ASP E 231 5.25 5.92 -3.05
C ASP E 231 5.46 6.20 -4.54
N PHE E 232 6.13 5.29 -5.25
CA PHE E 232 6.44 5.50 -6.67
C PHE E 232 5.24 5.25 -7.58
N LEU E 233 4.25 4.48 -7.12
CA LEU E 233 3.17 4.03 -8.00
C LEU E 233 2.50 5.19 -8.71
N VAL E 234 2.34 6.33 -8.03
CA VAL E 234 1.69 7.49 -8.62
C VAL E 234 2.44 8.04 -9.81
N PHE E 235 3.70 7.64 -10.01
CA PHE E 235 4.50 8.14 -11.13
C PHE E 235 4.71 7.10 -12.23
N ASN E 236 4.19 5.88 -12.07
CA ASN E 236 4.40 4.80 -13.02
C ASN E 236 4.27 5.23 -14.49
N ASP E 237 3.10 5.77 -14.83
CA ASP E 237 2.82 6.10 -16.23
C ASP E 237 3.72 7.23 -16.74
N ARG E 238 3.92 8.28 -15.94
CA ARG E 238 4.76 9.38 -16.38
C ARG E 238 6.21 8.94 -16.55
N VAL E 239 6.71 8.11 -15.64
CA VAL E 239 8.08 7.62 -15.76
C VAL E 239 8.22 6.72 -16.98
N ASN E 240 7.24 5.84 -17.19
CA ASN E 240 7.27 4.94 -18.34
C ASN E 240 7.35 5.71 -19.65
N ARG E 241 6.47 6.68 -19.84
CA ARG E 241 6.45 7.40 -21.11
C ARG E 241 7.63 8.34 -21.26
N GLN E 242 8.13 8.90 -20.15
CA GLN E 242 9.24 9.84 -20.27
C GLN E 242 10.52 9.10 -20.65
N LEU E 243 10.80 7.97 -20.00
CA LEU E 243 12.00 7.19 -20.32
C LEU E 243 11.88 6.50 -21.68
N GLN E 244 10.65 6.29 -22.16
CA GLN E 244 10.50 5.78 -23.52
C GLN E 244 10.88 6.84 -24.54
N SER E 245 10.52 8.11 -24.28
CA SER E 245 10.95 9.19 -25.17
C SER E 245 12.46 9.42 -25.08
N LEU E 246 13.09 9.00 -23.98
CA LEU E 246 14.53 9.03 -23.86
C LEU E 246 15.23 7.97 -24.70
N GLY E 247 14.47 6.99 -25.20
CA GLY E 247 15.01 5.95 -26.05
C GLY E 247 14.79 4.53 -25.56
N PHE E 248 14.39 4.32 -24.31
CA PHE E 248 14.13 2.97 -23.85
C PHE E 248 12.82 2.46 -24.44
N ARG E 249 12.77 1.15 -24.69
CA ARG E 249 11.54 0.54 -25.16
C ARG E 249 10.69 0.05 -24.00
N TYR E 250 11.33 -0.55 -23.00
CA TYR E 250 10.66 -1.03 -21.80
C TYR E 250 11.25 -0.31 -20.58
N VAL E 251 10.37 0.19 -19.72
CA VAL E 251 10.76 0.87 -18.50
C VAL E 251 10.30 0.02 -17.33
N THR E 252 11.25 -0.48 -16.55
CA THR E 252 10.97 -1.47 -15.52
C THR E 252 11.51 -1.02 -14.17
N LEU E 253 10.99 -1.66 -13.13
CA LEU E 253 11.41 -1.42 -11.75
C LEU E 253 11.96 -2.71 -11.17
N ASP E 254 13.16 -2.62 -10.59
CA ASP E 254 13.79 -3.79 -10.00
C ASP E 254 13.10 -4.11 -8.68
N LEU E 255 12.61 -5.34 -8.54
CA LEU E 255 11.90 -5.70 -7.32
C LEU E 255 12.84 -5.84 -6.12
N GLY E 256 14.13 -6.06 -6.35
CA GLY E 256 15.05 -6.08 -5.23
C GLY E 256 15.41 -4.70 -4.71
N GLY E 257 15.22 -3.67 -5.52
CA GLY E 257 15.51 -2.31 -5.13
C GLY E 257 17.00 -1.97 -5.19
N PHE E 258 17.29 -0.77 -4.68
CA PHE E 258 18.65 -0.26 -4.62
C PHE E 258 19.35 -0.91 -3.43
N ARG E 259 20.58 -1.39 -3.65
CA ARG E 259 21.32 -2.15 -2.64
C ARG E 259 20.52 -3.38 -2.21
N SER E 260 20.37 -4.30 -3.16
CA SER E 260 19.54 -5.49 -2.94
C SER E 260 20.18 -6.44 -1.94
N GLY E 261 19.37 -6.95 -1.00
CA GLY E 261 19.82 -7.92 -0.03
C GLY E 261 20.38 -7.34 1.24
N ARG E 262 20.68 -6.04 1.29
CA ARG E 262 21.30 -5.43 2.46
C ARG E 262 20.33 -5.19 3.61
N MET E 263 19.03 -5.19 3.34
CA MET E 263 18.03 -4.96 4.37
C MET E 263 17.26 -6.22 4.75
N ASN E 264 17.47 -7.33 4.05
CA ASN E 264 16.70 -8.54 4.29
C ASN E 264 16.98 -9.12 5.68
N ASP E 265 16.21 -10.16 6.02
CA ASP E 265 16.44 -10.87 7.28
C ASP E 265 17.73 -11.69 7.18
N THR E 266 18.01 -12.46 8.23
CA THR E 266 19.30 -13.15 8.31
C THR E 266 19.46 -14.18 7.21
N LEU E 267 18.47 -15.06 7.03
CA LEU E 267 18.65 -16.18 6.11
C LEU E 267 18.56 -15.75 4.66
N THR E 268 17.67 -14.81 4.33
CA THR E 268 17.50 -14.39 2.94
C THR E 268 18.53 -13.33 2.52
N LYS E 269 19.40 -12.89 3.42
CA LYS E 269 20.54 -12.09 3.00
C LYS E 269 21.69 -12.97 2.53
N ALA E 270 21.92 -14.10 3.19
CA ALA E 270 22.97 -15.03 2.79
C ALA E 270 22.60 -15.81 1.53
N GLN E 271 21.31 -15.87 1.19
CA GLN E 271 20.88 -16.54 -0.05
C GLN E 271 20.91 -15.57 -1.23
N LEU E 272 20.56 -14.31 -1.02
CA LEU E 272 20.80 -13.29 -2.03
C LEU E 272 22.28 -13.04 -2.23
N ALA E 273 23.12 -13.46 -1.27
CA ALA E 273 24.56 -13.35 -1.44
C ALA E 273 25.07 -14.36 -2.46
N THR E 274 24.60 -15.60 -2.39
CA THR E 274 25.00 -16.61 -3.37
C THR E 274 24.26 -16.47 -4.69
N PHE E 275 23.09 -15.80 -4.70
CA PHE E 275 22.47 -15.43 -5.96
C PHE E 275 23.35 -14.42 -6.71
N ALA E 276 23.78 -13.37 -6.01
CA ALA E 276 24.55 -12.31 -6.66
C ALA E 276 25.93 -12.80 -7.08
N ALA E 277 26.65 -13.47 -6.18
CA ALA E 277 27.98 -13.99 -6.49
C ALA E 277 27.96 -15.15 -7.50
N SER E 278 26.84 -15.41 -8.16
CA SER E 278 26.75 -16.41 -9.22
C SER E 278 27.06 -15.84 -10.60
N TRP E 279 27.26 -14.53 -10.70
CA TRP E 279 27.54 -13.88 -11.98
C TRP E 279 28.83 -13.08 -11.94
N ALA F 2 14.43 38.37 36.00
CA ALA F 2 13.78 37.69 34.88
C ALA F 2 14.58 37.86 33.59
N THR F 3 15.90 37.88 33.72
CA THR F 3 16.81 38.05 32.60
C THR F 3 17.69 36.82 32.47
N LEU F 4 18.01 36.44 31.23
CA LEU F 4 18.91 35.31 31.02
C LEU F 4 20.24 35.51 31.73
N ALA F 5 20.81 36.71 31.62
CA ALA F 5 22.08 36.99 32.26
C ALA F 5 22.01 36.76 33.77
N THR F 6 20.88 37.11 34.38
CA THR F 6 20.71 36.89 35.82
C THR F 6 20.57 35.41 36.13
N LYS F 7 19.91 34.65 35.26
CA LYS F 7 19.76 33.22 35.50
C LYS F 7 21.10 32.50 35.36
N LYS F 8 21.90 32.90 34.38
CA LYS F 8 23.25 32.32 34.24
C LYS F 8 24.10 32.66 35.45
N ALA F 9 24.00 33.88 35.92
CA ALA F 9 24.79 34.34 37.03
C ALA F 9 24.52 33.49 38.20
N THR F 10 23.27 33.13 38.39
CA THR F 10 22.93 32.27 39.49
C THR F 10 23.56 30.92 39.30
N LEU F 11 23.60 30.41 38.09
CA LEU F 11 24.20 29.14 37.83
C LEU F 11 25.69 29.09 38.12
N VAL F 12 26.48 30.08 37.69
CA VAL F 12 27.91 30.07 37.99
C VAL F 12 28.13 30.22 39.49
N ALA F 13 27.26 30.97 40.19
CA ALA F 13 27.41 31.12 41.63
C ALA F 13 27.19 29.81 42.36
N ALA F 14 26.15 29.05 41.98
CA ALA F 14 25.91 27.77 42.62
C ALA F 14 27.05 26.79 42.33
N LEU F 15 27.56 26.81 41.09
CA LEU F 15 28.69 25.95 40.76
C LEU F 15 29.95 26.38 41.50
N LYS F 16 30.22 27.70 41.52
CA LYS F 16 31.39 28.20 42.24
C LYS F 16 31.33 27.79 43.70
N ASP F 17 30.15 27.84 44.30
CA ASP F 17 30.00 27.46 45.71
C ASP F 17 30.18 25.96 45.89
N LEU F 18 29.75 25.16 44.93
CA LEU F 18 29.86 23.72 45.08
C LEU F 18 31.30 23.24 44.95
N GLN F 19 32.11 23.94 44.16
CA GLN F 19 33.55 23.72 44.01
C GLN F 19 33.87 22.44 43.23
N ARG F 20 33.36 21.29 43.67
CA ARG F 20 33.58 19.94 43.03
C ARG F 20 32.25 19.24 42.80
N VAL F 21 31.93 18.78 41.58
CA VAL F 21 30.63 18.18 41.29
C VAL F 21 30.79 16.90 40.46
N THR F 22 29.84 15.99 40.62
CA THR F 22 29.64 14.87 39.71
C THR F 22 28.30 15.06 39.00
N VAL F 23 28.30 14.95 37.68
CA VAL F 23 27.14 15.29 36.86
C VAL F 23 26.58 14.03 36.21
N ALA F 24 25.30 13.76 36.46
CA ALA F 24 24.57 12.72 35.74
C ALA F 24 24.31 13.20 34.32
N PHE F 25 25.00 12.58 33.35
CA PHE F 25 25.04 13.07 31.97
C PHE F 25 24.26 12.11 31.07
N SER F 26 23.16 12.61 30.50
CA SER F 26 22.35 11.84 29.56
C SER F 26 22.69 12.10 28.10
N GLY F 27 23.32 13.22 27.78
CA GLY F 27 23.56 13.62 26.42
C GLY F 27 22.54 14.59 25.86
N GLY F 28 21.46 14.85 26.58
CA GLY F 28 20.49 15.83 26.15
C GLY F 28 20.99 17.24 26.34
N ILE F 29 20.19 18.20 25.84
CA ILE F 29 20.57 19.61 25.92
C ILE F 29 20.75 20.03 27.38
N ASP F 30 19.92 19.52 28.29
CA ASP F 30 19.97 19.96 29.67
C ASP F 30 21.27 19.51 30.34
N SER F 31 21.59 18.21 30.28
CA SER F 31 22.81 17.73 30.89
C SER F 31 24.05 18.27 30.18
N THR F 32 23.98 18.47 28.86
CA THR F 32 25.09 19.07 28.13
C THR F 32 25.37 20.48 28.63
N LEU F 33 24.31 21.27 28.87
CA LEU F 33 24.50 22.63 29.34
C LEU F 33 25.07 22.65 30.76
N VAL F 34 24.59 21.76 31.63
CA VAL F 34 25.13 21.70 32.97
C VAL F 34 26.58 21.27 32.96
N LEU F 35 26.90 20.24 32.16
CA LEU F 35 28.27 19.76 32.07
C LEU F 35 29.19 20.84 31.52
N LYS F 36 28.71 21.61 30.55
CA LYS F 36 29.55 22.65 29.96
C LYS F 36 29.76 23.80 30.94
N MET F 37 28.72 24.17 31.69
CA MET F 37 28.86 25.24 32.67
C MET F 37 29.74 24.83 33.84
N ALA F 38 29.63 23.59 34.29
CA ALA F 38 30.50 23.10 35.35
C ALA F 38 31.96 23.09 34.91
N LEU F 39 32.22 22.64 33.68
CA LEU F 39 33.59 22.63 33.16
C LEU F 39 34.17 24.04 33.11
N ASP F 40 33.39 25.02 32.65
CA ASP F 40 33.90 26.38 32.52
C ASP F 40 34.16 27.00 33.90
N VAL F 41 33.27 26.75 34.86
CA VAL F 41 33.35 27.43 36.14
C VAL F 41 34.36 26.73 37.05
N LEU F 42 34.43 25.40 37.00
CA LEU F 42 35.20 24.64 37.96
C LEU F 42 36.47 24.00 37.41
N GLY F 43 36.61 23.89 36.10
CA GLY F 43 37.77 23.25 35.52
C GLY F 43 37.57 21.75 35.37
N ARG F 44 38.35 21.16 34.45
CA ARG F 44 38.14 19.76 34.09
C ARG F 44 38.33 18.83 35.28
N ASP F 45 39.27 19.13 36.16
CA ASP F 45 39.58 18.22 37.26
C ASP F 45 38.53 18.26 38.38
N ASN F 46 37.62 19.19 38.33
CA ASN F 46 36.63 19.26 39.38
C ASN F 46 35.27 18.74 38.99
N VAL F 47 35.19 18.18 37.78
CA VAL F 47 33.92 17.67 37.28
C VAL F 47 34.08 16.25 36.73
N THR F 48 33.19 15.37 37.16
CA THR F 48 33.19 13.98 36.73
C THR F 48 31.82 13.73 36.12
N ALA F 49 31.80 13.32 34.86
CA ALA F 49 30.55 13.00 34.19
C ALA F 49 30.31 11.49 34.30
N VAL F 50 29.12 11.12 34.77
CA VAL F 50 28.77 9.72 34.95
C VAL F 50 27.66 9.40 33.95
N VAL F 51 27.88 8.36 33.14
CA VAL F 51 26.89 7.85 32.20
C VAL F 51 26.47 6.46 32.68
N ALA F 52 25.17 6.24 32.79
CA ALA F 52 24.67 4.98 33.30
C ALA F 52 24.59 3.95 32.19
N ASN F 53 25.09 2.75 32.46
CA ASN F 53 24.99 1.62 31.56
C ASN F 53 24.11 0.57 32.23
N SER F 54 23.13 0.05 31.49
CA SER F 54 22.24 -0.94 32.10
C SER F 54 21.57 -1.74 30.99
N GLU F 55 20.84 -2.77 31.41
CA GLU F 55 20.14 -3.63 30.47
C GLU F 55 18.93 -2.95 29.85
N LEU F 56 18.44 -1.86 30.41
CA LEU F 56 17.23 -1.22 29.91
C LEU F 56 17.50 -0.14 28.88
N PHE F 57 18.76 0.09 28.52
CA PHE F 57 19.11 1.01 27.45
C PHE F 57 20.10 0.35 26.51
N THR F 58 20.07 0.77 25.25
CA THR F 58 20.91 0.19 24.23
C THR F 58 22.37 0.59 24.43
N ASP F 59 23.28 -0.31 24.01
CA ASP F 59 24.69 0.02 23.98
C ASP F 59 24.98 1.24 23.11
N GLU F 60 24.22 1.44 22.03
CA GLU F 60 24.46 2.60 21.17
C GLU F 60 24.21 3.89 21.93
N GLU F 61 23.15 3.93 22.73
CA GLU F 61 22.85 5.13 23.53
C GLU F 61 23.94 5.39 24.55
N PHE F 62 24.49 4.33 25.15
CA PHE F 62 25.55 4.50 26.14
C PHE F 62 26.82 5.02 25.48
N ASP F 63 27.22 4.41 24.36
CA ASP F 63 28.42 4.87 23.66
C ASP F 63 28.27 6.30 23.19
N LYS F 64 27.08 6.67 22.70
CA LYS F 64 26.86 8.03 22.22
C LYS F 64 27.04 9.06 23.33
N ALA F 65 26.50 8.78 24.52
CA ALA F 65 26.61 9.71 25.63
C ALA F 65 28.05 9.83 26.11
N MET F 66 28.78 8.71 26.13
CA MET F 66 30.18 8.75 26.54
C MET F 66 31.01 9.59 25.58
N SER F 67 30.80 9.42 24.28
CA SER F 67 31.57 10.19 23.31
C SER F 67 31.16 11.66 23.32
N LEU F 68 29.88 11.94 23.61
CA LEU F 68 29.44 13.33 23.68
C LEU F 68 30.08 14.03 24.87
N ALA F 69 30.15 13.35 26.02
CA ALA F 69 30.79 13.92 27.19
C ALA F 69 32.28 14.12 26.95
N GLU F 70 32.92 13.19 26.23
CA GLU F 70 34.31 13.38 25.85
C GLU F 70 34.47 14.58 24.94
N GLU F 71 33.50 14.81 24.05
CA GLU F 71 33.63 15.91 23.10
C GLU F 71 33.59 17.27 23.79
N LEU F 72 32.94 17.36 24.94
CA LEU F 72 32.95 18.60 25.70
C LEU F 72 34.22 18.79 26.52
N GLY F 73 35.13 17.82 26.51
CA GLY F 73 36.35 17.93 27.27
C GLY F 73 36.22 17.50 28.71
N ALA F 74 35.20 16.71 29.03
CA ALA F 74 35.00 16.26 30.40
C ALA F 74 35.61 14.89 30.61
N ASN F 75 36.09 14.65 31.82
CA ASN F 75 36.42 13.29 32.24
C ASN F 75 35.12 12.55 32.50
N VAL F 76 34.88 11.50 31.75
CA VAL F 76 33.62 10.77 31.83
C VAL F 76 33.92 9.36 32.30
N GLN F 77 33.02 8.81 33.12
CA GLN F 77 33.14 7.46 33.63
C GLN F 77 31.79 6.79 33.53
N GLY F 78 31.76 5.63 32.87
CA GLY F 78 30.56 4.83 32.84
C GLY F 78 30.41 4.01 34.10
N THR F 79 29.17 3.83 34.52
CA THR F 79 28.82 2.97 35.63
C THR F 79 27.64 2.11 35.20
N THR F 80 27.67 0.85 35.60
CA THR F 80 26.66 -0.12 35.19
C THR F 80 25.75 -0.43 36.38
N LEU F 81 24.45 -0.38 36.14
CA LEU F 81 23.45 -0.64 37.16
C LEU F 81 22.72 -1.93 36.84
N ASP F 82 22.52 -2.77 37.85
CA ASP F 82 21.78 -4.01 37.69
C ASP F 82 20.35 -3.74 38.14
N TYR F 83 19.59 -3.12 37.22
CA TYR F 83 18.22 -2.74 37.54
C TYR F 83 17.36 -3.97 37.81
N LEU F 84 17.63 -5.08 37.13
CA LEU F 84 16.82 -6.27 37.31
C LEU F 84 16.98 -6.87 38.71
N SER F 85 17.94 -6.40 39.50
CA SER F 85 18.08 -6.85 40.87
C SER F 85 17.00 -6.29 41.79
N ASP F 86 16.33 -5.21 41.39
CA ASP F 86 15.21 -4.67 42.15
C ASP F 86 13.92 -5.32 41.65
N ASP F 87 13.14 -5.89 42.58
CA ASP F 87 11.95 -6.62 42.20
C ASP F 87 10.92 -5.72 41.51
N HIS F 88 10.87 -4.43 41.87
CA HIS F 88 9.95 -3.52 41.21
C HIS F 88 10.27 -3.38 39.73
N ILE F 89 11.56 -3.30 39.38
CA ILE F 89 11.95 -3.21 37.97
C ILE F 89 11.75 -4.55 37.28
N LYS F 90 12.17 -5.65 37.93
CA LYS F 90 12.10 -6.96 37.31
C LYS F 90 10.67 -7.35 36.95
N ASN F 91 9.71 -7.05 37.82
CA ASN F 91 8.31 -7.39 37.57
C ASN F 91 7.51 -6.24 37.00
N ASN F 92 8.17 -5.19 36.54
CA ASN F 92 7.54 -4.08 35.82
C ASN F 92 6.25 -3.58 36.49
N THR F 93 6.39 -3.16 37.75
CA THR F 93 5.31 -2.45 38.40
C THR F 93 5.28 -1.00 37.92
N PRO F 94 4.16 -0.28 38.12
CA PRO F 94 4.09 1.10 37.64
C PRO F 94 5.09 2.06 38.29
N ASP F 95 5.62 1.72 39.46
CA ASP F 95 6.64 2.55 40.10
C ASP F 95 8.05 2.13 39.73
N SER F 96 8.21 1.31 38.68
CA SER F 96 9.54 0.87 38.27
C SER F 96 10.45 2.06 37.98
N TRP F 97 9.91 3.13 37.40
CA TRP F 97 10.71 4.31 37.10
C TRP F 97 11.36 4.88 38.35
N TYR F 98 10.62 4.91 39.46
CA TYR F 98 11.14 5.53 40.68
C TYR F 98 12.21 4.67 41.32
N TYR F 99 12.02 3.35 41.33
CA TYR F 99 13.03 2.47 41.89
C TYR F 99 14.26 2.37 40.99
N ALA F 100 14.08 2.52 39.68
CA ALA F 100 15.22 2.60 38.80
C ALA F 100 15.98 3.90 39.02
N LYS F 101 15.26 5.03 39.05
CA LYS F 101 15.91 6.31 39.28
C LYS F 101 16.53 6.38 40.67
N LYS F 102 15.86 5.79 41.67
CA LYS F 102 16.42 5.78 43.02
C LYS F 102 17.74 5.03 43.04
N MET F 103 17.78 3.85 42.41
CA MET F 103 19.02 3.07 42.38
C MET F 103 20.11 3.81 41.62
N PHE F 104 19.73 4.52 40.55
CA PHE F 104 20.68 5.34 39.81
C PHE F 104 21.25 6.46 40.68
N TYR F 105 20.37 7.22 41.34
CA TYR F 105 20.85 8.34 42.15
C TYR F 105 21.63 7.85 43.37
N SER F 106 21.31 6.67 43.89
CA SER F 106 22.09 6.12 44.99
C SER F 106 23.52 5.82 44.57
N ARG F 107 23.69 5.35 43.32
CA ARG F 107 25.03 5.04 42.84
C ARG F 107 25.81 6.30 42.53
N LEU F 108 25.11 7.35 42.08
CA LEU F 108 25.74 8.64 41.85
C LEU F 108 26.33 9.20 43.16
N ASN F 109 25.60 9.06 44.26
CA ASN F 109 26.11 9.54 45.54
C ASN F 109 27.34 8.75 45.97
N ASP F 110 27.36 7.45 45.69
CA ASP F 110 28.56 6.66 45.98
C ASP F 110 29.76 7.18 45.21
N ILE F 111 29.57 7.45 43.91
CA ILE F 111 30.67 7.98 43.10
C ILE F 111 31.11 9.34 43.62
N ALA F 112 30.14 10.20 43.97
CA ALA F 112 30.47 11.55 44.42
C ALA F 112 31.18 11.53 45.77
N ALA F 113 30.80 10.60 46.64
CA ALA F 113 31.47 10.47 47.93
C ALA F 113 32.92 10.05 47.77
N ASN F 114 33.18 9.19 46.84
CA ASN F 114 34.49 8.70 46.55
C ASN F 114 35.45 9.71 45.97
N ASN F 115 34.99 10.63 45.15
CA ASN F 115 35.83 11.62 44.50
C ASN F 115 35.78 12.99 45.18
N GLY F 116 35.05 13.10 46.30
CA GLY F 116 34.98 14.35 47.02
C GLY F 116 34.08 15.40 46.43
N SER F 117 33.16 15.03 45.56
CA SER F 117 32.23 16.02 45.02
C SER F 117 31.27 16.51 46.09
N ALA F 118 30.91 17.78 46.01
CA ALA F 118 30.01 18.38 46.98
C ALA F 118 28.55 18.12 46.67
N ALA F 119 28.22 17.74 45.44
CA ALA F 119 26.85 17.42 45.09
C ALA F 119 26.83 16.62 43.80
N VAL F 120 25.69 15.98 43.57
CA VAL F 120 25.37 15.35 42.28
C VAL F 120 24.46 16.31 41.54
N LEU F 121 24.73 16.52 40.25
CA LEU F 121 23.95 17.44 39.43
C LEU F 121 23.24 16.68 38.32
N ASP F 122 22.01 17.09 38.05
CA ASP F 122 21.14 16.53 37.02
C ASP F 122 20.73 17.60 36.02
N GLY F 123 19.94 17.20 35.01
CA GLY F 123 19.53 18.10 33.95
C GLY F 123 18.23 18.84 34.20
N MET F 124 17.47 18.42 35.21
CA MET F 124 16.12 18.95 35.40
C MET F 124 16.00 20.47 35.36
N ILE F 125 15.00 20.89 34.59
CA ILE F 125 14.70 22.26 34.30
C ILE F 125 13.46 22.73 35.00
N LYS F 126 13.23 24.04 34.99
CA LYS F 126 12.03 24.61 35.60
C LYS F 126 10.89 24.67 34.61
N LYS F 137 11.78 13.68 42.19
CA LYS F 137 11.17 12.53 42.84
C LYS F 137 12.18 11.83 43.75
N ALA F 138 12.85 10.81 43.21
CA ALA F 138 13.97 10.19 43.91
C ALA F 138 15.22 11.05 43.90
N ARG F 139 15.28 12.06 43.03
CA ARG F 139 16.35 13.05 43.14
C ARG F 139 16.32 13.77 44.48
N SER F 140 15.12 14.05 45.00
CA SER F 140 15.03 14.82 46.24
C SER F 140 15.50 14.01 47.44
N GLU F 141 15.20 12.71 47.45
CA GLU F 141 15.68 11.84 48.52
C GLU F 141 17.19 11.69 48.47
N ALA F 142 17.78 11.74 47.29
CA ALA F 142 19.22 11.54 47.10
C ALA F 142 20.03 12.83 47.23
N GLY F 143 19.36 13.98 47.30
CA GLY F 143 20.10 15.23 47.42
C GLY F 143 20.81 15.66 46.16
N ALA F 144 20.35 15.20 44.99
CA ALA F 144 20.91 15.67 43.75
C ALA F 144 20.34 17.06 43.41
N ARG F 145 21.16 17.90 42.80
CA ARG F 145 20.88 19.31 42.65
C ARG F 145 20.54 19.65 41.21
N SER F 146 19.39 20.30 41.01
CA SER F 146 18.96 20.78 39.71
C SER F 146 19.31 22.27 39.62
N LEU F 147 20.53 22.56 39.14
CA LEU F 147 21.00 23.94 39.11
C LEU F 147 20.26 24.76 38.06
N LEU F 148 19.92 24.14 36.92
CA LEU F 148 19.11 24.82 35.93
C LEU F 148 17.75 25.19 36.50
N GLN F 149 17.17 24.30 37.30
CA GLN F 149 15.86 24.56 37.89
C GLN F 149 15.95 25.55 39.06
N GLU F 150 17.06 25.54 39.80
CA GLU F 150 17.22 26.54 40.86
C GLU F 150 17.42 27.94 40.29
N ALA F 151 18.09 28.05 39.13
CA ALA F 151 18.25 29.34 38.47
C ALA F 151 17.06 29.70 37.61
N ASP F 152 15.95 28.98 37.73
CA ASP F 152 14.70 29.28 37.04
C ASP F 152 14.87 29.22 35.52
N PHE F 153 15.60 28.23 35.04
CA PHE F 153 15.76 28.04 33.61
C PHE F 153 14.53 27.38 33.03
N PHE F 154 13.98 27.98 31.98
CA PHE F 154 12.95 27.36 31.18
C PHE F 154 13.60 26.76 29.92
N LYS F 155 12.78 26.11 29.09
CA LYS F 155 13.32 25.50 27.88
C LYS F 155 13.97 26.54 26.97
N THR F 156 13.35 27.71 26.83
CA THR F 156 13.93 28.75 25.99
C THR F 156 15.20 29.33 26.61
N ASP F 157 15.28 29.34 27.93
CA ASP F 157 16.50 29.81 28.59
C ASP F 157 17.64 28.84 28.37
N VAL F 158 17.34 27.53 28.33
CA VAL F 158 18.38 26.55 28.09
C VAL F 158 18.87 26.64 26.65
N ARG F 159 17.94 26.85 25.70
CA ARG F 159 18.35 26.99 24.31
C ARG F 159 19.10 28.30 24.08
N ALA F 160 18.72 29.37 24.78
CA ALA F 160 19.39 30.65 24.61
C ALA F 160 20.83 30.58 25.10
N LEU F 161 21.06 29.93 26.25
CA LEU F 161 22.40 29.84 26.79
C LEU F 161 23.26 28.85 25.99
N ALA F 162 22.65 27.79 25.45
CA ALA F 162 23.40 26.88 24.61
C ALA F 162 23.88 27.56 23.35
N GLN F 163 23.01 28.35 22.72
CA GLN F 163 23.43 29.16 21.57
C GLN F 163 24.53 30.13 21.95
N GLU F 164 24.41 30.75 23.14
CA GLU F 164 25.44 31.69 23.59
C GLU F 164 26.79 31.02 23.73
N LEU F 165 26.81 29.78 24.22
CA LEU F 165 28.06 29.08 24.46
C LEU F 165 28.53 28.26 23.26
N GLY F 166 27.83 28.31 22.14
CA GLY F 166 28.23 27.54 20.99
C GLY F 166 27.87 26.08 21.06
N LEU F 167 27.06 25.66 22.01
CA LEU F 167 26.65 24.26 22.12
C LEU F 167 25.62 23.98 21.03
N THR F 168 26.01 23.22 20.02
CA THR F 168 25.13 22.86 18.93
C THR F 168 24.82 21.37 18.89
N ASN F 169 25.55 20.55 19.65
CA ASN F 169 25.49 19.10 19.55
C ASN F 169 24.95 18.55 20.86
N TRP F 170 23.89 17.75 20.77
CA TRP F 170 23.29 17.03 21.89
C TRP F 170 22.29 16.04 21.32
N ASN F 171 21.94 15.04 22.14
CA ASN F 171 20.94 14.06 21.75
C ASN F 171 19.59 14.74 21.59
N LYS F 172 19.08 14.79 20.36
CA LYS F 172 17.83 15.49 20.11
C LYS F 172 16.61 14.66 20.50
N VAL F 173 16.75 13.34 20.50
CA VAL F 173 15.68 12.43 20.89
C VAL F 173 16.16 11.62 22.09
N ALA F 174 15.55 11.86 23.25
CA ALA F 174 15.84 11.08 24.43
C ALA F 174 15.03 9.79 24.35
N SER F 175 15.71 8.65 24.43
CA SER F 175 15.01 7.38 24.41
C SER F 175 14.53 7.01 25.81
N CYS F 176 13.54 6.12 25.85
CA CYS F 176 12.97 5.71 27.12
C CYS F 176 13.62 4.42 27.59
N SER F 177 13.22 3.96 28.76
CA SER F 177 13.59 2.64 29.23
C SER F 177 12.85 1.59 28.43
N VAL F 178 13.52 0.48 28.12
CA VAL F 178 12.89 -0.62 27.41
C VAL F 178 11.70 -1.16 28.18
N SER F 179 11.59 -0.84 29.46
CA SER F 179 10.46 -1.27 30.27
C SER F 179 9.13 -0.82 29.66
N SER F 180 9.14 0.31 28.93
CA SER F 180 7.94 0.78 28.24
C SER F 180 7.36 -0.27 27.29
N ARG F 181 8.16 -1.20 26.79
CA ARG F 181 7.68 -2.22 25.86
C ARG F 181 7.07 -3.41 26.57
N PHE F 182 7.08 -3.45 27.91
CA PHE F 182 6.50 -4.59 28.57
C PHE F 182 5.27 -4.19 29.36
N PRO F 183 4.24 -5.02 29.38
CA PRO F 183 3.06 -4.72 30.19
C PRO F 183 3.40 -4.73 31.68
N TYR F 184 2.66 -3.92 32.43
CA TYR F 184 2.74 -3.96 33.87
C TYR F 184 2.46 -5.39 34.35
N GLY F 185 3.31 -5.88 35.26
CA GLY F 185 3.20 -7.22 35.76
C GLY F 185 4.03 -8.25 35.03
N THR F 186 4.45 -7.96 33.80
CA THR F 186 5.31 -8.88 33.06
C THR F 186 6.74 -8.84 33.62
N THR F 187 7.30 -10.02 33.84
CA THR F 187 8.66 -10.12 34.35
C THR F 187 9.67 -9.91 33.22
N LEU F 188 10.62 -9.00 33.43
CA LEU F 188 11.69 -8.77 32.47
C LEU F 188 12.85 -9.73 32.71
N THR F 189 13.40 -10.25 31.61
CA THR F 189 14.52 -11.17 31.62
C THR F 189 15.60 -10.66 30.68
N HIS F 190 16.81 -11.19 30.83
CA HIS F 190 17.89 -10.78 29.93
C HIS F 190 17.54 -11.10 28.48
N ASP F 191 16.79 -12.18 28.25
CA ASP F 191 16.52 -12.60 26.87
C ASP F 191 15.39 -11.81 26.22
N ASN F 192 14.29 -11.59 26.93
CA ASN F 192 13.19 -10.84 26.31
C ASN F 192 13.59 -9.38 26.10
N ILE F 193 14.40 -8.82 26.99
CA ILE F 193 14.95 -7.48 26.76
C ILE F 193 15.80 -7.48 25.50
N ALA F 194 16.75 -8.41 25.41
CA ALA F 194 17.57 -8.54 24.21
C ALA F 194 16.70 -8.77 22.98
N GLN F 195 15.63 -9.54 23.15
CA GLN F 195 14.68 -9.79 22.07
C GLN F 195 14.05 -8.49 21.58
N VAL F 196 13.52 -7.69 22.51
CA VAL F 196 12.88 -6.42 22.14
C VAL F 196 13.89 -5.49 21.47
N MET F 197 15.11 -5.40 22.01
CA MET F 197 16.07 -4.43 21.48
C MET F 197 16.56 -4.84 20.10
N ALA F 198 16.75 -6.14 19.87
CA ALA F 198 17.15 -6.60 18.54
C ALA F 198 16.05 -6.36 17.52
N ALA F 199 14.80 -6.58 17.93
CA ALA F 199 13.68 -6.33 17.03
C ALA F 199 13.60 -4.86 16.63
N GLU F 200 13.73 -3.95 17.60
CA GLU F 200 13.67 -2.53 17.28
C GLU F 200 14.87 -2.10 16.46
N LYS F 201 16.05 -2.67 16.75
CA LYS F 201 17.23 -2.33 15.97
C LYS F 201 17.07 -2.75 14.51
N TYR F 202 16.43 -3.89 14.28
CA TYR F 202 16.22 -4.33 12.91
C TYR F 202 15.24 -3.42 12.19
N LEU F 203 14.15 -3.04 12.85
CA LEU F 203 13.17 -2.14 12.24
C LEU F 203 13.76 -0.77 11.92
N ARG F 204 14.59 -0.22 12.81
CA ARG F 204 15.22 1.05 12.51
C ARG F 204 16.16 0.95 11.33
N SER F 205 16.81 -0.21 11.16
CA SER F 205 17.70 -0.42 10.02
C SER F 205 16.95 -0.37 8.69
N LEU F 206 15.65 -0.66 8.70
CA LEU F 206 14.86 -0.54 7.48
C LEU F 206 14.40 0.87 7.19
N GLY F 207 14.71 1.83 8.08
CA GLY F 207 14.40 3.22 7.81
C GLY F 207 13.23 3.75 8.61
N PHE F 208 12.98 3.16 9.78
CA PHE F 208 11.87 3.55 10.64
C PHE F 208 12.45 3.95 11.98
N PRO F 209 12.89 5.20 12.14
CA PRO F 209 13.62 5.57 13.36
C PRO F 209 12.72 5.64 14.57
N THR F 210 11.44 5.96 14.40
CA THR F 210 10.47 5.97 15.49
C THR F 210 9.65 4.69 15.39
N VAL F 211 9.92 3.76 16.31
CA VAL F 211 9.29 2.45 16.28
C VAL F 211 9.30 1.88 17.69
N ARG F 212 8.31 1.06 17.99
CA ARG F 212 8.28 0.24 19.20
C ARG F 212 7.86 -1.18 18.86
N VAL F 213 8.55 -2.15 19.45
CA VAL F 213 8.13 -3.55 19.45
C VAL F 213 7.67 -3.84 20.86
N ARG F 214 6.35 -3.86 21.07
CA ARG F 214 5.79 -4.12 22.38
C ARG F 214 5.68 -5.62 22.60
N PHE F 215 6.03 -6.04 23.82
CA PHE F 215 6.22 -7.45 24.12
C PHE F 215 4.96 -7.99 24.78
N HIS F 216 4.39 -9.05 24.19
CA HIS F 216 3.22 -9.73 24.74
C HIS F 216 3.45 -11.24 24.69
N ASN F 217 4.51 -11.67 25.37
CA ASN F 217 4.94 -13.06 25.41
C ASN F 217 5.28 -13.58 24.02
N ASP F 218 4.41 -14.41 23.45
CA ASP F 218 4.66 -14.98 22.13
C ASP F 218 4.22 -14.07 20.99
N ILE F 219 3.68 -12.90 21.27
CA ILE F 219 3.25 -11.94 20.27
C ILE F 219 4.13 -10.70 20.34
N ALA F 220 4.69 -10.31 19.20
CA ALA F 220 5.30 -9.00 19.04
C ALA F 220 4.29 -8.07 18.38
N ARG F 221 4.04 -6.92 19.00
CA ARG F 221 3.13 -5.92 18.45
C ARG F 221 3.92 -4.65 18.14
N ILE F 222 4.02 -4.34 16.86
CA ILE F 222 4.86 -3.24 16.39
C ILE F 222 4.01 -1.98 16.30
N GLU F 223 4.49 -0.91 16.94
CA GLU F 223 3.87 0.41 16.82
C GLU F 223 4.73 1.26 15.90
N LEU F 224 4.11 1.77 14.84
CA LEU F 224 4.74 2.66 13.88
C LEU F 224 3.87 3.88 13.71
N PRO F 225 4.46 5.04 13.40
CA PRO F 225 3.64 6.19 12.99
C PRO F 225 2.80 5.81 11.78
N GLU F 226 1.51 6.12 11.87
CA GLU F 226 0.56 5.69 10.85
C GLU F 226 0.94 6.15 9.45
N ALA F 227 1.57 7.32 9.33
CA ALA F 227 1.95 7.85 8.03
C ALA F 227 3.05 7.04 7.35
N ARG F 228 3.70 6.12 8.07
CA ARG F 228 4.74 5.28 7.49
C ARG F 228 4.26 3.86 7.23
N ILE F 229 3.05 3.51 7.66
CA ILE F 229 2.58 2.13 7.55
C ILE F 229 2.44 1.72 6.08
N GLY F 230 2.00 2.64 5.22
CA GLY F 230 1.91 2.34 3.80
C GLY F 230 3.22 1.89 3.21
N ASP F 231 4.31 2.59 3.56
CA ASP F 231 5.60 2.25 3.00
C ASP F 231 6.18 0.99 3.64
N PHE F 232 5.64 0.60 4.80
CA PHE F 232 6.13 -0.55 5.55
C PHE F 232 5.79 -1.87 4.88
N LEU F 233 4.74 -1.89 4.04
CA LEU F 233 4.23 -3.14 3.49
C LEU F 233 5.30 -3.97 2.81
N VAL F 234 6.24 -3.31 2.12
CA VAL F 234 7.28 -4.04 1.38
C VAL F 234 8.18 -4.87 2.29
N PHE F 235 8.14 -4.62 3.59
CA PHE F 235 9.01 -5.34 4.53
C PHE F 235 8.26 -6.36 5.38
N ASN F 236 6.93 -6.49 5.22
CA ASN F 236 6.12 -7.38 6.03
C ASN F 236 6.74 -8.76 6.23
N ASP F 237 7.02 -9.46 5.12
CA ASP F 237 7.51 -10.83 5.23
C ASP F 237 8.87 -10.87 5.89
N ARG F 238 9.77 -9.96 5.52
CA ARG F 238 11.10 -9.94 6.12
C ARG F 238 11.04 -9.61 7.61
N VAL F 239 10.15 -8.70 8.00
CA VAL F 239 9.97 -8.38 9.42
C VAL F 239 9.35 -9.55 10.16
N ASN F 240 8.38 -10.22 9.54
CA ASN F 240 7.73 -11.36 10.17
C ASN F 240 8.73 -12.46 10.50
N ARG F 241 9.53 -12.86 9.52
CA ARG F 241 10.45 -13.97 9.74
C ARG F 241 11.63 -13.59 10.61
N GLN F 242 12.08 -12.33 10.55
CA GLN F 242 13.23 -11.92 11.35
C GLN F 242 12.86 -11.85 12.83
N LEU F 243 11.70 -11.28 13.16
CA LEU F 243 11.28 -11.23 14.56
C LEU F 243 10.87 -12.59 15.09
N GLN F 244 10.48 -13.52 14.21
CA GLN F 244 10.22 -14.88 14.67
C GLN F 244 11.53 -15.59 15.01
N SER F 245 12.59 -15.35 14.21
CA SER F 245 13.89 -15.90 14.53
C SER F 245 14.49 -15.28 15.80
N LEU F 246 14.02 -14.10 16.18
CA LEU F 246 14.37 -13.53 17.48
C LEU F 246 13.64 -14.20 18.64
N GLY F 247 12.63 -15.02 18.38
CA GLY F 247 11.93 -15.75 19.43
C GLY F 247 10.43 -15.51 19.49
N PHE F 248 9.89 -14.53 18.78
CA PHE F 248 8.45 -14.34 18.76
C PHE F 248 7.78 -15.40 17.91
N ARG F 249 6.56 -15.78 18.30
CA ARG F 249 5.79 -16.71 17.50
C ARG F 249 4.91 -15.99 16.49
N TYR F 250 4.30 -14.88 16.92
CA TYR F 250 3.44 -14.07 16.07
C TYR F 250 4.00 -12.66 16.01
N VAL F 251 4.11 -12.12 14.81
CA VAL F 251 4.60 -10.76 14.60
C VAL F 251 3.46 -9.95 14.01
N THR F 252 3.02 -8.93 14.76
CA THR F 252 1.82 -8.20 14.41
C THR F 252 2.12 -6.71 14.34
N LEU F 253 1.23 -6.00 13.67
CA LEU F 253 1.31 -4.55 13.52
C LEU F 253 0.09 -3.94 14.18
N ASP F 254 0.32 -2.98 15.07
CA ASP F 254 -0.79 -2.35 15.78
C ASP F 254 -1.52 -1.41 14.84
N LEU F 255 -2.82 -1.62 14.67
CA LEU F 255 -3.60 -0.78 13.76
C LEU F 255 -3.77 0.63 14.30
N GLY F 256 -3.56 0.82 15.61
CA GLY F 256 -3.63 2.14 16.22
C GLY F 256 -2.43 3.02 15.93
N GLY F 257 -1.33 2.43 15.47
CA GLY F 257 -0.14 3.22 15.22
C GLY F 257 0.69 3.45 16.47
N PHE F 258 1.66 4.36 16.33
CA PHE F 258 2.61 4.66 17.39
C PHE F 258 1.96 5.49 18.48
N ARG F 259 2.15 5.06 19.73
CA ARG F 259 1.54 5.68 20.92
C ARG F 259 0.02 5.80 20.77
N SER F 260 -0.59 4.69 20.35
CA SER F 260 -2.03 4.64 20.09
C SER F 260 -2.85 4.94 21.34
O3P NMN G . -9.18 -22.85 9.33
P NMN G . -8.44 -22.08 10.41
O1P NMN G . -9.37 -21.03 11.00
O2P NMN G . -7.25 -21.39 9.79
O5R NMN G . -7.94 -23.10 11.62
C5R NMN G . -7.89 -24.51 11.41
C4R NMN G . -8.10 -25.17 12.60
O4R NMN G . -9.20 -26.18 12.45
C3R NMN G . -6.82 -26.02 13.06
O3R NMN G . -6.36 -25.57 14.41
C2R NMN G . -7.20 -27.20 13.11
O2R NMN G . -6.61 -27.87 14.29
C1R NMN G . -8.85 -27.15 13.24
N1 NMN G . -9.49 -28.40 12.83
C2 NMN G . -8.91 -29.59 13.10
C3 NMN G . -9.54 -30.76 12.71
C7 NMN G . -8.89 -32.12 13.01
O7 NMN G . -9.28 -33.12 12.43
N7 NMN G . -7.82 -32.23 13.96
C4 NMN G . -10.74 -30.71 12.07
C5 NMN G . -11.31 -29.52 11.82
C6 NMN G . -10.69 -28.36 12.21
MN MN H . -5.79 -3.56 -4.30
O3P NMN I . -26.51 6.00 -6.64
P NMN I . -26.19 7.45 -6.35
O1P NMN I . -25.58 8.06 -7.60
O2P NMN I . -25.21 7.56 -5.21
O5R NMN I . -27.57 8.24 -5.93
C5R NMN I . -28.82 7.56 -5.92
C4R NMN I . -29.80 8.46 -6.19
O4R NMN I . -31.08 7.80 -6.62
C3R NMN I . -30.19 9.29 -4.87
O3R NMN I . -30.21 10.74 -5.23
C2R NMN I . -31.34 8.92 -4.59
O2R NMN I . -32.06 10.01 -3.92
C1R NMN I . -31.97 8.58 -6.09
N1 NMN I . -33.29 7.93 -6.12
C2 NMN I . -34.29 8.32 -5.30
C3 NMN I . -35.52 7.70 -5.37
C7 NMN I . -36.67 8.12 -4.43
O7 NMN I . -37.65 7.40 -4.30
N7 NMN I . -36.59 9.35 -3.70
C4 NMN I . -35.73 6.71 -6.28
C5 NMN I . -34.74 6.33 -7.11
C6 NMN I . -33.52 6.95 -7.03
O3P NMN J . 0.68 -12.92 -23.63
P NMN J . -0.03 -12.22 -24.78
O1P NMN J . -1.52 -12.52 -24.68
O2P NMN J . 0.20 -10.74 -24.66
O5R NMN J . 0.57 -12.78 -26.20
C5R NMN J . -0.08 -12.53 -27.45
C4R NMN J . 0.46 -13.40 -28.37
O4R NMN J . -0.34 -14.68 -28.39
C3R NMN J . 0.41 -12.84 -29.86
O3R NMN J . 1.79 -12.88 -30.44
C2R NMN J . -0.34 -13.60 -30.51
O2R NMN J . 0.27 -13.90 -31.82
C1R NMN J . -0.51 -15.00 -29.64
N1 NMN J . -1.82 -15.60 -29.79
C2 NMN J . -2.10 -16.42 -30.82
C3 NMN J . -3.36 -16.98 -30.94
C7 NMN J . -3.70 -17.90 -32.11
O7 NMN J . -4.43 -18.86 -31.94
N7 NMN J . -3.16 -17.64 -33.43
C4 NMN J . -4.32 -16.71 -30.02
C5 NMN J . -4.03 -15.89 -28.97
C6 NMN J . -2.79 -15.34 -28.86
O3P NMN K . -0.48 28.40 -1.79
P NMN K . 0.65 28.43 -2.82
O1P NMN K . 1.97 28.29 -2.10
O2P NMN K . 0.48 27.28 -3.79
O5R NMN K . 0.60 29.84 -3.67
C5R NMN K . 1.68 30.76 -3.58
C4R NMN K . 1.16 32.01 -3.42
O4R NMN K . 2.17 33.02 -2.98
C3R NMN K . 0.69 32.62 -4.82
O3R NMN K . -0.68 32.16 -5.16
C2R NMN K . 0.71 33.86 -4.64
O2R NMN K . -0.67 34.37 -4.52
C1R NMN K . 1.55 34.14 -3.24
N1 NMN K . 2.46 35.28 -3.37
C2 NMN K . 2.39 36.05 -4.47
C3 NMN K . 3.23 37.14 -4.61
C7 NMN K . 3.16 38.01 -5.87
O7 NMN K . 4.05 38.79 -6.13
N7 NMN K . 2.02 37.89 -6.75
C4 NMN K . 4.11 37.43 -3.62
C5 NMN K . 4.17 36.66 -2.51
C6 NMN K . 3.34 35.58 -2.39
MN MN L . 5.41 6.63 1.58
O3P NMN M . 25.26 0.99 -7.12
P NMN M . 26.32 1.90 -7.67
O1P NMN M . 25.80 2.60 -8.93
O2P NMN M . 26.66 2.93 -6.62
O5R NMN M . 27.64 0.98 -8.07
C5R NMN M . 28.90 1.19 -7.44
C4R NMN M . 29.85 0.69 -8.29
O4R NMN M . 31.13 1.46 -8.22
C3R NMN M . 30.31 -0.77 -7.85
O3R NMN M . 29.29 -1.79 -8.24
C2R NMN M . 31.35 -0.91 -8.52
O2R NMN M . 30.98 -1.41 -9.87
C1R NMN M . 32.02 0.61 -8.65
N1 NMN M . 33.25 0.74 -7.88
C2 NMN M . 33.98 -0.34 -7.54
C3 NMN M . 35.15 -0.19 -6.82
C7 NMN M . 35.99 -1.40 -6.43
O7 NMN M . 35.52 -2.52 -6.46
N7 NMN M . 37.37 -1.23 -6.03
C4 NMN M . 35.55 1.05 -6.44
C5 NMN M . 34.81 2.13 -6.78
C6 NMN M . 33.66 1.98 -7.50
O3P NMN N . 7.31 3.43 24.78
P NMN N . 7.00 4.87 25.17
O1P NMN N . 7.88 5.79 24.34
O2P NMN N . 5.54 5.15 24.88
O5R NMN N . 7.31 5.10 26.79
C5R NMN N . 6.38 5.78 27.63
C4R NMN N . 6.42 5.24 28.89
O4R NMN N . 7.61 5.73 29.67
C3R NMN N . 5.15 5.67 29.77
O3R NMN N . 4.39 4.46 30.19
C2R NMN N . 5.61 6.25 30.77
O2R NMN N . 4.82 5.86 31.97
C1R NMN N . 7.18 5.72 30.90
N1 NMN N . 8.01 6.58 31.75
C2 NMN N . 7.48 7.18 32.84
C3 NMN N . 8.27 7.98 33.64
C7 NMN N . 7.68 8.67 34.88
O7 NMN N . 8.13 9.74 35.25
N7 NMN N . 6.61 8.05 35.61
C4 NMN N . 9.58 8.15 33.33
C5 NMN N . 10.10 7.55 32.25
C6 NMN N . 9.32 6.75 31.46
#